data_7PVN
#
_entry.id   7PVN
#
_cell.length_a   123.949
_cell.length_b   113.748
_cell.length_c   183.537
_cell.angle_alpha   90.000
_cell.angle_beta   96.493
_cell.angle_gamma   90.000
#
_symmetry.space_group_name_H-M   'C 1 2 1'
#
loop_
_entity.id
_entity.type
_entity.pdbx_description
1 polymer 'Ubiquitin-like modifier-activating enzyme 6'
2 non-polymer "ADENOSINE-5'-TRIPHOSPHATE"
3 non-polymer GLYCEROL
4 non-polymer 'MAGNESIUM ION'
5 non-polymer 'CALCIUM ION'
6 non-polymer 'CHLORIDE ION'
7 water water
#
_entity_poly.entity_id   1
_entity_poly.type   'polypeptide(L)'
_entity_poly.pdbx_seq_one_letter_code
;MEGSEPVAAHQGEEASCSSWGTGSTNKNLPIMSTASVEIDDALYSRQRYVLGDTAMQKMAKSHVFLSGMGGLGLEIAKNL
VLAGIKAVTIHDTEKCQAWDLGTNFFLSEDDVVNKRNRAEAVLKHIAELNPYVHVTSSSVPFNETTDLSFLDKYQCVVLT
EMKLPLQKKINDFCRSQ(CAS)PPIKFISADVHGIWSRLFCDFGDEFEVLDTTGEEPKEIFISNITQANPGIVTCLENHP
HKLETGQFLTFREINGMTGLNGSIQQITVISPFSFSIGDTTELEPYLHGGIAVQVKTPKTVFFESLERQLKHPK(CAS)L
IVDFSNPEAPLEIHTAMLALDQFQEKYSRKPNVG(CAS)QQDSEELLKLATSISETLEEKPDVNADIVHWLSWTAQGFLS
PLAAAVGGVASQEVLKAVTGKFSPL(CAS)QWLYLEAADIVESLGKPE(CAS)EEFLPRGDRYDALRACIGDTLCQKLQN
LNIFLVGCGAIGCEMLKNFALLGVGTSKEKGMITVTDPDLIEKSNLNRQFLFRPHHIQKPKSYTAADATLKINSQIKIDA
HLNKVCPTTETIYNDEFYTKQDVIITALDNVEARRYVDSRCLANLRPLLDSGTMGTKGHTEVIVPHLTESYNSHRDPPEE
EIPFATLKSFPAAIEHTIQWARDKFESSFSHKPSLFNKFWQTYSSAEEVLQKIQSGHSLEG(CAS)FQVIKLLSRRPRNW
SQCVELARLKFEKYFNHKALQLLH(CAS)FPLDIRLKDGSLFWQSPKRPPSPIKFDLNEPLHLSFLQNAAKLYATVY
(CAS)IPFAEEDLSADALLNILSEVKIQEFKPSNKVVQTDETARKPDHVPISSEDERNAIFQLEKAILSNEATKSDLQMA
VLSFEKDDDHNGHIDFITAASNLRAKMYSIEPADRFKTKRIAGKIIPAIATTTATVSGLVALEMIKVTGGYPFEAYKNCF
LNLAIPIVVFTETTEVRKTKIRNGISFTIWDRWTVHGKEDFTLLDFINAVKEKYGIEPTMVVQGVKMLYVPVMPGHAKRL
KLTMHKLVKPTTEKKYVDLTVSFAPDIDGDEDLPGPPVRYYFSHDTD
;
_entity_poly.pdbx_strand_id   A,B
#
# COMPACT_ATOMS: atom_id res chain seq x y z
N ALA A 35 39.69 -29.93 -3.69
CA ALA A 35 38.52 -29.07 -3.83
C ALA A 35 38.86 -27.77 -4.54
N SER A 36 39.98 -27.77 -5.25
CA SER A 36 40.43 -26.61 -6.03
C SER A 36 40.25 -26.84 -7.53
N VAL A 37 39.56 -27.92 -7.92
CA VAL A 37 39.36 -28.20 -9.34
C VAL A 37 38.53 -27.08 -9.99
N GLU A 38 38.80 -26.84 -11.27
CA GLU A 38 38.11 -25.82 -12.04
C GLU A 38 36.88 -26.44 -12.71
N ILE A 39 35.69 -26.03 -12.27
CA ILE A 39 34.46 -26.55 -12.86
C ILE A 39 34.29 -25.93 -14.24
N ASP A 40 33.89 -26.76 -15.20
CA ASP A 40 33.74 -26.32 -16.59
C ASP A 40 32.38 -25.65 -16.73
N ASP A 41 32.38 -24.31 -16.71
CA ASP A 41 31.12 -23.58 -16.86
C ASP A 41 30.51 -23.81 -18.22
N ALA A 42 31.34 -24.06 -19.24
CA ALA A 42 30.79 -24.30 -20.58
C ALA A 42 29.83 -25.47 -20.59
N LEU A 43 30.13 -26.53 -19.84
CA LEU A 43 29.27 -27.70 -19.82
C LEU A 43 28.20 -27.61 -18.72
N TYR A 44 28.56 -27.15 -17.53
CA TYR A 44 27.69 -27.15 -16.36
C TYR A 44 27.12 -25.77 -16.02
N SER A 45 27.00 -24.86 -16.99
CA SER A 45 26.63 -23.48 -16.66
C SER A 45 25.31 -23.40 -15.90
N ARG A 46 24.25 -24.02 -16.42
CA ARG A 46 22.94 -23.93 -15.79
C ARG A 46 22.89 -24.74 -14.49
N GLN A 47 23.55 -25.90 -14.49
CA GLN A 47 23.59 -26.74 -13.29
C GLN A 47 24.28 -26.02 -12.14
N ARG A 48 25.29 -25.21 -12.43
CA ARG A 48 25.97 -24.45 -11.41
C ARG A 48 25.04 -23.45 -10.75
N TYR A 49 24.12 -22.86 -11.52
CA TYR A 49 23.12 -22.00 -10.90
C TYR A 49 22.18 -22.79 -10.01
N VAL A 50 21.88 -24.03 -10.36
CA VAL A 50 21.00 -24.81 -9.49
C VAL A 50 21.72 -25.23 -8.20
N LEU A 51 22.89 -25.86 -8.32
CA LEU A 51 23.52 -26.54 -7.18
C LEU A 51 24.59 -25.72 -6.46
N GLY A 52 25.34 -24.88 -7.16
CA GLY A 52 26.43 -24.14 -6.55
C GLY A 52 27.77 -24.84 -6.74
N ASP A 53 28.84 -24.03 -6.75
CA ASP A 53 30.17 -24.57 -7.02
C ASP A 53 30.62 -25.52 -5.91
N THR A 54 30.34 -25.20 -4.65
CA THR A 54 30.78 -26.06 -3.55
C THR A 54 30.16 -27.46 -3.63
N ALA A 55 28.86 -27.50 -3.90
CA ALA A 55 28.18 -28.79 -4.03
C ALA A 55 28.78 -29.60 -5.17
N MET A 56 28.97 -28.98 -6.32
CA MET A 56 29.56 -29.66 -7.46
C MET A 56 30.96 -30.16 -7.13
N GLN A 57 31.71 -29.39 -6.35
CA GLN A 57 33.04 -29.84 -5.96
C GLN A 57 32.97 -31.09 -5.10
N LYS A 58 31.95 -31.18 -4.24
CA LYS A 58 31.74 -32.41 -3.47
C LYS A 58 31.34 -33.58 -4.38
N MET A 59 30.52 -33.32 -5.40
CA MET A 59 30.17 -34.38 -6.36
C MET A 59 31.40 -34.86 -7.10
N ALA A 60 32.33 -33.94 -7.41
CA ALA A 60 33.56 -34.32 -8.10
C ALA A 60 34.41 -35.30 -7.29
N LYS A 61 34.13 -35.49 -6.00
CA LYS A 61 34.86 -36.48 -5.20
C LYS A 61 34.05 -37.75 -4.92
N SER A 62 32.82 -37.86 -5.44
CA SER A 62 31.88 -38.90 -5.02
C SER A 62 31.88 -40.11 -5.94
N HIS A 63 31.84 -41.29 -5.35
CA HIS A 63 31.70 -42.54 -6.08
C HIS A 63 30.38 -43.17 -5.65
N VAL A 64 29.56 -43.58 -6.62
CA VAL A 64 28.21 -44.06 -6.35
C VAL A 64 28.09 -45.45 -6.94
N PHE A 65 27.41 -46.34 -6.23
CA PHE A 65 27.20 -47.72 -6.68
C PHE A 65 25.73 -47.88 -7.01
N LEU A 66 25.43 -48.37 -8.22
CA LEU A 66 24.05 -48.56 -8.66
C LEU A 66 23.83 -50.01 -9.07
N SER A 67 22.82 -50.64 -8.47
CA SER A 67 22.51 -52.04 -8.73
C SER A 67 21.22 -52.14 -9.52
N GLY A 68 21.22 -53.01 -10.52
CA GLY A 68 20.07 -53.22 -11.37
C GLY A 68 20.02 -52.24 -12.51
N MET A 69 20.09 -52.76 -13.73
CA MET A 69 20.13 -51.93 -14.93
C MET A 69 18.87 -52.12 -15.77
N GLY A 70 17.71 -51.99 -15.13
CA GLY A 70 16.46 -51.90 -15.83
C GLY A 70 16.29 -50.48 -16.33
N GLY A 71 15.05 -50.15 -16.69
CA GLY A 71 14.78 -48.79 -17.11
C GLY A 71 15.05 -47.79 -16.01
N LEU A 72 14.66 -48.13 -14.77
CA LEU A 72 14.86 -47.21 -13.65
C LEU A 72 16.34 -46.99 -13.38
N GLY A 73 17.11 -48.07 -13.32
CA GLY A 73 18.54 -47.95 -13.07
C GLY A 73 19.27 -47.21 -14.16
N LEU A 74 18.89 -47.44 -15.41
CA LEU A 74 19.52 -46.73 -16.52
C LEU A 74 19.17 -45.25 -16.50
N GLU A 75 17.92 -44.91 -16.17
CA GLU A 75 17.53 -43.51 -16.04
C GLU A 75 18.33 -42.82 -14.94
N ILE A 76 18.46 -43.48 -13.79
CA ILE A 76 19.24 -42.92 -12.68
C ILE A 76 20.69 -42.74 -13.08
N ALA A 77 21.29 -43.76 -13.69
CA ALA A 77 22.70 -43.66 -14.10
C ALA A 77 22.89 -42.53 -15.10
N LYS A 78 21.94 -42.38 -16.02
CA LYS A 78 22.01 -41.30 -17.00
C LYS A 78 22.02 -39.94 -16.31
N ASN A 79 21.09 -39.72 -15.40
CA ASN A 79 21.02 -38.43 -14.71
C ASN A 79 22.29 -38.18 -13.88
N LEU A 80 22.77 -39.20 -13.18
CA LEU A 80 23.93 -38.99 -12.34
C LEU A 80 25.19 -38.74 -13.16
N VAL A 81 25.36 -39.46 -14.28
CA VAL A 81 26.54 -39.24 -15.09
C VAL A 81 26.52 -37.86 -15.72
N LEU A 82 25.36 -37.42 -16.21
CA LEU A 82 25.26 -36.06 -16.71
C LEU A 82 25.56 -35.03 -15.63
N ALA A 83 25.14 -35.30 -14.39
CA ALA A 83 25.37 -34.35 -13.31
C ALA A 83 26.85 -34.10 -13.07
N GLY A 84 27.68 -35.12 -13.25
CA GLY A 84 29.10 -35.01 -13.02
C GLY A 84 29.65 -35.78 -11.83
N ILE A 85 28.89 -36.72 -11.27
CA ILE A 85 29.42 -37.60 -10.23
C ILE A 85 30.72 -38.21 -10.72
N LYS A 86 31.76 -38.18 -9.87
CA LYS A 86 33.09 -38.57 -10.30
C LYS A 86 33.11 -39.96 -10.92
N ALA A 87 32.56 -40.94 -10.19
CA ALA A 87 32.58 -42.33 -10.64
C ALA A 87 31.24 -43.00 -10.37
N VAL A 88 30.74 -43.74 -11.34
CA VAL A 88 29.51 -44.50 -11.20
C VAL A 88 29.80 -45.95 -11.53
N THR A 89 29.51 -46.84 -10.58
CA THR A 89 29.64 -48.28 -10.79
C THR A 89 28.27 -48.86 -11.13
N ILE A 90 28.20 -49.56 -12.25
CA ILE A 90 26.96 -50.05 -12.82
C ILE A 90 26.98 -51.56 -12.72
N HIS A 91 26.03 -52.12 -11.96
CA HIS A 91 26.06 -53.54 -11.60
C HIS A 91 24.77 -54.22 -12.04
N ASP A 92 24.90 -55.38 -12.68
CA ASP A 92 23.77 -56.23 -13.04
C ASP A 92 24.26 -57.66 -13.22
N THR A 93 23.44 -58.63 -12.80
CA THR A 93 23.76 -60.05 -12.98
C THR A 93 23.04 -60.69 -14.15
N GLU A 94 22.02 -60.05 -14.69
CA GLU A 94 21.15 -60.64 -15.70
C GLU A 94 21.62 -60.32 -17.10
N LYS A 95 21.19 -61.15 -18.05
CA LYS A 95 21.60 -61.02 -19.44
C LYS A 95 20.46 -60.45 -20.28
N CYS A 96 20.82 -59.88 -21.43
CA CYS A 96 19.85 -59.17 -22.25
C CYS A 96 18.77 -60.10 -22.79
N GLN A 97 17.55 -59.57 -22.84
CA GLN A 97 16.40 -60.28 -23.39
C GLN A 97 15.58 -59.29 -24.22
N ALA A 98 14.61 -59.82 -24.96
CA ALA A 98 13.76 -58.98 -25.80
C ALA A 98 12.91 -58.04 -24.96
N TRP A 99 12.43 -58.51 -23.81
CA TRP A 99 11.62 -57.67 -22.95
C TRP A 99 12.38 -56.40 -22.55
N ASP A 100 13.69 -56.53 -22.30
CA ASP A 100 14.50 -55.37 -21.93
C ASP A 100 14.50 -54.30 -23.02
N LEU A 101 14.38 -54.70 -24.29
CA LEU A 101 14.46 -53.71 -25.37
C LEU A 101 13.38 -52.66 -25.24
N GLY A 102 12.24 -53.00 -24.64
CA GLY A 102 11.18 -52.03 -24.43
C GLY A 102 11.46 -51.01 -23.35
N THR A 103 12.15 -51.42 -22.28
CA THR A 103 12.40 -50.55 -21.14
C THR A 103 13.77 -49.85 -21.16
N ASN A 104 14.70 -50.30 -22.00
CA ASN A 104 16.07 -49.80 -22.02
C ASN A 104 16.31 -49.05 -23.33
N PHE A 105 16.74 -47.78 -23.23
CA PHE A 105 16.88 -46.96 -24.44
C PHE A 105 18.28 -47.02 -25.04
N PHE A 106 19.21 -47.78 -24.46
CA PHE A 106 20.52 -47.99 -25.04
C PHE A 106 20.77 -49.41 -25.52
N LEU A 107 19.89 -50.36 -25.21
CA LEU A 107 20.10 -51.76 -25.60
C LEU A 107 19.73 -51.98 -27.06
N SER A 108 20.29 -53.05 -27.64
CA SER A 108 20.12 -53.39 -29.04
C SER A 108 19.76 -54.86 -29.18
N GLU A 109 19.23 -55.23 -30.35
CA GLU A 109 18.88 -56.62 -30.60
C GLU A 109 20.13 -57.49 -30.66
N ASP A 110 21.24 -56.95 -31.15
CA ASP A 110 22.50 -57.67 -31.16
C ASP A 110 22.88 -58.11 -29.75
N ASP A 111 22.66 -57.23 -28.77
CA ASP A 111 22.95 -57.57 -27.38
C ASP A 111 22.09 -58.73 -26.91
N VAL A 112 20.81 -58.74 -27.31
CA VAL A 112 19.91 -59.82 -26.90
C VAL A 112 20.37 -61.14 -27.50
N VAL A 113 20.75 -61.12 -28.76
CA VAL A 113 21.18 -62.35 -29.43
C VAL A 113 22.45 -62.89 -28.79
N ASN A 114 23.39 -62.01 -28.45
CA ASN A 114 24.65 -62.48 -27.86
C ASN A 114 24.54 -62.72 -26.36
N LYS A 115 23.40 -62.39 -25.75
CA LYS A 115 23.17 -62.58 -24.32
C LYS A 115 24.28 -61.92 -23.49
N ARG A 116 24.58 -60.67 -23.83
CA ARG A 116 25.55 -59.86 -23.10
C ARG A 116 24.96 -59.43 -21.76
N ASN A 117 25.83 -59.10 -20.80
CA ASN A 117 25.36 -58.55 -19.54
C ASN A 117 24.77 -57.16 -19.78
N ARG A 118 23.63 -56.88 -19.13
CA ARG A 118 22.93 -55.61 -19.37
C ARG A 118 23.83 -54.42 -19.04
N ALA A 119 24.57 -54.50 -17.92
CA ALA A 119 25.45 -53.41 -17.53
C ALA A 119 26.57 -53.22 -18.55
N GLU A 120 27.17 -54.32 -18.98
CA GLU A 120 28.33 -54.23 -19.86
C GLU A 120 27.94 -53.72 -21.24
N ALA A 121 26.75 -54.08 -21.73
CA ALA A 121 26.34 -53.68 -23.07
C ALA A 121 26.11 -52.17 -23.17
N VAL A 122 25.57 -51.56 -22.12
CA VAL A 122 25.19 -50.14 -22.15
C VAL A 122 26.29 -49.21 -21.66
N LEU A 123 27.41 -49.75 -21.17
CA LEU A 123 28.41 -48.93 -20.49
C LEU A 123 28.99 -47.85 -21.39
N LYS A 124 29.31 -48.16 -22.64
CA LYS A 124 29.91 -47.14 -23.50
C LYS A 124 28.93 -46.00 -23.77
N HIS A 125 27.66 -46.34 -23.99
CA HIS A 125 26.65 -45.31 -24.25
C HIS A 125 26.53 -44.36 -23.06
N ILE A 126 26.50 -44.91 -21.83
CA ILE A 126 26.43 -44.08 -20.64
C ILE A 126 27.69 -43.24 -20.48
N ALA A 127 28.85 -43.83 -20.78
CA ALA A 127 30.09 -43.08 -20.70
C ALA A 127 30.07 -41.88 -21.64
N GLU A 128 29.43 -42.04 -22.81
CA GLU A 128 29.37 -40.96 -23.78
C GLU A 128 28.62 -39.75 -23.24
N LEU A 129 27.72 -39.94 -22.26
CA LEU A 129 26.92 -38.82 -21.76
C LEU A 129 27.79 -37.77 -21.09
N ASN A 130 28.73 -38.17 -20.24
CA ASN A 130 29.67 -37.23 -19.63
C ASN A 130 31.10 -37.77 -19.71
N PRO A 131 31.99 -37.13 -20.46
CA PRO A 131 33.38 -37.63 -20.52
C PRO A 131 34.15 -37.49 -19.21
N TYR A 132 33.90 -36.44 -18.41
CA TYR A 132 34.67 -36.28 -17.17
C TYR A 132 34.41 -37.44 -16.21
N VAL A 133 33.20 -38.00 -16.22
CA VAL A 133 32.85 -39.09 -15.32
C VAL A 133 33.52 -40.38 -15.74
N HIS A 134 33.85 -41.23 -14.76
CA HIS A 134 34.42 -42.55 -15.00
C HIS A 134 33.39 -43.62 -14.63
N VAL A 135 32.93 -44.39 -15.62
CA VAL A 135 31.86 -45.37 -15.46
C VAL A 135 32.48 -46.77 -15.55
N THR A 136 32.12 -47.63 -14.60
CA THR A 136 32.64 -48.98 -14.49
C THR A 136 31.50 -49.98 -14.30
N SER A 137 31.64 -51.16 -14.89
CA SER A 137 30.62 -52.20 -14.85
C SER A 137 31.03 -53.35 -13.93
N SER A 138 30.05 -53.88 -13.18
CA SER A 138 30.25 -55.04 -12.32
C SER A 138 29.28 -56.15 -12.72
N SER A 139 29.81 -57.36 -12.90
CA SER A 139 29.01 -58.55 -13.18
C SER A 139 29.05 -59.53 -12.02
N VAL A 140 29.44 -59.07 -10.84
CA VAL A 140 29.61 -59.94 -9.68
C VAL A 140 28.25 -60.37 -9.16
N PRO A 141 28.04 -61.65 -8.85
CA PRO A 141 26.77 -62.06 -8.25
C PRO A 141 26.64 -61.55 -6.82
N PHE A 142 25.43 -61.11 -6.48
CA PHE A 142 25.10 -60.54 -5.18
C PHE A 142 24.25 -61.55 -4.41
N ASN A 143 24.75 -62.01 -3.26
CA ASN A 143 24.07 -63.05 -2.49
C ASN A 143 24.18 -62.73 -1.01
N GLU A 144 23.41 -63.48 -0.21
CA GLU A 144 23.55 -63.39 1.24
C GLU A 144 24.96 -63.79 1.68
N THR A 145 25.55 -64.78 1.00
CA THR A 145 26.92 -65.20 1.32
C THR A 145 27.94 -64.12 0.98
N THR A 146 27.68 -63.32 -0.06
CA THR A 146 28.64 -62.32 -0.53
C THR A 146 28.99 -61.34 0.58
N ASP A 147 30.29 -61.03 0.70
CA ASP A 147 30.77 -60.05 1.65
C ASP A 147 30.48 -58.64 1.14
N LEU A 148 29.98 -57.78 2.03
CA LEU A 148 29.58 -56.44 1.66
C LEU A 148 30.68 -55.40 1.86
N SER A 149 31.90 -55.84 2.18
CA SER A 149 32.98 -54.90 2.48
C SER A 149 33.31 -54.02 1.30
N PHE A 150 33.18 -54.55 0.07
CA PHE A 150 33.56 -53.81 -1.12
C PHE A 150 32.80 -52.49 -1.22
N LEU A 151 31.58 -52.42 -0.67
CA LEU A 151 30.78 -51.20 -0.75
C LEU A 151 31.41 -50.03 -0.02
N ASP A 152 32.39 -50.28 0.85
CA ASP A 152 32.95 -49.19 1.65
C ASP A 152 33.60 -48.09 0.82
N LYS A 153 34.05 -48.39 -0.41
CA LYS A 153 34.66 -47.34 -1.23
C LYS A 153 33.63 -46.28 -1.64
N TYR A 154 32.36 -46.65 -1.76
CA TYR A 154 31.34 -45.75 -2.27
C TYR A 154 30.72 -44.90 -1.15
N GLN A 155 30.33 -43.69 -1.52
CA GLN A 155 29.62 -42.82 -0.61
C GLN A 155 28.13 -43.13 -0.58
N CYS A 156 27.57 -43.50 -1.73
CA CYS A 156 26.14 -43.74 -1.86
C CYS A 156 25.87 -45.04 -2.63
N VAL A 157 24.81 -45.74 -2.23
CA VAL A 157 24.40 -47.00 -2.83
C VAL A 157 22.93 -46.89 -3.22
N VAL A 158 22.63 -47.17 -4.49
CA VAL A 158 21.27 -47.14 -5.05
C VAL A 158 20.93 -48.55 -5.49
N LEU A 159 19.81 -49.09 -4.99
CA LEU A 159 19.42 -50.48 -5.27
C LEU A 159 18.09 -50.55 -6.01
N THR A 160 18.11 -51.18 -7.20
CA THR A 160 16.90 -51.43 -7.98
C THR A 160 16.84 -52.90 -8.39
N GLU A 161 15.62 -53.42 -8.51
CA GLU A 161 15.37 -54.81 -8.96
C GLU A 161 16.07 -55.81 -8.05
N MET A 162 15.99 -55.56 -6.74
CA MET A 162 16.63 -56.43 -5.76
C MET A 162 15.64 -56.87 -4.69
N LYS A 163 15.85 -58.07 -4.17
CA LYS A 163 14.95 -58.64 -3.19
C LYS A 163 15.02 -57.88 -1.87
N LEU A 164 13.88 -57.77 -1.19
CA LEU A 164 13.81 -57.01 0.04
C LEU A 164 14.75 -57.52 1.13
N PRO A 165 14.89 -58.83 1.36
CA PRO A 165 15.81 -59.28 2.42
C PRO A 165 17.25 -58.79 2.24
N LEU A 166 17.79 -58.95 1.02
CA LEU A 166 19.15 -58.50 0.76
C LEU A 166 19.25 -56.98 0.86
N GLN A 167 18.18 -56.26 0.48
CA GLN A 167 18.18 -54.82 0.66
C GLN A 167 18.29 -54.44 2.12
N LYS A 168 17.58 -55.16 3.00
CA LYS A 168 17.69 -54.86 4.43
C LYS A 168 19.10 -55.10 4.93
N LYS A 169 19.72 -56.21 4.48
CA LYS A 169 21.09 -56.50 4.90
C LYS A 169 22.05 -55.40 4.46
N ILE A 170 21.94 -54.96 3.20
CA ILE A 170 22.83 -53.91 2.71
C ILE A 170 22.56 -52.60 3.43
N ASN A 171 21.28 -52.32 3.75
CA ASN A 171 20.95 -51.11 4.49
C ASN A 171 21.61 -51.12 5.86
N ASP A 172 21.62 -52.27 6.54
CA ASP A 172 22.29 -52.35 7.83
C ASP A 172 23.78 -52.09 7.68
N PHE A 173 24.41 -52.74 6.70
CA PHE A 173 25.84 -52.52 6.49
C PHE A 173 26.14 -51.05 6.23
N CYS A 174 25.35 -50.42 5.36
CA CYS A 174 25.63 -49.05 4.93
C CYS A 174 25.43 -48.06 6.08
N ARG A 175 24.34 -48.20 6.84
CA ARG A 175 24.10 -47.26 7.93
C ARG A 175 25.07 -47.49 9.08
N SER A 176 25.59 -48.71 9.23
CA SER A 176 26.50 -48.98 10.34
C SER A 176 27.91 -48.44 10.11
N GLN A 177 28.27 -48.10 8.87
CA GLN A 177 29.57 -47.50 8.61
C GLN A 177 29.66 -46.09 9.17
N PRO A 179 32.15 -42.63 8.16
CA PRO A 179 30.85 -42.02 7.83
C PRO A 179 29.92 -43.02 7.14
N PRO A 180 28.62 -42.95 7.43
CA PRO A 180 27.71 -43.97 6.92
C PRO A 180 27.54 -43.83 5.41
N ILE A 181 27.51 -44.97 4.74
CA ILE A 181 27.19 -44.98 3.32
C ILE A 181 25.70 -44.69 3.16
N LYS A 182 25.36 -43.71 2.33
CA LYS A 182 23.98 -43.31 2.14
C LYS A 182 23.26 -44.31 1.26
N PHE A 183 22.01 -44.64 1.62
CA PHE A 183 21.29 -45.77 1.04
C PHE A 183 20.00 -45.28 0.40
N ILE A 184 19.80 -45.64 -0.88
CA ILE A 184 18.56 -45.37 -1.60
C ILE A 184 18.09 -46.68 -2.21
N SER A 185 16.79 -46.96 -2.09
CA SER A 185 16.16 -48.15 -2.69
C SER A 185 15.01 -47.70 -3.58
N ALA A 186 15.05 -48.06 -4.86
CA ALA A 186 14.02 -47.62 -5.81
C ALA A 186 13.55 -48.77 -6.69
N ASP A 187 12.23 -48.91 -6.84
CA ASP A 187 11.67 -49.93 -7.71
C ASP A 187 10.37 -49.46 -8.35
N VAL A 188 10.12 -49.98 -9.56
CA VAL A 188 8.87 -49.73 -10.28
C VAL A 188 8.26 -51.08 -10.65
N HIS A 189 7.06 -51.35 -10.14
CA HIS A 189 6.30 -52.57 -10.45
C HIS A 189 4.98 -52.16 -11.11
N GLY A 190 4.88 -52.39 -12.40
CA GLY A 190 3.68 -52.04 -13.13
C GLY A 190 3.45 -50.54 -13.06
N ILE A 191 2.27 -50.17 -12.57
CA ILE A 191 1.90 -48.76 -12.45
C ILE A 191 2.23 -48.18 -11.08
N TRP A 192 2.84 -48.97 -10.19
CA TRP A 192 3.15 -48.54 -8.85
C TRP A 192 4.67 -48.42 -8.69
N SER A 193 5.11 -47.51 -7.81
CA SER A 193 6.53 -47.32 -7.57
C SER A 193 6.80 -47.14 -6.09
N ARG A 194 8.03 -47.44 -5.69
CA ARG A 194 8.48 -47.33 -4.31
C ARG A 194 9.87 -46.72 -4.29
N LEU A 195 10.04 -45.64 -3.50
CA LEU A 195 11.33 -44.96 -3.32
C LEU A 195 11.60 -44.77 -1.83
N PHE A 196 12.81 -45.16 -1.40
CA PHE A 196 13.23 -45.10 0.00
C PHE A 196 14.60 -44.46 0.12
N CYS A 197 14.76 -43.65 1.19
CA CYS A 197 16.00 -42.94 1.47
C CYS A 197 16.36 -43.11 2.94
N ASP A 198 17.56 -43.65 3.22
CA ASP A 198 18.14 -43.71 4.56
C ASP A 198 19.59 -43.23 4.51
N PHE A 199 19.85 -42.02 5.02
CA PHE A 199 21.21 -41.48 4.98
C PHE A 199 21.95 -41.64 6.31
N GLY A 200 21.38 -42.38 7.25
CA GLY A 200 22.00 -42.61 8.53
C GLY A 200 21.16 -42.06 9.67
N ASP A 201 21.53 -42.46 10.89
CA ASP A 201 20.82 -41.97 12.06
C ASP A 201 20.93 -40.46 12.19
N GLU A 202 22.07 -39.89 11.76
CA GLU A 202 22.27 -38.45 11.74
C GLU A 202 22.87 -38.06 10.39
N PHE A 203 22.27 -37.04 9.75
CA PHE A 203 22.74 -36.55 8.47
C PHE A 203 22.70 -35.02 8.51
N GLU A 204 23.70 -34.39 7.91
CA GLU A 204 23.86 -32.93 7.97
C GLU A 204 23.35 -32.33 6.66
N VAL A 205 22.37 -31.44 6.76
CA VAL A 205 21.83 -30.67 5.64
C VAL A 205 22.47 -29.28 5.71
N LEU A 206 23.39 -29.03 4.80
CA LEU A 206 24.13 -27.76 4.82
C LEU A 206 23.26 -26.59 4.34
N ASP A 207 22.47 -26.80 3.29
CA ASP A 207 21.55 -25.78 2.75
C ASP A 207 20.20 -26.44 2.56
N THR A 208 19.14 -25.85 3.13
CA THR A 208 17.84 -26.51 3.07
C THR A 208 17.00 -26.08 1.87
N THR A 209 16.87 -24.76 1.66
CA THR A 209 16.04 -24.25 0.59
C THR A 209 16.82 -23.92 -0.68
N GLY A 210 18.12 -23.62 -0.55
CA GLY A 210 18.90 -23.21 -1.69
C GLY A 210 18.85 -21.73 -1.98
N GLU A 211 18.21 -20.94 -1.13
CA GLU A 211 18.08 -19.50 -1.31
C GLU A 211 19.27 -18.75 -0.72
N GLU A 212 19.56 -17.58 -1.29
CA GLU A 212 20.66 -16.77 -0.80
C GLU A 212 20.39 -16.35 0.65
N PRO A 213 21.42 -16.24 1.49
CA PRO A 213 21.19 -15.88 2.89
C PRO A 213 20.66 -14.46 3.03
N LYS A 214 19.81 -14.26 4.04
CA LYS A 214 19.21 -12.95 4.25
C LYS A 214 20.25 -11.95 4.74
N GLU A 215 20.11 -10.71 4.30
CA GLU A 215 21.02 -9.62 4.65
C GLU A 215 20.25 -8.56 5.41
N ILE A 216 20.84 -8.11 6.53
CA ILE A 216 20.27 -7.12 7.43
C ILE A 216 21.19 -5.90 7.40
N PHE A 217 20.61 -4.72 7.60
CA PHE A 217 21.40 -3.49 7.51
C PHE A 217 21.48 -2.84 8.89
N ILE A 218 22.66 -2.34 9.23
CA ILE A 218 22.96 -1.89 10.58
C ILE A 218 22.85 -0.37 10.64
N SER A 219 21.98 0.10 11.55
CA SER A 219 21.85 1.50 11.88
C SER A 219 22.92 1.95 12.87
N ASN A 220 23.21 1.12 13.88
CA ASN A 220 24.17 1.49 14.91
C ASN A 220 24.69 0.25 15.65
N ILE A 221 25.89 0.39 16.21
CA ILE A 221 26.50 -0.62 17.08
C ILE A 221 27.09 0.13 18.27
N THR A 222 26.83 -0.35 19.49
CA THR A 222 27.28 0.32 20.69
C THR A 222 28.62 -0.24 21.18
N GLN A 223 29.40 0.64 21.79
CA GLN A 223 30.69 0.29 22.40
C GLN A 223 30.44 -0.12 23.85
N ALA A 224 30.13 -1.41 24.08
CA ALA A 224 29.78 -1.85 25.42
C ALA A 224 30.01 -3.34 25.55
N ASN A 225 29.95 -3.83 26.79
CA ASN A 225 30.01 -5.26 27.05
C ASN A 225 28.70 -5.75 27.65
N PRO A 226 27.87 -6.48 26.91
CA PRO A 226 28.04 -6.78 25.48
C PRO A 226 27.64 -5.61 24.61
N GLY A 227 28.28 -5.50 23.44
CA GLY A 227 27.89 -4.49 22.47
C GLY A 227 26.57 -4.83 21.84
N ILE A 228 25.86 -3.81 21.37
CA ILE A 228 24.52 -3.97 20.84
C ILE A 228 24.50 -3.47 19.41
N VAL A 229 24.05 -4.32 18.49
CA VAL A 229 23.87 -4.00 17.08
C VAL A 229 22.39 -3.66 16.88
N THR A 230 22.15 -2.65 16.06
CA THR A 230 20.80 -2.14 15.82
C THR A 230 20.56 -2.11 14.33
N CYS A 231 19.31 -2.30 13.93
CA CYS A 231 18.95 -2.41 12.52
C CYS A 231 18.02 -1.29 12.10
N LEU A 232 17.87 -1.14 10.78
CA LEU A 232 17.02 -0.09 10.23
C LEU A 232 15.60 -0.26 10.72
N GLU A 233 14.98 0.86 11.12
CA GLU A 233 13.64 0.80 11.71
C GLU A 233 12.60 0.36 10.68
N ASN A 234 12.89 0.56 9.38
CA ASN A 234 11.96 0.12 8.35
C ASN A 234 11.79 -1.39 8.33
N HIS A 235 12.87 -2.14 8.51
CA HIS A 235 12.84 -3.59 8.35
C HIS A 235 13.36 -4.28 9.60
N PRO A 236 12.59 -5.15 10.25
CA PRO A 236 13.11 -5.88 11.40
C PRO A 236 14.02 -7.02 10.96
N HIS A 237 14.92 -7.41 11.86
CA HIS A 237 15.89 -8.44 11.50
C HIS A 237 15.30 -9.84 11.56
N LYS A 238 14.35 -10.09 12.46
CA LYS A 238 13.72 -11.40 12.62
C LYS A 238 14.78 -12.50 12.78
N LEU A 239 15.54 -12.38 13.87
CA LEU A 239 16.63 -13.29 14.18
C LEU A 239 16.28 -14.14 15.40
N GLU A 240 17.18 -15.05 15.74
CA GLU A 240 17.01 -15.95 16.87
C GLU A 240 18.17 -15.78 17.83
N THR A 241 17.91 -16.02 19.12
CA THR A 241 18.89 -15.78 20.16
C THR A 241 20.12 -16.71 20.07
N GLY A 242 20.20 -17.62 19.09
CA GLY A 242 21.35 -18.49 18.96
C GLY A 242 22.09 -18.42 17.64
N GLN A 243 21.55 -17.67 16.68
CA GLN A 243 22.08 -17.68 15.31
C GLN A 243 23.44 -16.98 15.19
N PHE A 244 24.17 -17.34 14.13
CA PHE A 244 25.49 -16.79 13.83
C PHE A 244 25.38 -15.84 12.64
N LEU A 245 25.99 -14.66 12.75
CA LEU A 245 25.94 -13.68 11.67
C LEU A 245 27.36 -13.24 11.34
N THR A 246 27.64 -13.06 10.05
CA THR A 246 28.88 -12.45 9.58
C THR A 246 28.64 -10.98 9.19
N PHE A 247 29.67 -10.14 9.31
CA PHE A 247 29.53 -8.69 9.18
C PHE A 247 30.45 -8.15 8.09
N ARG A 248 30.02 -7.07 7.43
CA ARG A 248 30.83 -6.45 6.38
C ARG A 248 30.41 -5.00 6.14
N GLU A 249 31.35 -4.21 5.59
CA GLU A 249 31.08 -2.82 5.20
C GLU A 249 30.76 -1.89 6.38
N ILE A 250 31.24 -2.21 7.59
CA ILE A 250 31.09 -1.31 8.73
C ILE A 250 32.20 -0.26 8.69
N ASN A 251 31.84 1.00 8.94
CA ASN A 251 32.78 2.11 9.00
C ASN A 251 32.93 2.56 10.46
N GLY A 252 34.16 2.90 10.85
CA GLY A 252 34.45 3.25 12.22
C GLY A 252 34.83 2.03 13.06
N MET A 253 33.87 1.11 13.26
CA MET A 253 34.15 -0.18 13.89
C MET A 253 34.63 -1.17 12.82
N THR A 254 35.78 -0.84 12.23
CA THR A 254 36.31 -1.66 11.15
C THR A 254 36.71 -3.05 11.64
N GLY A 255 36.91 -3.21 12.94
CA GLY A 255 37.29 -4.51 13.46
C GLY A 255 36.25 -5.59 13.24
N LEU A 256 34.96 -5.24 13.35
CA LEU A 256 33.91 -6.25 13.25
C LEU A 256 33.83 -6.88 11.87
N ASN A 257 34.27 -6.19 10.82
CA ASN A 257 34.17 -6.72 9.47
C ASN A 257 34.91 -8.05 9.33
N GLY A 258 34.27 -9.01 8.68
CA GLY A 258 34.88 -10.31 8.49
C GLY A 258 34.78 -11.23 9.68
N SER A 259 33.97 -10.89 10.67
CA SER A 259 33.86 -11.66 11.90
C SER A 259 32.53 -12.39 11.95
N ILE A 260 32.54 -13.58 12.53
CA ILE A 260 31.33 -14.38 12.74
C ILE A 260 31.02 -14.31 14.22
N GLN A 261 29.81 -13.86 14.56
CA GLN A 261 29.45 -13.69 15.97
C GLN A 261 28.12 -14.41 16.21
N GLN A 262 28.03 -15.16 17.29
CA GLN A 262 26.75 -15.71 17.72
C GLN A 262 26.01 -14.63 18.51
N ILE A 263 24.75 -14.39 18.16
CA ILE A 263 24.03 -13.22 18.63
C ILE A 263 22.92 -13.61 19.62
N THR A 264 22.51 -12.63 20.41
CA THR A 264 21.39 -12.74 21.34
C THR A 264 20.39 -11.63 21.02
N VAL A 265 19.14 -12.02 20.78
CA VAL A 265 18.12 -11.07 20.35
C VAL A 265 17.61 -10.32 21.58
N ILE A 266 17.79 -9.01 21.57
CA ILE A 266 17.27 -8.17 22.65
C ILE A 266 15.84 -7.76 22.34
N SER A 267 15.61 -7.34 21.10
CA SER A 267 14.27 -6.95 20.67
C SER A 267 14.26 -6.97 19.15
N PRO A 268 13.09 -6.80 18.53
CA PRO A 268 13.11 -6.62 17.09
C PRO A 268 13.90 -5.36 16.79
N PHE A 269 14.80 -5.46 15.82
CA PHE A 269 15.70 -4.40 15.40
C PHE A 269 16.96 -4.34 16.29
N SER A 270 17.14 -5.22 17.28
CA SER A 270 18.34 -5.16 18.11
C SER A 270 18.78 -6.52 18.64
N PHE A 271 20.10 -6.74 18.65
CA PHE A 271 20.74 -7.95 19.16
C PHE A 271 22.13 -7.62 19.69
N SER A 272 22.64 -8.51 20.54
CA SER A 272 23.89 -8.34 21.27
C SER A 272 24.93 -9.34 20.76
N ILE A 273 26.16 -8.87 20.50
CA ILE A 273 27.18 -9.71 19.87
C ILE A 273 28.31 -10.04 20.85
N GLY A 274 28.87 -9.06 21.53
CA GLY A 274 30.02 -9.29 22.37
C GLY A 274 30.75 -7.98 22.63
N ASP A 275 31.84 -8.09 23.37
CA ASP A 275 32.53 -6.89 23.87
C ASP A 275 33.07 -6.05 22.72
N THR A 276 32.64 -4.77 22.69
CA THR A 276 33.06 -3.82 21.68
C THR A 276 33.71 -2.58 22.26
N THR A 277 34.02 -2.59 23.56
CA THR A 277 34.56 -1.39 24.20
C THR A 277 35.96 -1.08 23.69
N GLU A 278 36.77 -2.11 23.45
CA GLU A 278 38.13 -1.89 22.99
C GLU A 278 38.17 -1.47 21.52
N LEU A 279 37.13 -1.78 20.77
CA LEU A 279 37.07 -1.41 19.36
C LEU A 279 36.82 0.08 19.20
N GLU A 280 37.19 0.60 18.04
CA GLU A 280 37.05 2.02 17.73
C GLU A 280 35.58 2.38 17.51
N PRO A 281 35.20 3.64 17.72
CA PRO A 281 33.77 4.00 17.72
C PRO A 281 33.11 3.87 16.35
N TYR A 282 31.86 3.39 16.36
CA TYR A 282 31.07 3.17 15.15
C TYR A 282 30.68 4.50 14.51
N LEU A 283 30.62 4.50 13.17
CA LEU A 283 30.26 5.69 12.40
C LEU A 283 28.99 5.46 11.58
N HIS A 284 29.02 4.60 10.55
CA HIS A 284 27.86 4.39 9.69
C HIS A 284 28.04 3.11 8.89
N GLY A 285 26.97 2.69 8.24
CA GLY A 285 27.02 1.54 7.35
C GLY A 285 26.93 0.22 8.09
N GLY A 286 27.24 -0.84 7.36
CA GLY A 286 27.29 -2.17 7.93
C GLY A 286 26.18 -3.07 7.39
N ILE A 287 26.55 -4.31 7.09
CA ILE A 287 25.63 -5.34 6.62
C ILE A 287 25.92 -6.60 7.43
N ALA A 288 24.85 -7.24 7.94
CA ALA A 288 24.95 -8.51 8.65
C ALA A 288 24.25 -9.58 7.82
N VAL A 289 24.97 -10.64 7.49
CA VAL A 289 24.45 -11.75 6.70
C VAL A 289 24.41 -13.00 7.56
N GLN A 290 23.25 -13.68 7.57
CA GLN A 290 23.13 -14.87 8.39
C GLN A 290 24.02 -15.99 7.84
N VAL A 291 24.63 -16.74 8.76
CA VAL A 291 25.50 -17.85 8.41
C VAL A 291 24.68 -19.13 8.54
N LYS A 292 24.64 -19.93 7.48
CA LYS A 292 23.84 -21.14 7.50
C LYS A 292 24.50 -22.19 8.37
N THR A 293 23.82 -22.59 9.42
CA THR A 293 24.48 -23.57 10.26
C THR A 293 24.00 -24.96 9.84
N PRO A 294 24.90 -25.95 9.75
CA PRO A 294 24.46 -27.28 9.31
C PRO A 294 23.36 -27.82 10.21
N LYS A 295 22.32 -28.39 9.59
CA LYS A 295 21.13 -28.85 10.29
C LYS A 295 21.13 -30.38 10.32
N THR A 296 20.75 -30.97 11.45
CA THR A 296 20.77 -32.42 11.60
C THR A 296 19.39 -33.02 11.34
N VAL A 297 19.33 -34.06 10.52
CA VAL A 297 18.10 -34.80 10.22
C VAL A 297 18.35 -36.26 10.53
N PHE A 298 17.32 -36.94 11.03
CA PHE A 298 17.45 -38.30 11.55
C PHE A 298 16.64 -39.28 10.69
N PHE A 299 17.28 -40.38 10.29
CA PHE A 299 16.67 -41.43 9.47
C PHE A 299 16.67 -42.75 10.22
N GLU A 300 15.52 -43.44 10.21
CA GLU A 300 15.43 -44.79 10.72
C GLU A 300 15.79 -45.78 9.62
N SER A 301 16.07 -47.03 10.03
CA SER A 301 16.50 -48.07 9.10
C SER A 301 15.35 -48.55 8.23
N LEU A 302 15.69 -49.32 7.20
CA LEU A 302 14.68 -49.87 6.31
C LEU A 302 13.73 -50.80 7.04
N GLU A 303 14.25 -51.63 7.95
CA GLU A 303 13.39 -52.54 8.70
C GLU A 303 12.41 -51.78 9.60
N ARG A 304 12.93 -50.83 10.37
CA ARG A 304 12.06 -50.03 11.22
C ARG A 304 11.02 -49.30 10.39
N GLN A 305 11.43 -48.81 9.22
CA GLN A 305 10.52 -48.03 8.39
C GLN A 305 9.45 -48.91 7.74
N LEU A 306 9.82 -50.13 7.36
CA LEU A 306 8.80 -51.04 6.82
C LEU A 306 7.73 -51.31 7.85
N LYS A 307 8.11 -51.47 9.12
CA LYS A 307 7.10 -51.65 10.15
C LYS A 307 6.32 -50.35 10.41
N HIS A 308 7.01 -49.21 10.51
CA HIS A 308 6.41 -47.92 10.86
C HIS A 308 6.88 -46.85 9.88
N PRO A 309 6.31 -46.80 8.67
CA PRO A 309 6.83 -45.89 7.65
C PRO A 309 6.51 -44.43 7.91
N LYS A 310 7.35 -43.55 7.36
CA LYS A 310 7.18 -42.11 7.46
C LYS A 310 7.04 -41.48 6.07
N LEU A 312 5.63 -37.70 3.68
CA LEU A 312 5.13 -36.35 3.61
C LEU A 312 3.87 -36.45 2.75
N ILE A 313 2.70 -36.40 3.39
CA ILE A 313 1.44 -36.59 2.69
C ILE A 313 1.03 -35.28 2.01
N VAL A 314 0.91 -35.32 0.70
CA VAL A 314 0.62 -34.13 -0.09
C VAL A 314 -0.86 -33.94 -0.37
N ASP A 315 -1.61 -35.04 -0.51
CA ASP A 315 -3.01 -34.97 -0.88
C ASP A 315 -3.89 -35.43 0.27
N PHE A 316 -4.54 -34.48 0.92
CA PHE A 316 -5.42 -34.78 2.04
C PHE A 316 -6.82 -35.14 1.57
N SER A 317 -7.05 -35.10 0.25
CA SER A 317 -8.22 -35.74 -0.33
C SER A 317 -8.09 -37.26 -0.22
N ASN A 318 -6.88 -37.79 -0.46
CA ASN A 318 -6.57 -39.20 -0.23
C ASN A 318 -5.37 -39.26 0.70
N PRO A 319 -5.58 -39.13 2.02
CA PRO A 319 -4.45 -39.19 2.95
C PRO A 319 -3.94 -40.59 3.19
N GLU A 320 -4.82 -41.60 3.16
CA GLU A 320 -4.44 -42.97 3.48
C GLU A 320 -3.84 -43.72 2.30
N ALA A 321 -3.78 -43.11 1.13
CA ALA A 321 -3.33 -43.82 -0.07
C ALA A 321 -1.90 -44.34 0.05
N PRO A 322 -0.93 -43.56 0.52
CA PRO A 322 0.45 -44.07 0.52
C PRO A 322 0.65 -45.31 1.38
N LEU A 323 0.04 -45.37 2.57
CA LEU A 323 0.21 -46.56 3.40
C LEU A 323 -0.48 -47.78 2.78
N GLU A 324 -1.60 -47.57 2.09
CA GLU A 324 -2.24 -48.68 1.39
C GLU A 324 -1.34 -49.21 0.27
N ILE A 325 -0.70 -48.32 -0.48
CA ILE A 325 0.25 -48.78 -1.50
C ILE A 325 1.43 -49.49 -0.85
N HIS A 326 1.90 -48.97 0.30
CA HIS A 326 3.02 -49.59 1.00
C HIS A 326 2.68 -51.01 1.42
N THR A 327 1.46 -51.21 1.94
CA THR A 327 1.00 -52.55 2.32
C THR A 327 0.97 -53.48 1.11
N ALA A 328 0.41 -53.01 0.00
CA ALA A 328 0.31 -53.87 -1.19
C ALA A 328 1.70 -54.22 -1.73
N MET A 329 2.61 -53.24 -1.82
CA MET A 329 3.94 -53.51 -2.33
C MET A 329 4.71 -54.46 -1.43
N LEU A 330 4.58 -54.28 -0.12
CA LEU A 330 5.18 -55.22 0.83
C LEU A 330 4.62 -56.63 0.63
N ALA A 331 3.31 -56.72 0.38
CA ALA A 331 2.73 -58.03 0.09
C ALA A 331 3.31 -58.63 -1.17
N LEU A 332 3.59 -57.79 -2.17
CA LEU A 332 4.22 -58.30 -3.40
C LEU A 332 5.60 -58.87 -3.11
N ASP A 333 6.36 -58.21 -2.24
CA ASP A 333 7.67 -58.76 -1.87
C ASP A 333 7.53 -60.09 -1.14
N GLN A 334 6.56 -60.19 -0.22
CA GLN A 334 6.36 -61.46 0.49
C GLN A 334 5.97 -62.58 -0.48
N PHE A 335 5.10 -62.26 -1.45
CA PHE A 335 4.69 -63.22 -2.48
C PHE A 335 5.89 -63.66 -3.31
N GLN A 336 6.76 -62.71 -3.68
CA GLN A 336 7.96 -63.06 -4.44
C GLN A 336 8.86 -63.98 -3.63
N GLU A 337 8.96 -63.75 -2.32
CA GLU A 337 9.77 -64.64 -1.50
C GLU A 337 9.17 -66.03 -1.43
N LYS A 338 7.86 -66.12 -1.17
CA LYS A 338 7.23 -67.42 -0.95
C LYS A 338 7.27 -68.26 -2.21
N TYR A 339 6.82 -67.70 -3.32
CA TYR A 339 6.63 -68.45 -4.55
C TYR A 339 7.73 -68.21 -5.56
N SER A 340 8.71 -67.36 -5.25
CA SER A 340 9.85 -67.12 -6.14
C SER A 340 9.41 -66.58 -7.49
N ARG A 341 8.26 -65.91 -7.54
CA ARG A 341 7.75 -65.34 -8.78
C ARG A 341 6.70 -64.29 -8.44
N LYS A 342 6.42 -63.39 -9.42
CA LYS A 342 5.39 -62.37 -9.28
C LYS A 342 4.03 -62.89 -9.70
N PRO A 343 2.95 -62.24 -9.26
CA PRO A 343 1.61 -62.69 -9.66
C PRO A 343 1.39 -62.65 -11.16
N ASN A 344 0.69 -63.67 -11.69
CA ASN A 344 0.35 -63.70 -13.10
C ASN A 344 -0.92 -62.91 -13.36
N VAL A 345 -0.97 -62.25 -14.52
CA VAL A 345 -2.14 -61.47 -14.89
C VAL A 345 -3.34 -62.39 -14.97
N GLY A 346 -4.44 -61.98 -14.35
CA GLY A 346 -5.68 -62.73 -14.41
C GLY A 346 -5.83 -63.79 -13.34
N GLN A 348 -6.52 -65.75 -10.33
CA GLN A 348 -7.28 -65.36 -9.15
C GLN A 348 -6.62 -65.89 -7.89
N GLN A 349 -5.98 -67.06 -8.00
CA GLN A 349 -5.27 -67.62 -6.87
C GLN A 349 -4.16 -66.68 -6.41
N ASP A 350 -3.40 -66.13 -7.37
CA ASP A 350 -2.33 -65.20 -7.02
C ASP A 350 -2.88 -63.90 -6.46
N SER A 351 -3.95 -63.36 -7.05
CA SER A 351 -4.52 -62.11 -6.56
C SER A 351 -5.13 -62.30 -5.17
N GLU A 352 -5.82 -63.42 -4.94
CA GLU A 352 -6.37 -63.69 -3.61
C GLU A 352 -5.25 -63.87 -2.59
N GLU A 353 -4.16 -64.53 -2.99
CA GLU A 353 -3.02 -64.70 -2.07
C GLU A 353 -2.38 -63.36 -1.74
N LEU A 354 -2.26 -62.47 -2.74
CA LEU A 354 -1.71 -61.15 -2.47
C LEU A 354 -2.60 -60.37 -1.51
N LEU A 355 -3.93 -60.51 -1.65
CA LEU A 355 -4.83 -59.84 -0.72
C LEU A 355 -4.69 -60.41 0.69
N LYS A 356 -4.51 -61.73 0.80
CA LYS A 356 -4.29 -62.34 2.11
C LYS A 356 -3.03 -61.78 2.76
N LEU A 357 -1.93 -61.74 1.99
CA LEU A 357 -0.66 -61.23 2.53
C LEU A 357 -0.78 -59.77 2.94
N ALA A 358 -1.54 -58.98 2.17
CA ALA A 358 -1.73 -57.57 2.51
C ALA A 358 -2.54 -57.41 3.79
N THR A 359 -3.56 -58.24 3.99
CA THR A 359 -4.34 -58.17 5.22
C THR A 359 -3.48 -58.53 6.43
N SER A 360 -2.64 -59.55 6.30
CA SER A 360 -1.71 -59.91 7.37
C SER A 360 -0.76 -58.76 7.68
N ILE A 361 -0.17 -58.16 6.63
CA ILE A 361 0.72 -57.03 6.84
C ILE A 361 -0.01 -55.89 7.54
N SER A 362 -1.26 -55.64 7.15
CA SER A 362 -1.99 -54.54 7.77
C SER A 362 -2.13 -54.79 9.27
N GLU A 363 -2.34 -56.04 9.66
CA GLU A 363 -2.40 -56.32 11.10
C GLU A 363 -1.06 -56.05 11.77
N THR A 364 0.06 -56.35 11.10
CA THR A 364 1.35 -56.03 11.72
C THR A 364 1.59 -54.53 11.81
N LEU A 365 1.09 -53.74 10.85
CA LEU A 365 1.33 -52.29 10.86
C LEU A 365 0.68 -51.64 12.08
N GLU A 366 1.31 -50.55 12.54
CA GLU A 366 0.95 -49.94 13.83
C GLU A 366 -0.51 -49.48 13.89
N GLU A 367 -1.00 -48.81 12.85
CA GLU A 367 -2.34 -48.23 12.93
C GLU A 367 -3.44 -49.16 12.43
N LYS A 368 -3.12 -50.43 12.16
CA LYS A 368 -4.07 -51.36 11.57
C LYS A 368 -4.80 -50.63 10.43
N PRO A 369 -4.10 -50.34 9.35
CA PRO A 369 -4.76 -49.69 8.21
C PRO A 369 -5.59 -50.67 7.42
N ASP A 370 -6.78 -50.24 7.03
CA ASP A 370 -7.63 -51.05 6.18
C ASP A 370 -7.02 -51.22 4.80
N VAL A 371 -7.04 -52.46 4.30
CA VAL A 371 -6.44 -52.78 3.01
C VAL A 371 -7.28 -52.23 1.88
N ASN A 372 -6.62 -51.77 0.82
CA ASN A 372 -7.31 -51.32 -0.40
C ASN A 372 -7.28 -52.43 -1.44
N ALA A 373 -8.45 -53.02 -1.72
CA ALA A 373 -8.54 -54.14 -2.65
C ALA A 373 -8.18 -53.72 -4.08
N ASP A 374 -8.56 -52.50 -4.48
CA ASP A 374 -8.27 -52.06 -5.85
C ASP A 374 -6.77 -51.96 -6.10
N ILE A 375 -6.02 -51.40 -5.13
CA ILE A 375 -4.58 -51.26 -5.29
C ILE A 375 -3.91 -52.64 -5.34
N VAL A 376 -4.35 -53.57 -4.48
CA VAL A 376 -3.77 -54.91 -4.49
C VAL A 376 -4.08 -55.60 -5.82
N HIS A 377 -5.32 -55.47 -6.30
CA HIS A 377 -5.70 -56.13 -7.55
C HIS A 377 -4.87 -55.61 -8.70
N TRP A 378 -4.78 -54.29 -8.84
CA TRP A 378 -4.03 -53.72 -9.94
C TRP A 378 -2.54 -53.98 -9.82
N LEU A 379 -2.02 -54.10 -8.60
CA LEU A 379 -0.61 -54.45 -8.44
C LEU A 379 -0.36 -55.87 -8.91
N SER A 380 -1.22 -56.82 -8.54
CA SER A 380 -1.07 -58.18 -9.04
C SER A 380 -1.21 -58.22 -10.57
N TRP A 381 -2.15 -57.44 -11.10
CA TRP A 381 -2.45 -57.42 -12.54
C TRP A 381 -1.29 -56.85 -13.35
N THR A 382 -0.64 -55.78 -12.88
CA THR A 382 0.42 -55.11 -13.61
C THR A 382 1.82 -55.39 -13.08
N ALA A 383 1.96 -56.21 -12.04
CA ALA A 383 3.27 -56.34 -11.38
C ALA A 383 4.34 -56.82 -12.35
N GLN A 384 4.00 -57.71 -13.29
CA GLN A 384 4.98 -58.16 -14.27
C GLN A 384 5.27 -57.11 -15.35
N GLY A 385 4.47 -56.03 -15.42
CA GLY A 385 4.75 -54.95 -16.35
C GLY A 385 5.68 -53.89 -15.79
N PHE A 386 6.20 -53.07 -16.70
CA PHE A 386 7.07 -51.94 -16.35
C PHE A 386 6.64 -50.72 -17.16
N LEU A 387 6.26 -49.64 -16.48
CA LEU A 387 5.81 -48.41 -17.11
C LEU A 387 6.98 -47.44 -17.21
N SER A 388 7.47 -47.20 -18.44
CA SER A 388 8.67 -46.39 -18.59
C SER A 388 8.47 -44.93 -18.18
N PRO A 389 7.37 -44.26 -18.49
CA PRO A 389 7.24 -42.86 -18.04
C PRO A 389 7.32 -42.72 -16.53
N LEU A 390 6.65 -43.61 -15.80
CA LEU A 390 6.76 -43.59 -14.34
C LEU A 390 8.20 -43.78 -13.90
N ALA A 391 8.92 -44.70 -14.56
CA ALA A 391 10.32 -44.94 -14.21
C ALA A 391 11.17 -43.70 -14.46
N ALA A 392 10.90 -42.97 -15.54
CA ALA A 392 11.62 -41.73 -15.78
C ALA A 392 11.38 -40.75 -14.63
N ALA A 393 10.13 -40.64 -14.18
CA ALA A 393 9.81 -39.74 -13.07
C ALA A 393 10.52 -40.16 -11.78
N VAL A 394 10.41 -41.44 -11.43
CA VAL A 394 11.01 -41.96 -10.20
C VAL A 394 12.52 -41.83 -10.28
N GLY A 395 13.10 -42.04 -11.46
CA GLY A 395 14.53 -41.94 -11.60
C GLY A 395 15.04 -40.52 -11.43
N GLY A 396 14.29 -39.55 -11.95
CA GLY A 396 14.68 -38.16 -11.70
C GLY A 396 14.67 -37.84 -10.23
N VAL A 397 13.61 -38.25 -9.53
CA VAL A 397 13.55 -37.96 -8.10
C VAL A 397 14.68 -38.69 -7.35
N ALA A 398 14.91 -39.95 -7.67
CA ALA A 398 15.96 -40.71 -7.00
C ALA A 398 17.35 -40.14 -7.28
N SER A 399 17.59 -39.69 -8.52
CA SER A 399 18.88 -39.08 -8.85
C SER A 399 19.12 -37.82 -8.02
N GLN A 400 18.09 -36.98 -7.89
CA GLN A 400 18.28 -35.80 -7.04
C GLN A 400 18.60 -36.25 -5.61
N GLU A 401 17.99 -37.34 -5.14
CA GLU A 401 18.32 -37.81 -3.80
C GLU A 401 19.78 -38.24 -3.69
N VAL A 402 20.32 -38.87 -4.73
CA VAL A 402 21.75 -39.22 -4.71
C VAL A 402 22.59 -37.96 -4.56
N LEU A 403 22.24 -36.91 -5.31
CA LEU A 403 23.01 -35.67 -5.22
C LEU A 403 22.87 -35.06 -3.83
N LYS A 404 21.69 -35.16 -3.23
CA LYS A 404 21.51 -34.66 -1.89
C LYS A 404 22.41 -35.39 -0.90
N ALA A 405 22.55 -36.71 -1.07
CA ALA A 405 23.38 -37.48 -0.15
C ALA A 405 24.83 -37.05 -0.24
N VAL A 406 25.35 -36.92 -1.46
CA VAL A 406 26.78 -36.60 -1.57
C VAL A 406 27.10 -35.12 -1.31
N THR A 407 26.14 -34.20 -1.50
CA THR A 407 26.44 -32.78 -1.31
C THR A 407 25.79 -32.14 -0.09
N GLY A 408 24.68 -32.66 0.41
CA GLY A 408 23.95 -32.00 1.47
C GLY A 408 23.28 -30.70 1.08
N LYS A 409 23.09 -30.47 -0.23
CA LYS A 409 22.62 -29.19 -0.74
C LYS A 409 21.14 -28.95 -0.48
N PHE A 410 20.30 -29.99 -0.51
CA PHE A 410 18.88 -29.80 -0.30
C PHE A 410 18.35 -30.74 0.76
N SER A 411 17.11 -30.46 1.18
CA SER A 411 16.43 -31.26 2.20
C SER A 411 16.05 -32.62 1.62
N PRO A 412 16.41 -33.73 2.26
CA PRO A 412 16.18 -35.04 1.63
C PRO A 412 14.77 -35.57 1.86
N LEU A 413 14.41 -36.52 1.00
CA LEU A 413 13.15 -37.24 1.12
C LEU A 413 13.10 -37.82 2.52
N GLN A 415 12.23 -40.39 3.92
CA GLN A 415 12.11 -41.84 3.81
C GLN A 415 11.32 -42.33 2.56
N TRP A 416 9.99 -42.21 2.47
CA TRP A 416 9.24 -42.88 1.42
C TRP A 416 8.54 -41.92 0.46
N LEU A 417 8.54 -42.30 -0.83
CA LEU A 417 7.72 -41.68 -1.87
C LEU A 417 7.07 -42.77 -2.72
N TYR A 418 5.76 -42.67 -2.95
CA TYR A 418 5.00 -43.71 -3.66
C TYR A 418 4.25 -43.12 -4.85
N LEU A 419 4.95 -42.88 -5.96
CA LEU A 419 4.27 -42.42 -7.16
C LEU A 419 3.49 -43.55 -7.82
N GLU A 420 2.34 -43.21 -8.39
CA GLU A 420 1.45 -44.19 -9.01
C GLU A 420 0.84 -43.63 -10.28
N ALA A 421 0.46 -44.54 -11.17
CA ALA A 421 -0.24 -44.23 -12.41
C ALA A 421 -1.61 -44.89 -12.41
N ALA A 422 -2.27 -44.89 -11.25
CA ALA A 422 -3.55 -45.59 -11.13
C ALA A 422 -4.62 -44.98 -12.02
N ASP A 423 -4.57 -43.67 -12.25
CA ASP A 423 -5.58 -43.03 -13.10
C ASP A 423 -5.56 -43.59 -14.51
N ILE A 424 -4.42 -44.10 -14.98
CA ILE A 424 -4.35 -44.68 -16.32
C ILE A 424 -5.17 -45.97 -16.40
N VAL A 425 -5.15 -46.79 -15.34
CA VAL A 425 -5.89 -48.05 -15.40
C VAL A 425 -7.33 -47.93 -14.88
N GLU A 426 -7.62 -46.93 -14.04
CA GLU A 426 -8.95 -46.85 -13.43
C GLU A 426 -10.03 -46.52 -14.45
N SER A 427 -9.74 -45.63 -15.40
CA SER A 427 -10.73 -45.22 -16.40
C SER A 427 -11.00 -46.30 -17.44
N LEU A 428 -10.07 -47.23 -17.65
CA LEU A 428 -10.29 -48.31 -18.61
C LEU A 428 -11.57 -49.08 -18.29
N GLY A 429 -11.90 -49.21 -17.02
CA GLY A 429 -13.00 -50.06 -16.58
C GLY A 429 -12.49 -51.39 -16.08
N LYS A 430 -13.28 -52.44 -16.24
CA LYS A 430 -12.82 -53.80 -15.99
C LYS A 430 -12.38 -54.41 -17.33
N PRO A 431 -11.09 -54.39 -17.67
CA PRO A 431 -10.66 -54.82 -18.99
C PRO A 431 -10.36 -56.31 -19.11
N GLU A 432 -10.21 -56.76 -20.35
CA GLU A 432 -9.91 -58.16 -20.67
C GLU A 432 -8.46 -58.50 -20.37
N GLU A 434 -6.66 -60.52 -21.53
CA GLU A 434 -5.92 -60.82 -22.77
C GLU A 434 -5.26 -59.58 -23.36
N GLU A 435 -5.83 -58.41 -23.05
CA GLU A 435 -5.21 -57.17 -23.50
C GLU A 435 -3.84 -56.98 -22.86
N PHE A 436 -3.64 -57.48 -21.65
CA PHE A 436 -2.43 -57.27 -20.86
C PHE A 436 -1.47 -58.45 -20.92
N LEU A 437 -1.72 -59.42 -21.79
CA LEU A 437 -0.97 -60.64 -22.03
C LEU A 437 0.11 -60.41 -23.09
N PRO A 438 1.29 -61.02 -23.00
CA PRO A 438 2.37 -60.69 -23.95
C PRO A 438 2.10 -61.16 -25.36
N ARG A 439 2.63 -60.40 -26.32
CA ARG A 439 2.55 -60.73 -27.74
C ARG A 439 3.92 -61.02 -28.33
N GLY A 440 4.93 -61.19 -27.49
CA GLY A 440 6.29 -61.40 -27.98
C GLY A 440 6.87 -60.22 -28.72
N ASP A 441 6.59 -58.99 -28.28
CA ASP A 441 7.16 -57.79 -28.88
C ASP A 441 7.68 -56.87 -27.78
N ARG A 442 8.34 -55.79 -28.18
CA ARG A 442 8.97 -54.89 -27.21
C ARG A 442 7.96 -54.18 -26.31
N TYR A 443 6.70 -54.13 -26.73
CA TYR A 443 5.67 -53.45 -25.97
C TYR A 443 5.00 -54.37 -24.94
N ASP A 444 5.56 -55.56 -24.69
CA ASP A 444 5.02 -56.43 -23.67
C ASP A 444 5.00 -55.73 -22.31
N ALA A 445 6.08 -55.05 -21.96
CA ALA A 445 6.13 -54.36 -20.68
C ALA A 445 5.02 -53.31 -20.58
N LEU A 446 4.89 -52.46 -21.61
CA LEU A 446 3.84 -51.45 -21.60
C LEU A 446 2.46 -52.08 -21.63
N ARG A 447 2.31 -53.15 -22.42
CA ARG A 447 1.01 -53.82 -22.53
C ARG A 447 0.58 -54.38 -21.18
N ALA A 448 1.53 -54.83 -20.37
CA ALA A 448 1.18 -55.36 -19.05
C ALA A 448 0.65 -54.29 -18.11
N CYS A 449 0.94 -53.01 -18.36
CA CYS A 449 0.45 -51.93 -17.53
C CYS A 449 -0.82 -51.28 -18.08
N ILE A 450 -0.86 -50.95 -19.37
CA ILE A 450 -1.96 -50.15 -19.89
C ILE A 450 -2.87 -50.91 -20.87
N GLY A 451 -2.45 -52.05 -21.38
CA GLY A 451 -3.31 -52.81 -22.26
C GLY A 451 -2.99 -52.61 -23.74
N ASP A 452 -3.31 -53.62 -24.55
CA ASP A 452 -2.95 -53.59 -25.96
C ASP A 452 -3.71 -52.49 -26.73
N THR A 453 -4.98 -52.26 -26.41
CA THR A 453 -5.76 -51.28 -27.17
C THR A 453 -5.14 -49.89 -27.08
N LEU A 454 -4.75 -49.47 -25.87
CA LEU A 454 -4.11 -48.16 -25.70
C LEU A 454 -2.70 -48.16 -26.28
N CYS A 455 -2.00 -49.29 -26.23
CA CYS A 455 -0.71 -49.38 -26.90
C CYS A 455 -0.86 -49.11 -28.40
N GLN A 456 -1.86 -49.72 -29.02
CA GLN A 456 -2.12 -49.51 -30.44
C GLN A 456 -2.52 -48.08 -30.73
N LYS A 457 -3.36 -47.48 -29.86
CA LYS A 457 -3.68 -46.08 -30.03
C LYS A 457 -2.42 -45.22 -29.99
N LEU A 458 -1.50 -45.55 -29.10
CA LEU A 458 -0.23 -44.82 -29.06
C LEU A 458 0.55 -45.02 -30.35
N GLN A 459 0.54 -46.23 -30.89
CA GLN A 459 1.23 -46.48 -32.15
C GLN A 459 0.60 -45.69 -33.30
N ASN A 460 -0.73 -45.57 -33.30
CA ASN A 460 -1.43 -44.82 -34.36
C ASN A 460 -1.70 -43.38 -33.89
N LEU A 461 -0.63 -42.62 -33.72
CA LEU A 461 -0.75 -41.28 -33.15
C LEU A 461 -0.05 -40.22 -33.99
N ASN A 462 -0.67 -39.04 -34.03
CA ASN A 462 -0.08 -37.86 -34.66
C ASN A 462 0.13 -36.82 -33.57
N ILE A 463 1.41 -36.55 -33.27
CA ILE A 463 1.81 -35.65 -32.20
C ILE A 463 2.65 -34.54 -32.81
N PHE A 464 2.46 -33.33 -32.30
CA PHE A 464 3.23 -32.16 -32.68
C PHE A 464 4.03 -31.71 -31.45
N LEU A 465 5.34 -31.90 -31.50
CA LEU A 465 6.23 -31.50 -30.41
C LEU A 465 6.84 -30.15 -30.77
N VAL A 466 6.43 -29.10 -30.07
CA VAL A 466 6.92 -27.76 -30.32
C VAL A 466 8.09 -27.48 -29.37
N GLY A 467 9.27 -27.36 -29.93
CA GLY A 467 10.49 -27.21 -29.17
C GLY A 467 11.19 -28.53 -28.98
N CYS A 468 12.52 -28.53 -29.12
CA CYS A 468 13.32 -29.74 -28.94
C CYS A 468 14.52 -29.43 -28.04
N GLY A 469 14.22 -29.05 -26.81
CA GLY A 469 15.20 -28.77 -25.76
C GLY A 469 15.36 -29.93 -24.82
N ALA A 470 15.52 -29.62 -23.53
CA ALA A 470 15.67 -30.66 -22.53
C ALA A 470 14.40 -31.50 -22.42
N ILE A 471 13.26 -30.83 -22.23
CA ILE A 471 11.99 -31.57 -22.13
C ILE A 471 11.69 -32.25 -23.46
N GLY A 472 12.01 -31.60 -24.58
CA GLY A 472 11.78 -32.22 -25.86
C GLY A 472 12.57 -33.52 -26.04
N CYS A 473 13.84 -33.52 -25.66
CA CYS A 473 14.65 -34.73 -25.77
C CYS A 473 14.10 -35.84 -24.87
N GLU A 474 13.77 -35.50 -23.62
CA GLU A 474 13.19 -36.52 -22.74
C GLU A 474 11.88 -37.04 -23.30
N MET A 475 11.06 -36.15 -23.88
CA MET A 475 9.78 -36.56 -24.42
C MET A 475 9.97 -37.48 -25.63
N LEU A 476 11.00 -37.23 -26.43
CA LEU A 476 11.27 -38.11 -27.58
C LEU A 476 11.69 -39.50 -27.11
N LYS A 477 12.50 -39.58 -26.04
CA LYS A 477 12.80 -40.90 -25.48
C LYS A 477 11.53 -41.58 -24.99
N ASN A 478 10.66 -40.83 -24.31
CA ASN A 478 9.43 -41.43 -23.77
C ASN A 478 8.48 -41.86 -24.88
N PHE A 479 8.50 -41.15 -26.02
CA PHE A 479 7.74 -41.60 -27.19
C PHE A 479 8.32 -42.91 -27.73
N ALA A 480 9.65 -42.99 -27.83
CA ALA A 480 10.24 -44.18 -28.44
C ALA A 480 9.98 -45.41 -27.59
N LEU A 481 10.08 -45.29 -26.27
CA LEU A 481 9.79 -46.46 -25.43
C LEU A 481 8.29 -46.75 -25.38
N LEU A 482 7.45 -45.71 -25.42
CA LEU A 482 6.01 -45.93 -25.45
C LEU A 482 5.50 -46.38 -26.81
N GLY A 483 6.31 -46.29 -27.85
CA GLY A 483 5.87 -46.73 -29.16
C GLY A 483 5.06 -45.71 -29.93
N VAL A 484 5.12 -44.44 -29.55
CA VAL A 484 4.32 -43.43 -30.23
C VAL A 484 4.77 -43.30 -31.68
N GLY A 485 3.80 -43.26 -32.59
CA GLY A 485 4.07 -43.04 -33.99
C GLY A 485 4.84 -44.14 -34.68
N THR A 486 4.69 -45.39 -34.25
CA THR A 486 5.46 -46.48 -34.81
C THR A 486 4.71 -47.26 -35.89
N SER A 487 3.40 -47.07 -36.03
CA SER A 487 2.70 -47.67 -37.15
C SER A 487 3.03 -46.88 -38.41
N LYS A 488 3.52 -47.56 -39.45
CA LYS A 488 3.98 -46.84 -40.63
C LYS A 488 2.83 -46.11 -41.31
N GLU A 489 1.66 -46.75 -41.37
CA GLU A 489 0.55 -46.20 -42.15
C GLU A 489 -0.01 -44.92 -41.52
N LYS A 490 -0.24 -44.90 -40.20
CA LYS A 490 -1.00 -43.80 -39.60
C LYS A 490 -0.35 -43.31 -38.32
N GLY A 491 0.97 -43.14 -38.34
CA GLY A 491 1.68 -42.58 -37.22
C GLY A 491 2.69 -41.57 -37.68
N MET A 492 2.75 -40.42 -37.00
CA MET A 492 3.77 -39.41 -37.31
C MET A 492 4.01 -38.54 -36.09
N ILE A 493 5.30 -38.31 -35.81
CA ILE A 493 5.75 -37.37 -34.77
C ILE A 493 6.44 -36.21 -35.47
N THR A 494 5.93 -35.01 -35.30
CA THR A 494 6.49 -33.82 -35.92
C THR A 494 7.23 -33.01 -34.86
N VAL A 495 8.54 -32.89 -34.99
CA VAL A 495 9.38 -32.16 -34.04
C VAL A 495 9.97 -30.94 -34.76
N THR A 496 9.79 -29.75 -34.18
CA THR A 496 10.25 -28.51 -34.78
C THR A 496 11.07 -27.69 -33.80
N ASP A 497 12.22 -27.19 -34.24
CA ASP A 497 13.07 -26.30 -33.47
C ASP A 497 13.95 -25.45 -34.37
N PRO A 498 14.09 -24.15 -34.11
CA PRO A 498 14.96 -23.32 -34.93
C PRO A 498 16.42 -23.25 -34.49
N ASP A 499 16.76 -23.77 -33.33
CA ASP A 499 18.06 -23.54 -32.69
C ASP A 499 19.02 -24.70 -32.94
N LEU A 500 20.31 -24.38 -32.76
CA LEU A 500 21.39 -25.37 -32.91
C LEU A 500 21.95 -25.73 -31.54
N ILE A 501 22.65 -26.87 -31.50
CA ILE A 501 23.15 -27.44 -30.25
C ILE A 501 24.37 -26.65 -29.75
N GLU A 502 24.49 -26.57 -28.42
CA GLU A 502 25.58 -25.89 -27.73
C GLU A 502 26.10 -26.79 -26.61
N LYS A 503 27.30 -26.47 -26.10
CA LYS A 503 27.86 -27.33 -25.04
C LYS A 503 26.99 -27.30 -23.79
N SER A 504 26.55 -26.10 -23.39
CA SER A 504 25.70 -25.98 -22.21
C SER A 504 24.47 -26.88 -22.31
N ASN A 505 23.95 -27.07 -23.52
CA ASN A 505 22.80 -27.96 -23.69
C ASN A 505 23.14 -29.40 -23.32
N LEU A 506 24.39 -29.83 -23.54
CA LEU A 506 24.72 -31.24 -23.36
C LEU A 506 24.56 -31.69 -21.92
N ASN A 507 24.50 -30.77 -20.97
CA ASN A 507 24.34 -31.16 -19.58
C ASN A 507 22.99 -31.83 -19.33
N ARG A 508 21.94 -31.43 -20.05
CA ARG A 508 20.60 -31.98 -19.82
C ARG A 508 19.90 -32.52 -21.06
N GLN A 509 20.47 -32.41 -22.25
CA GLN A 509 19.89 -32.98 -23.47
C GLN A 509 20.72 -34.20 -23.88
N PHE A 510 20.27 -35.39 -23.45
CA PHE A 510 21.11 -36.58 -23.53
C PHE A 510 21.22 -37.13 -24.95
N LEU A 511 20.25 -36.85 -25.81
CA LEU A 511 20.36 -37.31 -27.21
C LEU A 511 21.54 -36.65 -27.92
N PHE A 512 21.80 -35.38 -27.61
CA PHE A 512 22.89 -34.64 -28.24
C PHE A 512 24.23 -34.99 -27.59
N ARG A 513 25.31 -34.83 -28.39
CA ARG A 513 26.67 -35.17 -27.96
C ARG A 513 27.63 -34.09 -28.47
N PRO A 514 28.90 -34.09 -28.04
CA PRO A 514 29.79 -32.98 -28.44
C PRO A 514 30.03 -32.87 -29.95
N HIS A 515 30.11 -34.00 -30.68
CA HIS A 515 30.30 -33.92 -32.12
C HIS A 515 29.07 -33.40 -32.84
N HIS A 516 27.94 -33.23 -32.15
CA HIS A 516 26.74 -32.63 -32.71
C HIS A 516 26.68 -31.11 -32.53
N ILE A 517 27.69 -30.50 -31.91
CA ILE A 517 27.58 -29.07 -31.63
C ILE A 517 27.52 -28.30 -32.95
N GLN A 518 26.75 -27.22 -32.93
CA GLN A 518 26.53 -26.38 -34.11
C GLN A 518 25.75 -27.12 -35.19
N LYS A 519 24.94 -28.09 -34.80
CA LYS A 519 24.08 -28.79 -35.72
C LYS A 519 22.65 -28.67 -35.24
N PRO A 520 21.66 -28.68 -36.13
CA PRO A 520 20.27 -28.47 -35.69
C PRO A 520 19.85 -29.47 -34.62
N LYS A 521 19.04 -28.98 -33.67
CA LYS A 521 18.58 -29.84 -32.58
C LYS A 521 17.59 -30.88 -33.09
N SER A 522 16.59 -30.45 -33.86
CA SER A 522 15.53 -31.35 -34.25
C SER A 522 16.06 -32.55 -35.04
N TYR A 523 16.94 -32.28 -36.02
CA TYR A 523 17.49 -33.35 -36.85
C TYR A 523 18.28 -34.36 -36.01
N THR A 524 19.15 -33.86 -35.13
CA THR A 524 19.99 -34.73 -34.32
C THR A 524 19.15 -35.58 -33.38
N ALA A 525 18.15 -34.95 -32.74
CA ALA A 525 17.26 -35.69 -31.86
C ALA A 525 16.48 -36.75 -32.62
N ALA A 526 16.03 -36.44 -33.84
CA ALA A 526 15.27 -37.42 -34.60
C ALA A 526 16.10 -38.65 -34.93
N ASP A 527 17.35 -38.44 -35.38
CA ASP A 527 18.19 -39.59 -35.69
C ASP A 527 18.45 -40.44 -34.45
N ALA A 528 18.72 -39.78 -33.32
CA ALA A 528 18.94 -40.54 -32.08
C ALA A 528 17.68 -41.31 -31.67
N THR A 529 16.52 -40.65 -31.73
CA THR A 529 15.28 -41.33 -31.37
C THR A 529 15.07 -42.56 -32.23
N LEU A 530 15.40 -42.46 -33.52
CA LEU A 530 15.32 -43.63 -34.40
C LEU A 530 16.23 -44.73 -33.93
N LYS A 531 17.41 -44.38 -33.41
CA LYS A 531 18.25 -45.43 -32.83
C LYS A 531 17.56 -46.12 -31.67
N ILE A 532 16.84 -45.37 -30.83
CA ILE A 532 16.12 -46.02 -29.73
C ILE A 532 15.06 -46.97 -30.26
N ASN A 533 14.26 -46.53 -31.23
CA ASN A 533 13.21 -47.37 -31.83
C ASN A 533 13.24 -47.17 -33.33
N SER A 534 13.63 -48.23 -34.06
CA SER A 534 13.75 -48.14 -35.51
C SER A 534 12.40 -47.89 -36.19
N GLN A 535 11.32 -48.40 -35.62
CA GLN A 535 10.00 -48.30 -36.23
C GLN A 535 9.42 -46.89 -36.16
N ILE A 536 9.91 -46.04 -35.26
CA ILE A 536 9.32 -44.72 -35.04
C ILE A 536 9.41 -43.87 -36.31
N LYS A 537 8.36 -43.08 -36.56
CA LYS A 537 8.29 -42.19 -37.71
C LYS A 537 8.42 -40.77 -37.19
N ILE A 538 9.44 -40.02 -37.66
CA ILE A 538 9.68 -38.67 -37.18
C ILE A 538 9.90 -37.74 -38.36
N ASP A 539 9.17 -36.62 -38.37
CA ASP A 539 9.33 -35.54 -39.34
C ASP A 539 9.92 -34.34 -38.60
N ALA A 540 11.17 -34.00 -38.94
CA ALA A 540 11.92 -32.97 -38.24
C ALA A 540 11.97 -31.67 -39.04
N HIS A 541 11.80 -30.55 -38.36
CA HIS A 541 11.77 -29.24 -39.00
C HIS A 541 12.69 -28.29 -38.25
N LEU A 542 13.19 -27.30 -38.98
CA LEU A 542 14.01 -26.24 -38.41
C LEU A 542 13.24 -24.94 -38.26
N ASN A 543 11.91 -25.01 -38.18
CA ASN A 543 11.07 -23.83 -38.18
C ASN A 543 10.65 -23.43 -36.78
N LYS A 544 10.32 -22.15 -36.65
CA LYS A 544 9.85 -21.59 -35.39
C LYS A 544 8.34 -21.44 -35.48
N VAL A 545 7.64 -21.87 -34.45
CA VAL A 545 6.18 -21.89 -34.48
C VAL A 545 5.67 -20.50 -34.10
N CYS A 546 5.56 -19.63 -35.11
CA CYS A 546 5.06 -18.27 -35.00
C CYS A 546 4.11 -18.02 -36.17
N PRO A 547 3.40 -16.88 -36.20
CA PRO A 547 2.42 -16.67 -37.28
C PRO A 547 3.02 -16.74 -38.67
N THR A 548 4.31 -16.42 -38.81
CA THR A 548 4.96 -16.46 -40.11
C THR A 548 4.99 -17.88 -40.69
N THR A 549 5.05 -18.89 -39.83
CA THR A 549 5.04 -20.27 -40.26
C THR A 549 3.66 -20.90 -40.21
N GLU A 550 2.59 -20.10 -40.07
CA GLU A 550 1.25 -20.64 -39.99
C GLU A 550 0.83 -21.32 -41.29
N THR A 551 1.48 -20.97 -42.39
CA THR A 551 1.27 -21.69 -43.66
C THR A 551 1.72 -23.13 -43.53
N ILE A 552 2.89 -23.37 -42.94
CA ILE A 552 3.37 -24.73 -42.73
C ILE A 552 2.49 -25.47 -41.73
N TYR A 553 2.20 -24.84 -40.59
CA TYR A 553 1.36 -25.42 -39.53
C TYR A 553 -0.03 -24.78 -39.57
N ASN A 554 -0.81 -25.17 -40.58
CA ASN A 554 -2.14 -24.60 -40.82
C ASN A 554 -3.22 -25.40 -40.07
N ASP A 555 -4.47 -24.95 -40.22
CA ASP A 555 -5.58 -25.60 -39.54
C ASP A 555 -5.68 -27.07 -39.92
N GLU A 556 -5.41 -27.38 -41.19
CA GLU A 556 -5.45 -28.78 -41.61
C GLU A 556 -4.44 -29.61 -40.84
N PHE A 557 -3.23 -29.07 -40.68
CA PHE A 557 -2.19 -29.78 -39.95
C PHE A 557 -2.60 -30.05 -38.52
N TYR A 558 -3.10 -29.03 -37.82
CA TYR A 558 -3.49 -29.21 -36.42
C TYR A 558 -4.62 -30.22 -36.28
N THR A 559 -5.64 -30.14 -37.14
CA THR A 559 -6.73 -31.12 -37.02
C THR A 559 -6.22 -32.53 -37.25
N LYS A 560 -5.21 -32.70 -38.12
CA LYS A 560 -4.61 -34.03 -38.30
C LYS A 560 -3.97 -34.51 -37.01
N GLN A 561 -3.34 -33.61 -36.25
CA GLN A 561 -2.61 -33.99 -35.06
C GLN A 561 -3.54 -34.37 -33.90
N ASP A 562 -3.31 -35.56 -33.33
CA ASP A 562 -4.10 -35.97 -32.17
C ASP A 562 -3.70 -35.20 -30.92
N VAL A 563 -2.41 -34.88 -30.75
CA VAL A 563 -1.99 -34.17 -29.53
C VAL A 563 -0.89 -33.18 -29.87
N ILE A 564 -0.85 -32.07 -29.14
CA ILE A 564 0.24 -31.11 -29.25
C ILE A 564 0.92 -31.00 -27.89
N ILE A 565 2.25 -31.03 -27.89
CA ILE A 565 3.03 -30.96 -26.66
C ILE A 565 4.05 -29.84 -26.84
N THR A 566 4.13 -28.95 -25.85
CA THR A 566 4.99 -27.77 -25.91
C THR A 566 6.16 -27.92 -24.95
N ALA A 567 7.38 -27.94 -25.50
CA ALA A 567 8.60 -27.90 -24.71
C ALA A 567 9.31 -26.56 -24.94
N LEU A 568 8.58 -25.47 -24.76
CA LEU A 568 9.06 -24.14 -25.11
C LEU A 568 9.71 -23.47 -23.90
N ASP A 569 10.34 -22.31 -24.14
CA ASP A 569 10.91 -21.52 -23.06
C ASP A 569 10.28 -20.13 -22.87
N ASN A 570 9.31 -19.72 -23.69
CA ASN A 570 8.76 -18.37 -23.61
C ASN A 570 7.24 -18.40 -23.64
N VAL A 571 6.61 -17.50 -22.87
CA VAL A 571 5.15 -17.51 -22.78
C VAL A 571 4.50 -17.11 -24.09
N GLU A 572 5.15 -16.26 -24.89
CA GLU A 572 4.53 -15.82 -26.13
C GLU A 572 4.25 -17.01 -27.05
N ALA A 573 5.23 -17.90 -27.19
CA ALA A 573 5.04 -19.08 -28.02
C ALA A 573 3.97 -19.99 -27.43
N ARG A 574 3.95 -20.13 -26.11
CA ARG A 574 2.92 -20.93 -25.47
C ARG A 574 1.54 -20.36 -25.78
N ARG A 575 1.39 -19.05 -25.73
CA ARG A 575 0.08 -18.46 -26.03
C ARG A 575 -0.29 -18.65 -27.49
N TYR A 576 0.68 -18.52 -28.41
CA TYR A 576 0.34 -18.73 -29.82
C TYR A 576 -0.11 -20.17 -30.07
N VAL A 577 0.67 -21.14 -29.57
CA VAL A 577 0.29 -22.54 -29.78
C VAL A 577 -1.03 -22.84 -29.09
N ASP A 578 -1.27 -22.23 -27.92
CA ASP A 578 -2.54 -22.43 -27.23
C ASP A 578 -3.71 -21.87 -28.05
N SER A 579 -3.52 -20.71 -28.69
CA SER A 579 -4.56 -20.17 -29.54
C SER A 579 -4.85 -21.10 -30.71
N ARG A 580 -3.79 -21.64 -31.32
CA ARG A 580 -3.95 -22.57 -32.44
C ARG A 580 -4.73 -23.82 -32.00
N CYS A 581 -4.39 -24.36 -30.83
CA CYS A 581 -5.08 -25.55 -30.33
C CYS A 581 -6.54 -25.24 -30.02
N LEU A 582 -6.81 -24.07 -29.43
CA LEU A 582 -8.20 -23.71 -29.17
C LEU A 582 -8.99 -23.63 -30.48
N ALA A 583 -8.38 -23.06 -31.52
CA ALA A 583 -9.09 -22.91 -32.78
C ALA A 583 -9.43 -24.27 -33.37
N ASN A 584 -8.48 -25.21 -33.35
CA ASN A 584 -8.71 -26.51 -33.96
C ASN A 584 -9.18 -27.58 -32.98
N LEU A 585 -9.57 -27.21 -31.76
CA LEU A 585 -10.17 -28.13 -30.80
C LEU A 585 -9.31 -29.38 -30.63
N ARG A 586 -8.03 -29.17 -30.34
CA ARG A 586 -7.05 -30.21 -30.10
C ARG A 586 -6.47 -30.06 -28.69
N PRO A 587 -6.09 -31.15 -28.04
CA PRO A 587 -5.46 -31.04 -26.72
C PRO A 587 -4.00 -30.60 -26.79
N LEU A 588 -3.61 -29.86 -25.74
CA LEU A 588 -2.27 -29.33 -25.55
C LEU A 588 -1.71 -29.76 -24.20
N LEU A 589 -0.46 -30.21 -24.20
CA LEU A 589 0.27 -30.55 -22.98
C LEU A 589 1.44 -29.60 -22.82
N ASP A 590 1.47 -28.85 -21.73
CA ASP A 590 2.47 -27.82 -21.49
C ASP A 590 3.27 -28.15 -20.23
N SER A 591 4.59 -27.98 -20.28
CA SER A 591 5.44 -28.26 -19.12
C SER A 591 6.61 -27.29 -19.05
N GLY A 592 7.14 -27.13 -17.84
CA GLY A 592 8.30 -26.25 -17.65
C GLY A 592 9.11 -26.59 -16.42
N THR A 593 10.40 -26.23 -16.47
CA THR A 593 11.36 -26.50 -15.39
C THR A 593 12.12 -25.24 -15.04
N MET A 594 12.19 -24.95 -13.73
CA MET A 594 12.94 -23.85 -13.13
C MET A 594 13.82 -24.42 -12.02
N GLY A 595 15.07 -24.73 -12.35
CA GLY A 595 15.97 -25.31 -11.37
C GLY A 595 15.43 -26.66 -10.92
N THR A 596 15.21 -26.80 -9.61
CA THR A 596 14.60 -28.00 -9.06
C THR A 596 13.07 -28.00 -9.17
N LYS A 597 12.46 -26.86 -9.48
CA LYS A 597 11.01 -26.72 -9.61
C LYS A 597 10.53 -27.14 -11.00
N GLY A 598 9.33 -27.72 -11.05
CA GLY A 598 8.75 -28.16 -12.31
C GLY A 598 7.23 -28.14 -12.29
N HIS A 599 6.64 -28.08 -13.48
CA HIS A 599 5.18 -28.05 -13.59
C HIS A 599 4.69 -28.68 -14.88
N THR A 600 3.48 -29.26 -14.80
CA THR A 600 2.76 -29.85 -15.93
C THR A 600 1.32 -29.33 -15.93
N GLU A 601 0.83 -29.01 -17.14
CA GLU A 601 -0.51 -28.51 -17.39
C GLU A 601 -1.14 -29.27 -18.56
N VAL A 602 -2.34 -29.80 -18.36
CA VAL A 602 -3.07 -30.57 -19.37
C VAL A 602 -4.29 -29.76 -19.80
N ILE A 603 -4.42 -29.51 -21.10
CA ILE A 603 -5.49 -28.73 -21.69
C ILE A 603 -6.23 -29.64 -22.65
N VAL A 604 -7.48 -29.95 -22.35
CA VAL A 604 -8.27 -30.90 -23.11
C VAL A 604 -9.50 -30.17 -23.65
N PRO A 605 -9.83 -30.28 -24.93
CA PRO A 605 -10.94 -29.49 -25.47
C PRO A 605 -12.26 -29.82 -24.78
N HIS A 606 -12.98 -28.76 -24.40
CA HIS A 606 -14.33 -28.80 -23.84
C HIS A 606 -14.37 -29.33 -22.40
N LEU A 607 -13.23 -29.70 -21.82
CA LEU A 607 -13.17 -30.18 -20.44
C LEU A 607 -12.40 -29.26 -19.51
N THR A 608 -11.33 -28.64 -20.01
CA THR A 608 -10.44 -27.86 -19.18
C THR A 608 -10.24 -26.48 -19.79
N GLU A 609 -9.84 -25.55 -18.95
CA GLU A 609 -9.50 -24.22 -19.38
C GLU A 609 -8.12 -24.23 -20.05
N SER A 610 -7.86 -23.20 -20.85
CA SER A 610 -6.66 -23.14 -21.68
C SER A 610 -5.58 -22.26 -21.03
N TYR A 611 -4.40 -22.24 -21.67
CA TYR A 611 -3.28 -21.47 -21.16
C TYR A 611 -3.55 -19.97 -21.19
N ASN A 612 -4.26 -19.48 -22.21
CA ASN A 612 -4.51 -18.06 -22.33
C ASN A 612 -5.46 -17.52 -21.24
N SER A 613 -6.11 -18.39 -20.48
CA SER A 613 -7.01 -18.00 -19.40
C SER A 613 -6.29 -17.54 -18.13
N HIS A 614 -4.95 -17.61 -18.08
CA HIS A 614 -4.19 -17.22 -16.91
C HIS A 614 -4.23 -15.71 -16.67
N ARG A 615 -3.68 -15.30 -15.51
CA ARG A 615 -3.64 -13.90 -15.09
C ARG A 615 -2.56 -13.10 -15.82
N ASP A 616 -1.65 -13.77 -16.52
CA ASP A 616 -0.59 -13.17 -17.32
C ASP A 616 -0.05 -11.85 -16.77
N PRO A 617 0.63 -11.86 -15.63
CA PRO A 617 1.21 -10.63 -15.09
C PRO A 617 2.57 -10.35 -15.73
N PRO A 618 2.86 -9.10 -16.10
CA PRO A 618 4.22 -8.80 -16.58
C PRO A 618 5.20 -8.95 -15.42
N GLU A 619 6.39 -9.45 -15.72
CA GLU A 619 7.35 -9.79 -14.67
C GLU A 619 7.81 -8.52 -13.93
N GLU A 620 8.26 -7.51 -14.67
CA GLU A 620 8.73 -6.27 -14.07
C GLU A 620 8.69 -5.15 -15.11
N GLU A 621 8.71 -3.90 -14.61
CA GLU A 621 8.72 -2.71 -15.47
C GLU A 621 9.52 -1.63 -14.74
N ILE A 622 10.85 -1.74 -14.84
CA ILE A 622 11.74 -0.78 -14.18
C ILE A 622 11.48 0.62 -14.73
N PRO A 623 11.27 1.64 -13.88
CA PRO A 623 11.07 3.00 -14.41
C PRO A 623 12.30 3.50 -15.15
N PHE A 624 12.07 4.29 -16.21
CA PHE A 624 13.21 4.85 -16.93
C PHE A 624 14.09 5.68 -16.02
N ALA A 625 13.49 6.40 -15.06
CA ALA A 625 14.28 7.22 -14.15
C ALA A 625 15.22 6.37 -13.31
N THR A 626 14.78 5.19 -12.91
CA THR A 626 15.59 4.33 -12.07
C THR A 626 16.71 3.65 -12.84
N LEU A 627 16.53 3.49 -14.15
CA LEU A 627 17.54 2.87 -15.00
C LEU A 627 18.60 3.87 -15.43
N LYS A 628 18.16 5.07 -15.79
CA LYS A 628 19.06 6.03 -16.43
C LYS A 628 19.54 7.13 -15.50
N SER A 629 18.87 7.36 -14.36
CA SER A 629 19.33 8.38 -13.42
C SER A 629 19.51 7.90 -11.98
N PHE A 630 18.60 7.08 -11.45
CA PHE A 630 18.58 6.76 -10.02
C PHE A 630 18.45 5.25 -9.82
N PRO A 631 19.53 4.51 -10.05
CA PRO A 631 19.50 3.06 -9.76
C PRO A 631 19.62 2.77 -8.27
N ALA A 632 18.85 1.78 -7.81
CA ALA A 632 18.93 1.32 -6.43
C ALA A 632 19.43 -0.11 -6.27
N ALA A 633 19.62 -0.85 -7.36
CA ALA A 633 19.95 -2.27 -7.27
C ALA A 633 20.97 -2.63 -8.35
N ILE A 634 21.73 -3.70 -8.10
CA ILE A 634 22.66 -4.19 -9.10
C ILE A 634 21.91 -4.66 -10.34
N GLU A 635 20.65 -5.08 -10.17
CA GLU A 635 19.84 -5.47 -11.33
C GLU A 635 19.63 -4.29 -12.28
N HIS A 636 19.41 -3.10 -11.72
CA HIS A 636 19.21 -1.90 -12.54
C HIS A 636 20.47 -1.59 -13.35
N THR A 637 21.64 -1.68 -12.72
CA THR A 637 22.89 -1.39 -13.45
C THR A 637 23.20 -2.47 -14.48
N ILE A 638 22.91 -3.75 -14.17
CA ILE A 638 23.12 -4.79 -15.17
C ILE A 638 22.24 -4.54 -16.39
N GLN A 639 20.98 -4.16 -16.15
CA GLN A 639 20.09 -3.84 -17.27
C GLN A 639 20.64 -2.68 -18.09
N TRP A 640 21.13 -1.64 -17.41
CA TRP A 640 21.71 -0.50 -18.12
C TRP A 640 22.94 -0.92 -18.94
N ALA A 641 23.77 -1.81 -18.39
CA ALA A 641 24.96 -2.27 -19.11
C ALA A 641 24.59 -3.09 -20.34
N ARG A 642 23.61 -3.98 -20.20
CA ARG A 642 23.14 -4.76 -21.35
C ARG A 642 22.58 -3.84 -22.43
N ASP A 643 21.77 -2.88 -22.01
CA ASP A 643 21.19 -1.93 -22.97
C ASP A 643 22.29 -1.13 -23.66
N LYS A 644 23.32 -0.72 -22.92
CA LYS A 644 24.40 0.02 -23.54
C LYS A 644 25.17 -0.84 -24.53
N PHE A 645 25.38 -2.12 -24.20
CA PHE A 645 26.06 -3.00 -25.15
C PHE A 645 25.29 -3.08 -26.45
N GLU A 646 23.97 -3.28 -26.35
CA GLU A 646 23.15 -3.39 -27.57
C GLU A 646 23.13 -2.08 -28.35
N SER A 647 23.02 -0.94 -27.65
CA SER A 647 22.97 0.35 -28.32
C SER A 647 24.29 0.66 -29.01
N SER A 648 25.42 0.44 -28.33
CA SER A 648 26.71 0.83 -28.88
C SER A 648 27.12 -0.10 -30.02
N PHE A 649 26.90 -1.41 -29.88
CA PHE A 649 27.47 -2.36 -30.83
C PHE A 649 26.44 -3.11 -31.67
N SER A 650 25.16 -2.80 -31.56
CA SER A 650 24.17 -3.44 -32.42
C SER A 650 23.25 -2.44 -33.11
N HIS A 651 22.55 -1.61 -32.33
CA HIS A 651 21.56 -0.70 -32.89
C HIS A 651 22.22 0.38 -33.75
N LYS A 652 23.21 1.08 -33.20
CA LYS A 652 23.84 2.16 -33.95
C LYS A 652 24.53 1.67 -35.22
N PRO A 653 25.28 0.57 -35.23
CA PRO A 653 25.80 0.04 -36.51
C PRO A 653 24.71 -0.28 -37.51
N SER A 654 23.61 -0.88 -37.06
CA SER A 654 22.52 -1.22 -37.96
C SER A 654 21.95 0.02 -38.62
N LEU A 655 21.69 1.06 -37.82
CA LEU A 655 21.16 2.31 -38.37
C LEU A 655 22.17 2.96 -39.32
N PHE A 656 23.46 2.90 -38.99
CA PHE A 656 24.49 3.48 -39.84
C PHE A 656 24.48 2.82 -41.22
N ASN A 657 24.49 1.49 -41.25
CA ASN A 657 24.48 0.77 -42.52
C ASN A 657 23.18 1.04 -43.30
N LYS A 658 22.04 1.02 -42.61
CA LYS A 658 20.77 1.25 -43.28
C LYS A 658 20.72 2.64 -43.90
N PHE A 659 21.18 3.66 -43.16
CA PHE A 659 21.17 5.01 -43.69
C PHE A 659 21.99 5.10 -44.96
N TRP A 660 23.25 4.62 -44.92
CA TRP A 660 24.09 4.81 -46.10
C TRP A 660 23.65 3.96 -47.28
N GLN A 661 23.11 2.75 -47.06
CA GLN A 661 22.61 1.98 -48.18
C GLN A 661 21.33 2.62 -48.75
N THR A 662 20.45 3.14 -47.90
CA THR A 662 19.21 3.73 -48.38
C THR A 662 19.47 5.00 -49.18
N TYR A 663 20.36 5.87 -48.70
CA TYR A 663 20.61 7.15 -49.37
C TYR A 663 21.88 7.15 -50.22
N SER A 664 22.45 5.98 -50.50
CA SER A 664 23.57 5.80 -51.43
C SER A 664 24.75 6.70 -51.03
N SER A 665 25.30 7.49 -51.96
CA SER A 665 26.55 8.19 -51.72
C SER A 665 26.40 9.23 -50.60
N ALA A 666 27.53 9.56 -49.99
CA ALA A 666 27.55 10.65 -49.03
C ALA A 666 27.30 11.98 -49.71
N GLU A 667 27.79 12.14 -50.94
CA GLU A 667 27.57 13.36 -51.68
C GLU A 667 26.08 13.57 -51.94
N GLU A 668 25.36 12.49 -52.29
CA GLU A 668 23.91 12.58 -52.45
C GLU A 668 23.22 12.96 -51.14
N VAL A 669 23.69 12.41 -50.02
CA VAL A 669 23.11 12.76 -48.72
C VAL A 669 23.33 14.24 -48.42
N LEU A 670 24.52 14.75 -48.71
CA LEU A 670 24.80 16.17 -48.50
C LEU A 670 23.89 17.03 -49.35
N GLN A 671 23.71 16.64 -50.62
CA GLN A 671 22.83 17.40 -51.51
C GLN A 671 21.40 17.38 -51.01
N LYS A 672 20.94 16.23 -50.51
CA LYS A 672 19.58 16.13 -49.97
C LYS A 672 19.42 17.03 -48.75
N ILE A 673 20.40 17.02 -47.84
CA ILE A 673 20.31 17.84 -46.64
C ILE A 673 20.29 19.32 -46.99
N GLN A 674 21.14 19.73 -47.93
CA GLN A 674 21.14 21.14 -48.36
C GLN A 674 19.85 21.49 -49.09
N SER A 675 19.29 20.55 -49.84
CA SER A 675 18.03 20.79 -50.53
C SER A 675 16.87 20.97 -49.55
N GLY A 676 16.93 20.30 -48.41
CA GLY A 676 15.88 20.35 -47.43
C GLY A 676 15.09 19.07 -47.25
N HIS A 677 15.50 17.98 -47.91
CA HIS A 677 14.83 16.71 -47.75
C HIS A 677 15.08 16.16 -46.35
N SER A 678 14.09 15.45 -45.82
CA SER A 678 14.15 14.93 -44.46
C SER A 678 14.71 13.51 -44.49
N LEU A 679 15.85 13.31 -43.82
CA LEU A 679 16.47 11.99 -43.75
C LEU A 679 16.51 11.55 -42.30
N GLU A 680 15.94 10.38 -42.02
CA GLU A 680 15.77 9.93 -40.64
C GLU A 680 17.12 9.50 -40.06
N GLY A 681 17.46 10.02 -38.90
CA GLY A 681 18.73 9.69 -38.27
C GLY A 681 19.97 10.23 -38.97
N PHE A 683 21.68 13.03 -38.25
CA PHE A 683 22.59 13.63 -37.28
C PHE A 683 23.56 12.60 -36.69
N GLN A 684 23.01 11.54 -36.09
CA GLN A 684 23.85 10.56 -35.42
C GLN A 684 24.77 9.86 -36.41
N VAL A 685 24.26 9.54 -37.60
CA VAL A 685 25.06 8.84 -38.59
C VAL A 685 26.23 9.72 -39.05
N ILE A 686 25.97 11.00 -39.28
CA ILE A 686 27.03 11.91 -39.69
C ILE A 686 28.08 12.05 -38.59
N LYS A 687 27.64 12.13 -37.33
CA LYS A 687 28.60 12.17 -36.23
C LYS A 687 29.44 10.90 -36.19
N LEU A 688 28.81 9.74 -36.35
CA LEU A 688 29.55 8.49 -36.33
C LEU A 688 30.59 8.46 -37.45
N LEU A 689 30.22 8.95 -38.63
CA LEU A 689 31.18 9.00 -39.73
C LEU A 689 32.32 9.97 -39.44
N SER A 690 32.01 11.11 -38.82
CA SER A 690 33.05 12.08 -38.50
C SER A 690 34.02 11.54 -37.46
N ARG A 691 33.50 10.88 -36.43
CA ARG A 691 34.29 10.40 -35.31
C ARG A 691 34.69 8.93 -35.47
N ARG A 692 34.61 8.40 -36.68
CA ARG A 692 34.87 6.98 -36.89
C ARG A 692 36.32 6.67 -36.54
N PRO A 693 36.58 5.65 -35.72
CA PRO A 693 37.98 5.24 -35.47
C PRO A 693 38.63 4.65 -36.69
N ARG A 694 39.93 4.95 -36.87
CA ARG A 694 40.72 4.41 -37.97
C ARG A 694 41.84 3.47 -37.52
N ASN A 695 42.14 3.37 -36.22
CA ASN A 695 43.23 2.52 -35.75
C ASN A 695 42.99 2.17 -34.29
N TRP A 696 43.79 1.25 -33.76
CA TRP A 696 43.53 0.71 -32.42
C TRP A 696 43.62 1.80 -31.35
N SER A 697 44.58 2.71 -31.45
CA SER A 697 44.71 3.74 -30.44
C SER A 697 43.45 4.59 -30.37
N GLN A 698 42.81 4.83 -31.51
CA GLN A 698 41.55 5.56 -31.52
C GLN A 698 40.47 4.83 -30.73
N CYS A 699 40.41 3.51 -30.89
CA CYS A 699 39.43 2.71 -30.15
C CYS A 699 39.71 2.74 -28.65
N VAL A 700 40.99 2.67 -28.27
CA VAL A 700 41.35 2.77 -26.86
C VAL A 700 40.96 4.14 -26.31
N GLU A 701 41.21 5.19 -27.09
CA GLU A 701 40.80 6.54 -26.69
C GLU A 701 39.29 6.65 -26.56
N LEU A 702 38.55 6.03 -27.47
CA LEU A 702 37.09 6.04 -27.39
C LEU A 702 36.61 5.34 -26.13
N ALA A 703 37.22 4.20 -25.79
CA ALA A 703 36.87 3.51 -24.56
C ALA A 703 37.15 4.39 -23.34
N ARG A 704 38.29 5.09 -23.34
CA ARG A 704 38.62 5.96 -22.20
C ARG A 704 37.65 7.13 -22.09
N LEU A 705 37.33 7.77 -23.22
CA LEU A 705 36.41 8.90 -23.20
C LEU A 705 35.00 8.46 -22.79
N LYS A 706 34.55 7.30 -23.28
CA LYS A 706 33.25 6.78 -22.89
C LYS A 706 33.23 6.43 -21.40
N PHE A 707 34.33 5.87 -20.88
CA PHE A 707 34.42 5.63 -19.45
C PHE A 707 34.24 6.94 -18.68
N GLU A 708 34.94 7.98 -19.12
CA GLU A 708 34.84 9.27 -18.44
C GLU A 708 33.41 9.80 -18.47
N LYS A 709 32.76 9.71 -19.63
CA LYS A 709 31.38 10.20 -19.74
C LYS A 709 30.43 9.38 -18.86
N TYR A 710 30.56 8.05 -18.87
CA TYR A 710 29.61 7.20 -18.15
C TYR A 710 29.78 7.32 -16.64
N PHE A 711 31.03 7.30 -16.14
CA PHE A 711 31.27 7.13 -14.71
C PHE A 711 31.84 8.38 -14.04
N ASN A 712 32.03 9.48 -14.76
CA ASN A 712 32.46 10.73 -14.14
C ASN A 712 31.50 11.87 -14.48
N HIS A 713 31.29 12.12 -15.78
CA HIS A 713 30.46 13.25 -16.19
C HIS A 713 29.01 13.07 -15.79
N LYS A 714 28.47 11.85 -15.90
CA LYS A 714 27.07 11.64 -15.55
C LYS A 714 26.82 12.00 -14.09
N ALA A 715 27.71 11.59 -13.19
CA ALA A 715 27.55 11.90 -11.78
C ALA A 715 27.56 13.39 -11.55
N LEU A 716 28.53 14.10 -12.15
CA LEU A 716 28.64 15.54 -11.92
C LEU A 716 27.42 16.28 -12.47
N GLN A 717 26.93 15.87 -13.65
CA GLN A 717 25.77 16.54 -14.24
C GLN A 717 24.51 16.26 -13.41
N LEU A 718 24.34 15.04 -12.90
CA LEU A 718 23.20 14.78 -12.02
C LEU A 718 23.32 15.58 -10.73
N LEU A 719 24.53 15.68 -10.19
CA LEU A 719 24.74 16.45 -8.96
C LEU A 719 24.49 17.94 -9.18
N HIS A 720 24.77 18.45 -10.37
CA HIS A 720 24.50 19.87 -10.65
C HIS A 720 23.01 20.18 -10.72
N PHE A 722 20.71 18.44 -9.56
CA PHE A 722 20.17 18.02 -8.28
C PHE A 722 21.27 17.89 -7.22
N PRO A 723 21.64 19.00 -6.57
CA PRO A 723 22.62 18.92 -5.48
C PRO A 723 22.04 18.23 -4.26
N LEU A 724 22.94 17.78 -3.38
CA LEU A 724 22.49 17.08 -2.18
C LEU A 724 21.61 17.97 -1.31
N ASP A 725 21.84 19.28 -1.33
CA ASP A 725 21.12 20.19 -0.44
C ASP A 725 19.67 20.44 -0.85
N ILE A 726 19.33 20.34 -2.13
CA ILE A 726 17.98 20.70 -2.57
C ILE A 726 16.96 19.74 -1.96
N ARG A 727 15.91 20.31 -1.38
CA ARG A 727 14.82 19.56 -0.76
C ARG A 727 13.52 20.35 -0.91
N LEU A 728 12.62 19.89 -1.79
CA LEU A 728 11.34 20.56 -1.93
C LEU A 728 10.21 19.69 -2.48
N LYS A 729 10.39 18.37 -2.63
CA LYS A 729 9.27 17.54 -3.09
C LYS A 729 8.07 17.70 -2.19
N ASP A 730 8.27 17.58 -0.87
CA ASP A 730 7.23 17.72 0.13
C ASP A 730 7.75 18.66 1.22
N GLY A 731 7.93 19.92 0.86
CA GLY A 731 8.46 20.92 1.77
C GLY A 731 9.97 20.85 1.93
N SER A 732 10.48 19.67 2.32
CA SER A 732 11.92 19.47 2.50
C SER A 732 12.26 18.00 2.19
N LEU A 733 12.29 17.66 0.91
CA LEU A 733 12.54 16.26 0.54
C LEU A 733 13.21 16.19 -0.84
N PHE A 734 14.33 15.45 -0.91
CA PHE A 734 14.95 15.04 -2.17
C PHE A 734 16.14 14.16 -1.80
N TRP A 735 16.56 13.26 -2.69
CA TRP A 735 17.58 12.26 -2.42
C TRP A 735 17.29 11.51 -1.11
N GLN A 736 16.11 10.90 -1.07
CA GLN A 736 15.62 10.12 0.06
C GLN A 736 16.14 8.69 -0.08
N SER A 737 15.68 7.80 0.79
CA SER A 737 16.20 6.43 0.80
C SER A 737 16.18 5.72 -0.54
N PRO A 738 15.14 5.82 -1.38
CA PRO A 738 15.23 5.16 -2.70
C PRO A 738 16.35 5.68 -3.59
N LYS A 739 16.53 7.00 -3.65
CA LYS A 739 17.58 7.57 -4.49
C LYS A 739 18.94 7.42 -3.82
N ARG A 740 19.97 7.40 -4.66
CA ARG A 740 21.34 7.37 -4.17
C ARG A 740 22.10 8.48 -4.88
N PRO A 741 22.81 9.34 -4.17
CA PRO A 741 23.59 10.37 -4.84
C PRO A 741 24.84 9.76 -5.46
N PRO A 742 25.15 10.12 -6.71
CA PRO A 742 26.30 9.54 -7.38
C PRO A 742 27.61 10.18 -6.94
N SER A 743 28.69 9.44 -7.16
CA SER A 743 30.03 9.92 -6.86
C SER A 743 30.93 9.72 -8.07
N PRO A 744 31.63 10.76 -8.54
CA PRO A 744 32.48 10.59 -9.73
C PRO A 744 33.63 9.62 -9.45
N ILE A 745 34.07 8.95 -10.52
CA ILE A 745 35.12 7.95 -10.44
C ILE A 745 36.32 8.42 -11.27
N LYS A 746 37.52 8.21 -10.72
CA LYS A 746 38.77 8.61 -11.36
C LYS A 746 39.43 7.39 -11.97
N PHE A 747 39.71 7.45 -13.28
CA PHE A 747 40.27 6.31 -14.00
C PHE A 747 41.69 6.00 -13.54
N ASP A 748 41.93 4.72 -13.24
CA ASP A 748 43.25 4.23 -12.88
C ASP A 748 43.45 2.90 -13.60
N LEU A 749 44.40 2.83 -14.54
CA LEU A 749 44.62 1.58 -15.26
C LEU A 749 45.08 0.46 -14.34
N ASN A 750 45.66 0.79 -13.18
CA ASN A 750 46.05 -0.23 -12.22
C ASN A 750 44.85 -0.98 -11.66
N GLU A 751 43.75 -0.28 -11.41
CA GLU A 751 42.55 -0.90 -10.86
C GLU A 751 42.00 -1.93 -11.85
N PRO A 752 41.45 -3.07 -11.36
CA PRO A 752 41.05 -4.15 -12.27
C PRO A 752 39.85 -3.83 -13.16
N LEU A 753 38.79 -3.27 -12.59
CA LEU A 753 37.59 -2.99 -13.37
C LEU A 753 37.89 -2.01 -14.49
N HIS A 754 38.74 -1.02 -14.22
CA HIS A 754 39.03 0.01 -15.20
C HIS A 754 39.73 -0.58 -16.42
N LEU A 755 40.75 -1.41 -16.18
CA LEU A 755 41.45 -2.07 -17.28
C LEU A 755 40.53 -3.02 -18.03
N SER A 756 39.66 -3.74 -17.32
CA SER A 756 38.74 -4.66 -17.99
C SER A 756 37.78 -3.91 -18.89
N PHE A 757 37.18 -2.83 -18.39
CA PHE A 757 36.29 -2.03 -19.21
C PHE A 757 37.02 -1.51 -20.44
N LEU A 758 38.23 -0.96 -20.25
CA LEU A 758 38.96 -0.41 -21.38
C LEU A 758 39.22 -1.47 -22.43
N GLN A 759 39.72 -2.63 -22.01
CA GLN A 759 40.10 -3.68 -22.95
C GLN A 759 38.89 -4.17 -23.74
N ASN A 760 37.83 -4.55 -23.03
CA ASN A 760 36.68 -5.14 -23.71
C ASN A 760 35.93 -4.11 -24.54
N ALA A 761 35.79 -2.88 -24.04
CA ALA A 761 35.14 -1.82 -24.80
C ALA A 761 35.91 -1.50 -26.07
N ALA A 762 37.23 -1.41 -25.98
CA ALA A 762 38.03 -1.12 -27.16
C ALA A 762 37.91 -2.25 -28.18
N LYS A 763 37.95 -3.51 -27.71
CA LYS A 763 37.83 -4.61 -28.65
C LYS A 763 36.49 -4.57 -29.38
N LEU A 764 35.41 -4.30 -28.65
CA LEU A 764 34.08 -4.29 -29.25
C LEU A 764 33.93 -3.15 -30.27
N TYR A 765 34.40 -1.94 -29.91
CA TYR A 765 34.38 -0.84 -30.87
C TYR A 765 35.22 -1.17 -32.10
N ALA A 766 36.39 -1.79 -31.88
CA ALA A 766 37.27 -2.12 -33.00
C ALA A 766 36.62 -3.10 -33.96
N THR A 767 35.99 -4.14 -33.42
CA THR A 767 35.30 -5.09 -34.30
C THR A 767 34.14 -4.43 -35.04
N VAL A 768 33.45 -3.51 -34.38
CA VAL A 768 32.36 -2.80 -35.04
C VAL A 768 32.88 -1.95 -36.20
N TYR A 769 34.05 -1.35 -36.02
CA TYR A 769 34.63 -0.51 -37.07
C TYR A 769 35.69 -1.23 -37.91
N ILE A 771 38.64 -2.68 -37.20
CA ILE A 771 40.04 -2.34 -36.90
C ILE A 771 40.80 -3.59 -36.46
N PRO A 772 41.94 -3.90 -37.10
CA PRO A 772 42.72 -5.06 -36.67
C PRO A 772 43.50 -4.79 -35.39
N PHE A 773 43.50 -5.77 -34.50
CA PHE A 773 44.23 -5.65 -33.24
C PHE A 773 44.69 -7.03 -32.79
N ALA A 774 45.65 -7.05 -31.86
CA ALA A 774 46.23 -8.28 -31.35
C ALA A 774 46.33 -8.20 -29.83
N GLU A 775 46.60 -9.34 -29.20
CA GLU A 775 46.76 -9.35 -27.75
C GLU A 775 47.90 -8.44 -27.33
N GLU A 776 48.88 -8.23 -28.22
CA GLU A 776 49.92 -7.25 -27.97
C GLU A 776 49.31 -5.88 -27.74
N ASP A 777 48.29 -5.53 -28.55
CA ASP A 777 47.60 -4.25 -28.37
C ASP A 777 46.84 -4.20 -27.05
N LEU A 778 46.28 -5.33 -26.62
CA LEU A 778 45.49 -5.38 -25.40
C LEU A 778 46.32 -5.33 -24.13
N SER A 779 47.65 -5.44 -24.24
CA SER A 779 48.52 -5.38 -23.07
C SER A 779 48.36 -4.04 -22.35
N ALA A 780 48.42 -4.10 -21.02
CA ALA A 780 48.25 -2.89 -20.23
C ALA A 780 49.36 -1.87 -20.49
N ASP A 781 50.59 -2.34 -20.73
CA ASP A 781 51.68 -1.42 -21.00
C ASP A 781 51.44 -0.66 -22.31
N ALA A 782 51.04 -1.38 -23.36
CA ALA A 782 50.75 -0.74 -24.64
C ALA A 782 49.59 0.25 -24.51
N LEU A 783 48.54 -0.15 -23.79
CA LEU A 783 47.41 0.73 -23.57
C LEU A 783 47.84 1.97 -22.80
N LEU A 784 48.73 1.80 -21.82
CA LEU A 784 49.22 2.94 -21.05
C LEU A 784 49.99 3.90 -21.92
N ASN A 785 50.82 3.38 -22.83
CA ASN A 785 51.54 4.26 -23.74
C ASN A 785 50.57 5.03 -24.63
N ILE A 786 49.51 4.36 -25.10
CA ILE A 786 48.50 5.05 -25.91
C ILE A 786 47.77 6.11 -25.07
N LEU A 787 47.36 5.76 -23.84
CA LEU A 787 46.49 6.64 -23.07
C LEU A 787 47.22 7.78 -22.36
N SER A 788 48.16 7.45 -21.46
CA SER A 788 48.78 8.47 -20.63
C SER A 788 49.53 9.49 -21.48
N GLU A 789 50.26 9.02 -22.49
CA GLU A 789 51.05 9.93 -23.30
C GLU A 789 50.15 10.88 -24.08
N VAL A 790 49.00 10.41 -24.57
CA VAL A 790 48.09 11.23 -25.37
C VAL A 790 46.67 11.18 -24.80
N LYS A 791 46.45 11.87 -23.67
CA LYS A 791 45.14 11.90 -23.01
C LYS A 791 44.57 13.31 -22.96
N ILE A 792 43.44 13.53 -23.65
CA ILE A 792 42.73 14.82 -23.66
C ILE A 792 41.47 14.70 -22.81
N GLN A 793 41.54 15.11 -21.54
CA GLN A 793 40.39 15.05 -20.63
C GLN A 793 39.99 16.46 -20.14
N GLU A 794 39.11 17.13 -20.89
CA GLU A 794 38.65 18.47 -20.52
C GLU A 794 37.55 18.38 -19.45
N PHE A 795 37.60 19.29 -18.47
CA PHE A 795 36.63 19.29 -17.37
C PHE A 795 35.40 20.08 -17.83
N LYS A 796 34.43 19.35 -18.40
CA LYS A 796 33.28 19.97 -19.06
C LYS A 796 32.33 20.62 -18.04
N PRO A 797 31.73 21.78 -18.38
CA PRO A 797 30.73 22.37 -17.49
C PRO A 797 29.40 21.64 -17.63
N SER A 798 28.56 21.83 -16.62
CA SER A 798 27.25 21.20 -16.64
C SER A 798 26.43 21.74 -17.80
N ASN A 799 25.55 20.88 -18.34
CA ASN A 799 24.71 21.31 -19.45
C ASN A 799 23.78 22.44 -19.02
N LYS A 800 23.06 22.26 -17.92
CA LYS A 800 22.15 23.30 -17.46
C LYS A 800 22.90 24.55 -17.00
N VAL A 801 24.02 24.35 -16.30
CA VAL A 801 24.83 25.45 -15.74
C VAL A 801 23.96 26.64 -15.33
N SER A 818 19.03 24.59 -36.50
CA SER A 818 19.77 25.24 -37.57
C SER A 818 21.28 25.08 -37.37
N GLU A 819 21.75 25.38 -36.16
CA GLU A 819 23.17 25.24 -35.85
C GLU A 819 23.59 23.78 -35.91
N ASP A 820 22.77 22.88 -35.36
CA ASP A 820 23.10 21.46 -35.41
C ASP A 820 23.11 20.96 -36.85
N GLU A 821 22.15 21.41 -37.66
CA GLU A 821 22.12 21.01 -39.05
C GLU A 821 23.35 21.50 -39.79
N ARG A 822 23.78 22.74 -39.54
CA ARG A 822 24.99 23.26 -40.16
C ARG A 822 26.22 22.48 -39.71
N ASN A 823 26.29 22.13 -38.43
CA ASN A 823 27.41 21.36 -37.92
C ASN A 823 27.50 20.00 -38.62
N ALA A 824 26.36 19.32 -38.78
CA ALA A 824 26.36 18.06 -39.51
C ALA A 824 26.78 18.27 -40.96
N ILE A 825 26.32 19.35 -41.59
CA ILE A 825 26.71 19.64 -42.97
C ILE A 825 28.22 19.85 -43.07
N PHE A 826 28.81 20.58 -42.12
CA PHE A 826 30.26 20.79 -42.13
C PHE A 826 31.01 19.48 -41.95
N GLN A 827 30.53 18.62 -41.04
CA GLN A 827 31.20 17.34 -40.82
C GLN A 827 31.17 16.49 -42.10
N LEU A 828 29.99 16.40 -42.74
CA LEU A 828 29.87 15.61 -43.95
C LEU A 828 30.73 16.17 -45.08
N GLU A 829 30.78 17.50 -45.19
CA GLU A 829 31.62 18.14 -46.20
C GLU A 829 33.09 17.80 -45.99
N LYS A 830 33.56 17.93 -44.74
CA LYS A 830 34.96 17.64 -44.47
C LYS A 830 35.28 16.18 -44.74
N ALA A 831 34.36 15.27 -44.41
CA ALA A 831 34.61 13.85 -44.60
C ALA A 831 34.73 13.50 -46.08
N ILE A 832 33.77 13.92 -46.90
CA ILE A 832 33.86 13.61 -48.32
C ILE A 832 35.09 14.30 -48.92
N LEU A 833 35.44 15.48 -48.41
CA LEU A 833 36.59 16.21 -48.94
C LEU A 833 37.91 15.48 -48.66
N SER A 834 38.03 14.88 -47.49
CA SER A 834 39.28 14.21 -47.10
C SER A 834 39.35 12.77 -47.56
N ASN A 835 38.35 12.29 -48.31
CA ASN A 835 38.26 10.90 -48.76
C ASN A 835 37.97 9.94 -47.60
N GLU A 836 37.48 10.46 -46.48
CA GLU A 836 37.12 9.64 -45.34
C GLU A 836 35.74 9.01 -45.46
N ALA A 837 34.92 9.46 -46.41
CA ALA A 837 33.57 8.94 -46.57
C ALA A 837 33.50 7.98 -47.75
N THR A 838 34.53 7.13 -47.86
CA THR A 838 34.52 6.10 -48.88
C THR A 838 33.50 5.03 -48.51
N LYS A 839 33.15 4.20 -49.50
CA LYS A 839 32.16 3.16 -49.25
C LYS A 839 32.58 2.27 -48.09
N SER A 840 33.90 2.03 -47.96
CA SER A 840 34.40 1.20 -46.87
C SER A 840 34.12 1.83 -45.50
N ASP A 841 34.18 3.15 -45.40
CA ASP A 841 33.91 3.86 -44.14
C ASP A 841 32.43 4.08 -43.88
N LEU A 842 31.57 3.91 -44.89
CA LEU A 842 30.13 4.03 -44.72
C LEU A 842 29.49 2.71 -44.31
N GLN A 843 30.30 1.72 -43.92
CA GLN A 843 29.84 0.41 -43.49
C GLN A 843 30.42 0.07 -42.11
N MET A 844 29.58 -0.58 -41.29
CA MET A 844 29.96 -1.00 -39.96
C MET A 844 29.53 -2.46 -39.76
N ALA A 845 30.11 -3.11 -38.75
CA ALA A 845 29.80 -4.49 -38.42
C ALA A 845 28.92 -4.54 -37.18
N VAL A 846 27.89 -5.39 -37.23
CA VAL A 846 26.89 -5.48 -36.16
C VAL A 846 27.19 -6.71 -35.34
N LEU A 847 27.22 -6.55 -34.01
CA LEU A 847 27.50 -7.64 -33.09
C LEU A 847 26.18 -8.14 -32.52
N SER A 848 26.11 -9.45 -32.26
CA SER A 848 24.95 -10.05 -31.63
C SER A 848 25.35 -10.53 -30.24
N PHE A 849 24.61 -10.13 -29.22
CA PHE A 849 24.96 -10.51 -27.86
C PHE A 849 24.97 -12.02 -27.75
N GLU A 850 26.07 -12.56 -27.22
CA GLU A 850 26.22 -13.99 -27.01
C GLU A 850 26.79 -14.17 -25.60
N LYS A 851 25.95 -14.69 -24.70
CA LYS A 851 26.37 -14.85 -23.32
C LYS A 851 27.37 -16.01 -23.15
N ASP A 852 27.25 -17.04 -23.98
CA ASP A 852 27.98 -18.28 -23.79
C ASP A 852 29.36 -18.33 -24.46
N ASP A 853 29.83 -17.22 -25.04
CA ASP A 853 31.19 -17.19 -25.59
C ASP A 853 32.06 -16.32 -24.68
N ASP A 854 32.99 -16.96 -23.97
CA ASP A 854 33.90 -16.22 -23.10
C ASP A 854 34.90 -15.37 -23.89
N HIS A 855 35.28 -15.83 -25.08
CA HIS A 855 36.25 -15.07 -25.86
C HIS A 855 35.70 -13.73 -26.35
N ASN A 856 34.40 -13.66 -26.67
CA ASN A 856 33.88 -12.48 -27.37
C ASN A 856 33.97 -11.21 -26.52
N GLY A 857 33.96 -11.32 -25.20
CA GLY A 857 34.09 -10.15 -24.35
C GLY A 857 32.81 -9.39 -24.09
N HIS A 858 31.65 -9.91 -24.52
CA HIS A 858 30.37 -9.25 -24.28
C HIS A 858 30.05 -9.21 -22.79
N ILE A 859 30.12 -10.36 -22.13
CA ILE A 859 29.74 -10.42 -20.72
C ILE A 859 30.73 -9.65 -19.86
N ASP A 860 32.02 -9.69 -20.21
CA ASP A 860 33.01 -8.98 -19.41
C ASP A 860 32.80 -7.47 -19.48
N PHE A 861 32.48 -6.94 -20.67
CA PHE A 861 32.14 -5.53 -20.79
C PHE A 861 30.90 -5.20 -19.98
N ILE A 862 29.86 -6.04 -20.06
CA ILE A 862 28.64 -5.74 -19.32
C ILE A 862 28.89 -5.77 -17.81
N THR A 863 29.70 -6.73 -17.35
CA THR A 863 29.99 -6.83 -15.93
C THR A 863 30.80 -5.63 -15.45
N ALA A 864 31.83 -5.23 -16.23
CA ALA A 864 32.62 -4.07 -15.85
C ALA A 864 31.75 -2.81 -15.81
N ALA A 865 30.91 -2.62 -16.83
CA ALA A 865 30.08 -1.42 -16.87
C ALA A 865 29.09 -1.41 -15.71
N SER A 866 28.45 -2.55 -15.45
CA SER A 866 27.47 -2.63 -14.38
C SER A 866 28.13 -2.35 -13.03
N ASN A 867 29.30 -2.95 -12.79
CA ASN A 867 29.97 -2.77 -11.51
C ASN A 867 30.56 -1.36 -11.34
N LEU A 868 31.04 -0.75 -12.43
CA LEU A 868 31.53 0.63 -12.35
C LEU A 868 30.38 1.60 -12.06
N ARG A 869 29.25 1.43 -12.75
CA ARG A 869 28.07 2.23 -12.46
C ARG A 869 27.62 2.03 -11.02
N ALA A 870 27.68 0.77 -10.56
CA ALA A 870 27.35 0.47 -9.17
C ALA A 870 28.27 1.17 -8.20
N LYS A 871 29.58 1.16 -8.48
CA LYS A 871 30.52 1.87 -7.62
C LYS A 871 30.17 3.34 -7.56
N MET A 872 29.78 3.92 -8.71
CA MET A 872 29.38 5.32 -8.74
C MET A 872 28.17 5.58 -7.83
N TYR A 873 27.17 4.70 -7.87
CA TYR A 873 26.01 4.88 -6.98
C TYR A 873 26.16 4.10 -5.68
N SER A 874 27.28 3.41 -5.48
CA SER A 874 27.68 2.72 -4.26
C SER A 874 26.92 1.42 -3.98
N ILE A 875 26.13 0.90 -4.93
CA ILE A 875 25.52 -0.41 -4.75
C ILE A 875 26.60 -1.49 -4.93
N GLU A 876 26.46 -2.58 -4.19
CA GLU A 876 27.50 -3.61 -4.16
C GLU A 876 27.59 -4.36 -5.50
N PRO A 877 28.80 -4.71 -5.94
CA PRO A 877 28.97 -5.36 -7.26
C PRO A 877 28.47 -6.80 -7.27
N ALA A 878 28.36 -7.34 -8.49
CA ALA A 878 27.98 -8.73 -8.73
C ALA A 878 29.07 -9.43 -9.55
N ASP A 879 29.18 -10.75 -9.37
CA ASP A 879 30.20 -11.52 -10.06
C ASP A 879 29.90 -11.60 -11.55
N ARG A 880 30.86 -12.15 -12.30
CA ARG A 880 30.69 -12.32 -13.75
C ARG A 880 29.57 -13.31 -14.06
N PHE A 881 29.52 -14.43 -13.34
CA PHE A 881 28.51 -15.44 -13.60
C PHE A 881 27.13 -15.00 -13.13
N LYS A 882 27.04 -14.31 -12.00
CA LYS A 882 25.75 -13.77 -11.56
C LYS A 882 25.24 -12.74 -12.57
N THR A 883 26.13 -11.84 -13.00
CA THR A 883 25.76 -10.85 -14.00
C THR A 883 25.38 -11.52 -15.31
N LYS A 884 26.06 -12.61 -15.66
CA LYS A 884 25.71 -13.34 -16.87
C LYS A 884 24.31 -13.90 -16.79
N ARG A 885 23.96 -14.48 -15.63
CA ARG A 885 22.62 -15.03 -15.47
C ARG A 885 21.57 -13.95 -15.59
N ILE A 886 21.79 -12.80 -14.95
CA ILE A 886 20.80 -11.73 -14.99
C ILE A 886 20.73 -11.11 -16.39
N ALA A 887 21.88 -10.82 -17.00
CA ALA A 887 21.89 -10.14 -18.29
C ALA A 887 21.37 -11.02 -19.42
N GLY A 888 21.72 -12.30 -19.40
CA GLY A 888 21.27 -13.23 -20.41
C GLY A 888 19.95 -13.90 -20.13
N LYS A 889 19.32 -13.57 -19.01
CA LYS A 889 18.09 -14.23 -18.58
C LYS A 889 18.22 -15.76 -18.65
N ILE A 890 19.39 -16.25 -18.22
CA ILE A 890 19.62 -17.68 -18.12
C ILE A 890 18.75 -18.27 -17.01
N ILE A 891 18.14 -19.40 -17.27
CA ILE A 891 17.30 -20.10 -16.31
C ILE A 891 18.08 -21.29 -15.75
N PRO A 892 18.19 -21.43 -14.42
CA PRO A 892 18.86 -22.61 -13.86
C PRO A 892 18.14 -23.89 -14.27
N ALA A 893 18.92 -24.91 -14.67
CA ALA A 893 18.33 -26.15 -15.18
C ALA A 893 19.20 -27.36 -14.83
N ILE A 894 18.55 -28.45 -14.42
CA ILE A 894 19.22 -29.70 -14.07
C ILE A 894 18.44 -30.88 -14.64
N ALA A 895 19.17 -31.96 -14.99
CA ALA A 895 18.55 -33.09 -15.69
C ALA A 895 17.51 -33.82 -14.84
N THR A 896 17.69 -33.90 -13.54
CA THR A 896 16.76 -34.64 -12.70
C THR A 896 15.35 -34.08 -12.87
N THR A 897 15.21 -32.77 -12.77
CA THR A 897 13.90 -32.14 -12.82
C THR A 897 13.26 -32.30 -14.19
N THR A 898 14.04 -32.15 -15.27
CA THR A 898 13.47 -32.31 -16.60
C THR A 898 13.00 -33.74 -16.82
N ALA A 899 13.78 -34.74 -16.37
CA ALA A 899 13.33 -36.12 -16.55
C ALA A 899 12.02 -36.34 -15.80
N THR A 900 11.94 -35.82 -14.57
CA THR A 900 10.74 -35.99 -13.75
C THR A 900 9.52 -35.38 -14.44
N VAL A 901 9.63 -34.11 -14.85
CA VAL A 901 8.52 -33.41 -15.49
C VAL A 901 8.10 -34.12 -16.75
N SER A 902 9.07 -34.56 -17.56
CA SER A 902 8.76 -35.19 -18.83
C SER A 902 8.06 -36.52 -18.65
N GLY A 903 8.51 -37.33 -17.70
CA GLY A 903 7.81 -38.58 -17.43
C GLY A 903 6.37 -38.34 -17.07
N LEU A 904 6.11 -37.34 -16.24
CA LEU A 904 4.73 -37.03 -15.88
C LEU A 904 3.90 -36.59 -17.09
N VAL A 905 4.48 -35.76 -17.96
CA VAL A 905 3.73 -35.34 -19.15
C VAL A 905 3.38 -36.55 -20.01
N ALA A 906 4.31 -37.50 -20.13
CA ALA A 906 4.03 -38.69 -20.94
C ALA A 906 2.87 -39.49 -20.35
N LEU A 907 2.82 -39.62 -19.02
CA LEU A 907 1.66 -40.30 -18.44
C LEU A 907 0.35 -39.59 -18.82
N GLU A 908 0.35 -38.25 -18.77
CA GLU A 908 -0.85 -37.52 -19.15
C GLU A 908 -1.18 -37.74 -20.63
N MET A 909 -0.16 -37.85 -21.48
CA MET A 909 -0.40 -38.10 -22.89
C MET A 909 -1.06 -39.46 -23.09
N ILE A 910 -0.67 -40.46 -22.31
CA ILE A 910 -1.35 -41.75 -22.39
C ILE A 910 -2.83 -41.57 -22.08
N LYS A 911 -3.15 -40.82 -21.01
CA LYS A 911 -4.58 -40.62 -20.71
C LYS A 911 -5.30 -39.91 -21.85
N VAL A 912 -4.67 -38.90 -22.44
CA VAL A 912 -5.33 -38.13 -23.49
C VAL A 912 -5.60 -39.00 -24.71
N THR A 913 -4.66 -39.90 -25.06
CA THR A 913 -4.89 -40.75 -26.23
C THR A 913 -6.03 -41.73 -26.00
N GLY A 914 -6.29 -42.09 -24.76
CA GLY A 914 -7.42 -42.96 -24.47
C GLY A 914 -8.73 -42.23 -24.31
N GLY A 915 -8.73 -40.90 -24.47
CA GLY A 915 -9.91 -40.08 -24.33
C GLY A 915 -10.55 -40.17 -22.97
N TYR A 916 -9.73 -40.08 -21.93
CA TYR A 916 -10.15 -40.33 -20.57
C TYR A 916 -11.01 -39.18 -20.03
N PRO A 917 -11.79 -39.45 -18.97
CA PRO A 917 -12.66 -38.41 -18.38
C PRO A 917 -11.87 -37.29 -17.73
N PHE A 918 -12.59 -36.22 -17.38
CA PHE A 918 -11.98 -35.06 -16.74
C PHE A 918 -11.33 -35.44 -15.42
N GLU A 919 -11.95 -36.37 -14.68
CA GLU A 919 -11.41 -36.72 -13.36
C GLU A 919 -10.00 -37.27 -13.47
N ALA A 920 -9.72 -38.01 -14.55
CA ALA A 920 -8.45 -38.73 -14.66
C ALA A 920 -7.26 -37.78 -14.82
N TYR A 921 -7.40 -36.72 -15.60
CA TYR A 921 -6.26 -35.86 -15.88
C TYR A 921 -5.83 -35.09 -14.63
N LYS A 922 -4.52 -34.93 -14.45
CA LYS A 922 -3.96 -34.25 -13.30
C LYS A 922 -2.86 -33.28 -13.74
N ASN A 923 -2.87 -32.08 -13.18
CA ASN A 923 -1.80 -31.09 -13.30
C ASN A 923 -0.83 -31.28 -12.15
N CYS A 924 0.45 -30.97 -12.38
CA CYS A 924 1.45 -31.25 -11.36
C CYS A 924 2.34 -30.04 -11.07
N PHE A 925 2.69 -29.89 -9.79
CA PHE A 925 3.77 -28.99 -9.35
C PHE A 925 4.75 -29.78 -8.50
N LEU A 926 6.02 -29.74 -8.86
CA LEU A 926 7.05 -30.48 -8.13
C LEU A 926 8.18 -29.54 -7.74
N ASN A 927 8.70 -29.70 -6.53
CA ASN A 927 9.93 -29.05 -6.09
C ASN A 927 10.80 -30.12 -5.47
N LEU A 928 11.86 -30.53 -6.16
CA LEU A 928 12.71 -31.59 -5.66
C LEU A 928 13.57 -31.15 -4.47
N ALA A 929 13.59 -29.85 -4.15
CA ALA A 929 14.36 -29.38 -3.00
C ALA A 929 13.70 -29.75 -1.69
N ILE A 930 12.37 -29.79 -1.64
CA ILE A 930 11.62 -29.93 -0.39
C ILE A 930 11.78 -31.34 0.18
N PRO A 931 11.62 -32.42 -0.61
CA PRO A 931 10.96 -32.60 -1.92
C PRO A 931 9.44 -32.67 -1.78
N ILE A 932 8.70 -32.18 -2.77
CA ILE A 932 7.24 -32.29 -2.76
C ILE A 932 6.74 -32.42 -4.19
N VAL A 933 5.76 -33.30 -4.37
CA VAL A 933 5.09 -33.48 -5.65
C VAL A 933 3.58 -33.35 -5.40
N VAL A 934 2.95 -32.34 -6.00
CA VAL A 934 1.56 -31.99 -5.76
C VAL A 934 0.77 -32.25 -7.04
N PHE A 935 -0.17 -33.17 -6.98
CA PHE A 935 -1.03 -33.49 -8.11
C PHE A 935 -2.40 -32.92 -7.83
N THR A 936 -2.91 -32.12 -8.75
CA THR A 936 -4.19 -31.45 -8.58
C THR A 936 -5.07 -31.74 -9.78
N GLU A 937 -6.39 -31.73 -9.59
CA GLU A 937 -7.25 -31.93 -10.74
C GLU A 937 -7.16 -30.70 -11.65
N THR A 938 -7.16 -30.95 -12.96
CA THR A 938 -6.95 -29.89 -13.93
C THR A 938 -8.07 -28.85 -13.87
N THR A 939 -7.73 -27.61 -14.24
CA THR A 939 -8.66 -26.49 -14.11
C THR A 939 -9.89 -26.70 -14.99
N GLU A 940 -11.07 -26.65 -14.36
CA GLU A 940 -12.30 -26.99 -15.07
C GLU A 940 -12.66 -25.89 -16.07
N VAL A 941 -13.17 -26.31 -17.23
CA VAL A 941 -13.58 -25.34 -18.23
C VAL A 941 -14.68 -24.48 -17.64
N ARG A 942 -14.57 -23.18 -17.84
CA ARG A 942 -15.50 -22.21 -17.30
C ARG A 942 -16.53 -21.92 -18.37
N LYS A 943 -17.81 -22.00 -18.02
CA LYS A 943 -18.91 -21.74 -18.94
C LYS A 943 -19.60 -20.46 -18.52
N THR A 944 -19.55 -19.44 -19.38
CA THR A 944 -20.12 -18.13 -19.09
C THR A 944 -21.39 -17.94 -19.90
N LYS A 945 -22.47 -17.58 -19.23
CA LYS A 945 -23.77 -17.32 -19.85
C LYS A 945 -24.22 -15.91 -19.47
N ILE A 946 -24.65 -15.15 -20.46
CA ILE A 946 -25.22 -13.83 -20.21
C ILE A 946 -26.73 -14.03 -20.17
N ARG A 947 -27.41 -13.25 -19.34
CA ARG A 947 -28.83 -13.50 -19.09
C ARG A 947 -29.52 -13.73 -20.43
N ASN A 948 -30.41 -14.73 -20.46
CA ASN A 948 -31.14 -15.09 -21.68
C ASN A 948 -30.21 -15.19 -22.90
N GLY A 949 -29.03 -15.75 -22.67
CA GLY A 949 -28.12 -16.05 -23.76
C GLY A 949 -27.69 -17.50 -23.72
N ILE A 950 -27.17 -17.97 -24.85
CA ILE A 950 -26.56 -19.30 -24.88
C ILE A 950 -25.22 -19.24 -24.16
N SER A 951 -24.96 -20.24 -23.33
CA SER A 951 -23.69 -20.28 -22.61
C SER A 951 -22.56 -20.63 -23.55
N PHE A 952 -21.37 -20.08 -23.25
CA PHE A 952 -20.21 -20.23 -24.11
C PHE A 952 -18.96 -20.48 -23.29
N THR A 953 -18.02 -21.20 -23.90
CA THR A 953 -16.74 -21.56 -23.32
C THR A 953 -15.62 -21.07 -24.23
N ILE A 954 -14.38 -21.22 -23.76
CA ILE A 954 -13.24 -20.79 -24.58
C ILE A 954 -13.27 -21.51 -25.92
N TRP A 955 -13.69 -22.79 -25.91
CA TRP A 955 -13.59 -23.63 -27.10
C TRP A 955 -14.65 -23.28 -28.14
N ASP A 956 -15.85 -22.89 -27.71
CA ASP A 956 -16.94 -22.61 -28.63
C ASP A 956 -16.65 -21.42 -29.54
N ARG A 957 -17.09 -21.53 -30.80
CA ARG A 957 -17.07 -20.42 -31.76
C ARG A 957 -18.42 -20.36 -32.45
N TRP A 958 -19.11 -19.23 -32.29
CA TRP A 958 -20.41 -19.02 -32.91
C TRP A 958 -20.24 -18.69 -34.39
N THR A 959 -21.17 -19.15 -35.21
CA THR A 959 -21.10 -18.94 -36.66
C THR A 959 -22.33 -18.21 -37.17
N VAL A 960 -22.10 -17.20 -38.00
CA VAL A 960 -23.18 -16.48 -38.67
C VAL A 960 -22.89 -16.44 -40.16
N HIS A 961 -23.93 -16.65 -40.95
CA HIS A 961 -23.84 -16.74 -42.40
C HIS A 961 -24.19 -15.42 -43.04
N GLY A 962 -23.58 -15.17 -44.20
CA GLY A 962 -23.74 -13.92 -44.90
C GLY A 962 -24.21 -14.14 -46.32
N LYS A 963 -24.63 -13.05 -46.94
CA LYS A 963 -25.13 -13.05 -48.30
C LYS A 963 -24.60 -11.80 -48.99
N GLU A 964 -24.84 -11.70 -50.30
CA GLU A 964 -24.31 -10.57 -51.06
C GLU A 964 -24.86 -9.24 -50.53
N ASP A 965 -26.13 -9.21 -50.12
CA ASP A 965 -26.75 -8.02 -49.52
C ASP A 965 -26.84 -8.20 -48.01
N PHE A 966 -25.87 -7.66 -47.28
CA PHE A 966 -25.83 -7.82 -45.83
C PHE A 966 -25.23 -6.56 -45.21
N THR A 967 -25.72 -6.20 -44.02
CA THR A 967 -25.31 -4.98 -43.33
C THR A 967 -24.90 -5.30 -41.89
N LEU A 968 -24.21 -4.36 -41.26
CA LEU A 968 -23.80 -4.53 -39.86
C LEU A 968 -25.01 -4.77 -38.97
N LEU A 969 -26.10 -4.05 -39.22
CA LEU A 969 -27.33 -4.26 -38.46
C LEU A 969 -27.87 -5.67 -38.64
N ASP A 970 -27.74 -6.21 -39.86
CA ASP A 970 -28.20 -7.57 -40.11
C ASP A 970 -27.39 -8.58 -39.30
N PHE A 971 -26.07 -8.37 -39.20
CA PHE A 971 -25.23 -9.25 -38.40
C PHE A 971 -25.61 -9.19 -36.92
N ILE A 972 -25.84 -7.98 -36.40
CA ILE A 972 -26.22 -7.83 -34.99
C ILE A 972 -27.54 -8.56 -34.72
N ASN A 973 -28.54 -8.34 -35.59
CA ASN A 973 -29.83 -9.01 -35.43
C ASN A 973 -29.70 -10.52 -35.56
N ALA A 974 -28.85 -10.98 -36.48
CA ALA A 974 -28.68 -12.42 -36.68
C ALA A 974 -28.08 -13.08 -35.45
N VAL A 975 -27.07 -12.45 -34.85
CA VAL A 975 -26.49 -13.00 -33.62
C VAL A 975 -27.57 -13.10 -32.55
N LYS A 976 -28.40 -12.05 -32.43
CA LYS A 976 -29.45 -12.08 -31.42
C LYS A 976 -30.46 -13.19 -31.72
N GLU A 977 -30.77 -13.42 -32.99
CA GLU A 977 -31.76 -14.42 -33.37
C GLU A 977 -31.26 -15.83 -33.09
N LYS A 978 -30.01 -16.11 -33.49
CA LYS A 978 -29.48 -17.48 -33.39
C LYS A 978 -29.08 -17.82 -31.96
N TYR A 979 -28.43 -16.91 -31.24
CA TYR A 979 -27.85 -17.21 -29.94
C TYR A 979 -28.52 -16.47 -28.79
N GLY A 980 -29.49 -15.60 -29.07
CA GLY A 980 -30.31 -15.00 -28.04
C GLY A 980 -29.73 -13.79 -27.35
N ILE A 981 -28.54 -13.34 -27.74
CA ILE A 981 -27.90 -12.19 -27.12
C ILE A 981 -27.43 -11.24 -28.22
N GLU A 982 -27.63 -9.94 -28.00
CA GLU A 982 -27.38 -8.93 -29.04
C GLU A 982 -25.98 -8.35 -28.91
N PRO A 983 -25.16 -8.38 -29.97
CA PRO A 983 -23.87 -7.69 -29.93
C PRO A 983 -24.00 -6.19 -29.70
N THR A 984 -23.18 -5.67 -28.79
CA THR A 984 -23.03 -4.23 -28.60
C THR A 984 -21.61 -3.78 -28.91
N MET A 985 -20.80 -4.63 -29.54
CA MET A 985 -19.49 -4.23 -30.05
C MET A 985 -19.06 -5.21 -31.13
N VAL A 986 -18.48 -4.68 -32.21
CA VAL A 986 -17.95 -5.53 -33.29
C VAL A 986 -16.55 -5.09 -33.66
N VAL A 987 -15.61 -6.03 -33.70
CA VAL A 987 -14.21 -5.73 -34.00
C VAL A 987 -13.60 -6.79 -34.93
N GLN A 988 -12.76 -6.33 -35.87
CA GLN A 988 -11.97 -7.18 -36.77
C GLN A 988 -10.49 -6.88 -36.58
N GLY A 989 -9.74 -7.85 -36.07
CA GLY A 989 -8.36 -7.59 -35.71
C GLY A 989 -8.31 -6.50 -34.67
N VAL A 990 -7.53 -5.46 -34.94
CA VAL A 990 -7.52 -4.26 -34.09
C VAL A 990 -8.49 -3.22 -34.65
N LYS A 991 -9.05 -3.45 -35.84
CA LYS A 991 -9.96 -2.53 -36.48
C LYS A 991 -11.32 -2.54 -35.81
N MET A 992 -11.84 -1.35 -35.52
CA MET A 992 -13.15 -1.22 -34.88
C MET A 992 -14.21 -1.11 -35.96
N LEU A 993 -15.19 -2.01 -35.93
CA LEU A 993 -16.31 -1.91 -36.87
C LEU A 993 -17.54 -1.26 -36.24
N TYR A 994 -17.85 -1.53 -34.97
CA TYR A 994 -19.06 -0.94 -34.40
C TYR A 994 -18.97 -0.74 -32.90
N VAL A 995 -19.37 0.45 -32.47
CA VAL A 995 -19.59 0.84 -31.07
C VAL A 995 -20.83 1.72 -30.99
N PRO A 996 -21.82 1.40 -30.14
CA PRO A 996 -23.05 2.22 -30.12
C PRO A 996 -22.79 3.67 -29.73
N VAL A 997 -21.95 3.91 -28.73
CA VAL A 997 -21.61 5.26 -28.29
C VAL A 997 -20.35 5.69 -29.04
N MET A 998 -20.49 5.96 -30.33
CA MET A 998 -19.41 6.37 -31.19
C MET A 998 -19.93 7.43 -32.15
N PRO A 999 -19.05 8.23 -32.76
CA PRO A 999 -19.51 9.18 -33.78
C PRO A 999 -19.97 8.47 -35.05
N GLY A 1000 -21.13 8.88 -35.55
CA GLY A 1000 -21.65 8.30 -36.77
C GLY A 1000 -21.95 6.83 -36.68
N HIS A 1001 -22.47 6.38 -35.53
CA HIS A 1001 -22.80 4.97 -35.38
C HIS A 1001 -23.93 4.56 -36.32
N ALA A 1002 -24.92 5.43 -36.50
CA ALA A 1002 -26.05 5.11 -37.36
C ALA A 1002 -25.61 4.91 -38.81
N LYS A 1003 -24.66 5.71 -39.29
CA LYS A 1003 -24.15 5.52 -40.65
C LYS A 1003 -23.54 4.13 -40.80
N ARG A 1004 -22.70 3.74 -39.84
CA ARG A 1004 -22.02 2.46 -39.91
C ARG A 1004 -23.00 1.29 -39.79
N LEU A 1005 -24.08 1.48 -39.05
CA LEU A 1005 -25.03 0.39 -38.85
C LEU A 1005 -25.63 -0.09 -40.17
N LYS A 1006 -25.87 0.82 -41.12
CA LYS A 1006 -26.44 0.47 -42.42
C LYS A 1006 -25.41 0.12 -43.50
N LEU A 1007 -24.12 0.32 -43.25
CA LEU A 1007 -23.10 0.07 -44.25
C LEU A 1007 -23.04 -1.40 -44.64
N THR A 1008 -22.68 -1.66 -45.91
CA THR A 1008 -22.59 -3.04 -46.37
C THR A 1008 -21.36 -3.72 -45.78
N MET A 1009 -21.49 -5.00 -45.47
CA MET A 1009 -20.43 -5.73 -44.77
C MET A 1009 -19.15 -5.84 -45.61
N HIS A 1010 -19.28 -6.12 -46.90
CA HIS A 1010 -18.09 -6.32 -47.73
C HIS A 1010 -17.22 -5.08 -47.74
N LYS A 1011 -17.82 -3.90 -47.83
CA LYS A 1011 -17.07 -2.64 -47.76
C LYS A 1011 -16.49 -2.41 -46.37
N LEU A 1012 -17.25 -2.76 -45.32
CA LEU A 1012 -16.79 -2.51 -43.95
C LEU A 1012 -15.57 -3.36 -43.61
N VAL A 1013 -15.60 -4.66 -43.96
CA VAL A 1013 -14.42 -5.50 -43.80
C VAL A 1013 -13.44 -5.23 -44.93
N LYS A 1014 -12.17 -5.54 -44.69
CA LYS A 1014 -11.10 -5.33 -45.67
C LYS A 1014 -10.22 -6.58 -45.74
N PRO A 1015 -10.80 -7.72 -46.13
CA PRO A 1015 -10.06 -8.99 -46.03
C PRO A 1015 -8.78 -9.04 -46.87
N THR A 1016 -8.82 -8.55 -48.11
CA THR A 1016 -7.69 -8.67 -49.05
C THR A 1016 -7.59 -10.11 -49.53
N THR A 1017 -7.57 -11.07 -48.60
CA THR A 1017 -7.55 -12.49 -48.94
C THR A 1017 -8.79 -12.89 -49.73
N GLU A 1018 -9.87 -12.13 -49.61
CA GLU A 1018 -11.16 -12.49 -50.23
C GLU A 1018 -11.51 -13.95 -49.93
N LYS A 1019 -11.16 -14.35 -48.70
CA LYS A 1019 -11.40 -15.68 -48.15
C LYS A 1019 -12.90 -15.94 -47.99
N LYS A 1020 -13.25 -17.21 -47.72
CA LYS A 1020 -14.66 -17.56 -47.60
C LYS A 1020 -15.29 -16.97 -46.35
N TYR A 1021 -14.50 -16.71 -45.31
CA TYR A 1021 -15.02 -16.20 -44.05
C TYR A 1021 -14.03 -15.24 -43.41
N VAL A 1022 -14.57 -14.39 -42.54
CA VAL A 1022 -13.76 -13.51 -41.71
C VAL A 1022 -14.25 -13.64 -40.27
N ASP A 1023 -13.31 -13.67 -39.33
CA ASP A 1023 -13.60 -13.89 -37.91
C ASP A 1023 -13.67 -12.55 -37.18
N LEU A 1024 -14.74 -12.35 -36.41
CA LEU A 1024 -15.02 -11.10 -35.73
C LEU A 1024 -15.16 -11.34 -34.24
N THR A 1025 -14.66 -10.39 -33.44
CA THR A 1025 -14.80 -10.44 -31.99
C THR A 1025 -16.02 -9.61 -31.57
N VAL A 1026 -16.78 -10.16 -30.62
CA VAL A 1026 -18.09 -9.63 -30.22
C VAL A 1026 -18.11 -9.42 -28.72
N SER A 1027 -18.66 -8.28 -28.29
CA SER A 1027 -18.94 -8.01 -26.88
C SER A 1027 -20.39 -7.61 -26.71
N PHE A 1028 -20.92 -7.89 -25.51
CA PHE A 1028 -22.33 -7.71 -25.20
C PHE A 1028 -22.45 -6.79 -23.99
N ALA A 1029 -23.52 -5.98 -23.97
CA ALA A 1029 -23.65 -4.95 -22.96
C ALA A 1029 -24.07 -5.40 -21.57
N PRO A 1030 -24.93 -6.41 -21.42
CA PRO A 1030 -25.49 -6.67 -20.08
C PRO A 1030 -24.38 -6.85 -19.06
N ASP A 1031 -24.65 -6.42 -17.84
CA ASP A 1031 -23.65 -6.41 -16.78
C ASP A 1031 -24.31 -6.23 -15.43
N ASP A 1035 -20.96 -2.17 -14.99
CA ASP A 1035 -21.36 -1.19 -15.99
C ASP A 1035 -20.28 -1.16 -17.08
N GLU A 1036 -19.80 -2.36 -17.43
CA GLU A 1036 -18.74 -2.58 -18.40
C GLU A 1036 -19.17 -3.66 -19.38
N ASP A 1037 -18.64 -3.61 -20.61
CA ASP A 1037 -18.98 -4.62 -21.61
C ASP A 1037 -18.38 -5.98 -21.25
N LEU A 1038 -19.10 -7.07 -21.64
CA LEU A 1038 -18.71 -8.45 -21.35
C LEU A 1038 -18.20 -9.16 -22.61
N PRO A 1039 -17.10 -9.90 -22.52
CA PRO A 1039 -16.56 -10.57 -23.71
C PRO A 1039 -17.44 -11.73 -24.13
N GLY A 1040 -17.41 -12.02 -25.43
CA GLY A 1040 -18.24 -13.06 -25.99
C GLY A 1040 -17.44 -13.98 -26.90
N PRO A 1041 -18.04 -15.11 -27.28
CA PRO A 1041 -17.30 -16.08 -28.09
C PRO A 1041 -17.03 -15.54 -29.47
N PRO A 1042 -15.96 -15.98 -30.12
CA PRO A 1042 -15.65 -15.48 -31.46
C PRO A 1042 -16.75 -15.85 -32.45
N VAL A 1043 -17.15 -14.88 -33.26
CA VAL A 1043 -18.21 -15.08 -34.26
C VAL A 1043 -17.59 -15.10 -35.65
N ARG A 1044 -17.85 -16.16 -36.40
CA ARG A 1044 -17.27 -16.33 -37.73
C ARG A 1044 -18.33 -16.03 -38.80
N TYR A 1045 -18.09 -14.97 -39.58
CA TYR A 1045 -19.01 -14.55 -40.63
C TYR A 1045 -18.59 -15.16 -41.97
N TYR A 1046 -19.57 -15.68 -42.72
CA TYR A 1046 -19.30 -16.32 -44.01
C TYR A 1046 -19.87 -15.47 -45.14
N PHE A 1047 -18.98 -15.01 -46.05
CA PHE A 1047 -19.41 -14.17 -47.17
C PHE A 1047 -20.19 -14.92 -48.24
N SER A 1048 -19.94 -16.21 -48.45
CA SER A 1048 -20.59 -16.96 -49.51
C SER A 1048 -21.46 -18.08 -48.93
N HIS A 1049 -22.73 -18.08 -49.32
CA HIS A 1049 -23.66 -19.15 -48.96
C HIS A 1049 -24.34 -19.72 -50.19
N ASP A 1050 -24.82 -18.83 -51.07
CA ASP A 1050 -25.48 -19.24 -52.31
C ASP A 1050 -26.67 -20.16 -52.04
N THR A 1051 -27.50 -19.78 -51.07
CA THR A 1051 -28.72 -20.52 -50.76
C THR A 1051 -29.95 -19.64 -50.97
N VAL B 37 -13.98 21.61 -11.36
CA VAL B 37 -12.65 21.70 -10.76
C VAL B 37 -12.49 20.65 -9.68
N GLU B 38 -11.27 20.11 -9.52
CA GLU B 38 -10.99 19.17 -8.44
C GLU B 38 -10.47 19.95 -7.25
N ILE B 39 -11.28 20.03 -6.19
CA ILE B 39 -10.88 20.74 -4.99
C ILE B 39 -9.81 19.96 -4.27
N ASP B 40 -8.79 20.67 -3.77
CA ASP B 40 -7.69 20.02 -3.07
C ASP B 40 -8.13 19.73 -1.64
N ASP B 41 -8.54 18.48 -1.38
CA ASP B 41 -8.93 18.13 -0.02
C ASP B 41 -7.76 18.26 0.94
N ALA B 42 -6.54 18.03 0.47
CA ALA B 42 -5.38 18.10 1.36
C ALA B 42 -5.26 19.46 2.02
N LEU B 43 -5.52 20.53 1.27
CA LEU B 43 -5.41 21.89 1.79
C LEU B 43 -6.73 22.41 2.37
N TYR B 44 -7.84 22.18 1.68
CA TYR B 44 -9.12 22.76 2.07
C TYR B 44 -10.06 21.75 2.74
N SER B 45 -9.52 20.69 3.36
CA SER B 45 -10.39 19.64 3.89
C SER B 45 -11.39 20.19 4.89
N ARG B 46 -10.92 20.96 5.87
CA ARG B 46 -11.80 21.46 6.92
C ARG B 46 -12.78 22.48 6.35
N GLN B 47 -12.29 23.32 5.45
CA GLN B 47 -13.15 24.32 4.82
C GLN B 47 -14.24 23.67 4.00
N ARG B 48 -13.98 22.50 3.39
CA ARG B 48 -15.00 21.83 2.60
C ARG B 48 -16.19 21.42 3.46
N TYR B 49 -15.92 20.98 4.70
CA TYR B 49 -17.02 20.65 5.59
C TYR B 49 -17.77 21.91 6.00
N VAL B 50 -17.07 23.03 6.15
CA VAL B 50 -17.79 24.25 6.55
C VAL B 50 -18.68 24.74 5.41
N LEU B 51 -18.11 24.93 4.21
CA LEU B 51 -18.79 25.67 3.15
C LEU B 51 -19.58 24.79 2.19
N GLY B 52 -19.12 23.57 1.94
CA GLY B 52 -19.79 22.73 0.95
C GLY B 52 -19.14 22.83 -0.41
N ASP B 53 -19.24 21.74 -1.17
CA ASP B 53 -18.53 21.66 -2.45
C ASP B 53 -19.06 22.69 -3.45
N THR B 54 -20.37 22.87 -3.52
CA THR B 54 -20.96 23.82 -4.47
C THR B 54 -20.47 25.24 -4.19
N ALA B 55 -20.49 25.63 -2.92
CA ALA B 55 -20.01 26.96 -2.53
C ALA B 55 -18.54 27.16 -2.89
N MET B 56 -17.72 26.14 -2.61
CA MET B 56 -16.29 26.23 -2.93
C MET B 56 -16.08 26.48 -4.42
N GLN B 57 -16.87 25.82 -5.26
CA GLN B 57 -16.72 26.03 -6.70
C GLN B 57 -17.09 27.47 -7.09
N LYS B 58 -18.17 28.00 -6.50
CA LYS B 58 -18.49 29.40 -6.81
C LYS B 58 -17.38 30.34 -6.37
N MET B 59 -16.74 30.06 -5.24
CA MET B 59 -15.59 30.89 -4.85
C MET B 59 -14.47 30.77 -5.86
N ALA B 60 -14.24 29.57 -6.38
CA ALA B 60 -13.20 29.38 -7.39
C ALA B 60 -13.50 30.16 -8.66
N LYS B 61 -14.73 30.65 -8.84
CA LYS B 61 -15.01 31.53 -9.99
C LYS B 61 -15.10 33.01 -9.64
N SER B 62 -14.92 33.40 -8.38
CA SER B 62 -15.24 34.75 -7.91
C SER B 62 -14.03 35.67 -7.86
N HIS B 63 -14.25 36.93 -8.26
CA HIS B 63 -13.25 37.99 -8.20
C HIS B 63 -13.73 39.09 -7.25
N VAL B 64 -12.86 39.50 -6.32
CA VAL B 64 -13.23 40.42 -5.24
C VAL B 64 -12.25 41.59 -5.20
N PHE B 65 -12.79 42.78 -4.91
CA PHE B 65 -12.02 44.04 -4.85
C PHE B 65 -11.97 44.55 -3.41
N LEU B 66 -10.78 44.90 -2.93
CA LEU B 66 -10.56 45.47 -1.60
C LEU B 66 -9.90 46.83 -1.77
N SER B 67 -10.44 47.85 -1.09
CA SER B 67 -10.04 49.23 -1.33
C SER B 67 -9.09 49.81 -0.28
N GLY B 68 -8.87 49.14 0.84
CA GLY B 68 -8.01 49.65 1.89
C GLY B 68 -7.08 48.62 2.49
N MET B 69 -5.78 48.92 2.59
CA MET B 69 -4.85 47.94 3.12
C MET B 69 -4.34 48.35 4.50
N GLY B 70 -5.25 48.74 5.39
CA GLY B 70 -4.93 48.87 6.79
C GLY B 70 -5.04 47.53 7.48
N GLY B 71 -5.12 47.58 8.81
CA GLY B 71 -5.28 46.35 9.56
C GLY B 71 -6.54 45.60 9.22
N LEU B 72 -7.67 46.32 9.11
CA LEU B 72 -8.93 45.68 8.78
C LEU B 72 -8.89 45.09 7.37
N GLY B 73 -8.38 45.87 6.42
CA GLY B 73 -8.27 45.38 5.05
C GLY B 73 -7.33 44.19 4.94
N LEU B 74 -6.21 44.22 5.67
CA LEU B 74 -5.27 43.11 5.62
C LEU B 74 -5.87 41.86 6.25
N GLU B 75 -6.63 42.01 7.33
CA GLU B 75 -7.29 40.84 7.91
C GLU B 75 -8.29 40.24 6.92
N ILE B 76 -9.08 41.09 6.27
CA ILE B 76 -10.06 40.62 5.29
C ILE B 76 -9.35 39.90 4.14
N ALA B 77 -8.27 40.51 3.63
CA ALA B 77 -7.53 39.92 2.53
C ALA B 77 -6.94 38.57 2.91
N LYS B 78 -6.37 38.49 4.12
CA LYS B 78 -5.79 37.23 4.57
C LYS B 78 -6.85 36.14 4.63
N ASN B 79 -8.00 36.44 5.24
CA ASN B 79 -9.05 35.43 5.34
C ASN B 79 -9.54 34.99 3.97
N LEU B 80 -9.75 35.95 3.05
CA LEU B 80 -10.29 35.59 1.74
C LEU B 80 -9.28 34.82 0.90
N VAL B 81 -8.00 35.19 0.94
CA VAL B 81 -7.00 34.46 0.17
C VAL B 81 -6.86 33.05 0.71
N LEU B 82 -6.89 32.89 2.04
CA LEU B 82 -6.89 31.55 2.62
C LEU B 82 -8.13 30.77 2.17
N ALA B 83 -9.27 31.45 2.03
CA ALA B 83 -10.49 30.75 1.64
C ALA B 83 -10.37 30.10 0.27
N GLY B 84 -9.64 30.73 -0.66
CA GLY B 84 -9.48 30.22 -2.00
C GLY B 84 -10.19 31.00 -3.09
N ILE B 85 -10.65 32.21 -2.81
CA ILE B 85 -11.23 33.07 -3.84
C ILE B 85 -10.27 33.17 -5.01
N LYS B 86 -10.79 32.98 -6.23
CA LYS B 86 -9.95 32.88 -7.42
C LYS B 86 -9.05 34.09 -7.57
N ALA B 87 -9.63 35.29 -7.44
CA ALA B 87 -8.91 36.54 -7.66
C ALA B 87 -9.24 37.49 -6.52
N VAL B 88 -8.19 38.09 -5.96
CA VAL B 88 -8.32 39.10 -4.92
C VAL B 88 -7.56 40.34 -5.41
N THR B 89 -8.26 41.46 -5.53
CA THR B 89 -7.65 42.71 -5.95
C THR B 89 -7.46 43.61 -4.72
N ILE B 90 -6.23 44.04 -4.50
CA ILE B 90 -5.83 44.77 -3.30
C ILE B 90 -5.39 46.18 -3.72
N HIS B 91 -6.12 47.19 -3.22
CA HIS B 91 -5.96 48.58 -3.66
C HIS B 91 -5.70 49.52 -2.49
N ASP B 92 -4.73 50.42 -2.65
CA ASP B 92 -4.46 51.47 -1.67
C ASP B 92 -3.80 52.66 -2.36
N THR B 93 -4.16 53.87 -1.93
CA THR B 93 -3.56 55.09 -2.46
C THR B 93 -2.46 55.65 -1.56
N GLU B 94 -2.36 55.19 -0.33
CA GLU B 94 -1.41 55.73 0.64
C GLU B 94 -0.13 54.89 0.68
N LYS B 95 0.95 55.52 1.13
CA LYS B 95 2.27 54.90 1.20
C LYS B 95 2.59 54.54 2.64
N CYS B 96 3.56 53.63 2.80
CA CYS B 96 3.88 53.11 4.13
C CYS B 96 4.37 54.21 5.05
N GLN B 97 3.99 54.11 6.33
CA GLN B 97 4.41 55.06 7.36
C GLN B 97 4.74 54.27 8.61
N ALA B 98 5.33 54.96 9.59
CA ALA B 98 5.70 54.29 10.84
C ALA B 98 4.46 53.82 11.61
N TRP B 99 3.39 54.62 11.60
CA TRP B 99 2.17 54.25 12.31
C TRP B 99 1.59 52.94 11.77
N ASP B 100 1.62 52.75 10.45
CA ASP B 100 1.05 51.55 9.86
C ASP B 100 1.70 50.29 10.42
N LEU B 101 2.97 50.36 10.80
CA LEU B 101 3.67 49.17 11.30
C LEU B 101 2.97 48.58 12.52
N GLY B 102 2.27 49.41 13.30
CA GLY B 102 1.54 48.89 14.43
C GLY B 102 0.30 48.09 14.03
N THR B 103 -0.37 48.49 12.95
CA THR B 103 -1.62 47.87 12.54
C THR B 103 -1.43 46.77 11.49
N ASN B 104 -0.28 46.69 10.84
CA ASN B 104 -0.05 45.79 9.73
C ASN B 104 0.99 44.75 10.10
N PHE B 105 0.66 43.46 9.93
CA PHE B 105 1.60 42.40 10.33
C PHE B 105 2.47 41.89 9.18
N PHE B 106 2.31 42.40 7.96
CA PHE B 106 3.18 42.02 6.86
C PHE B 106 4.13 43.14 6.43
N LEU B 107 3.94 44.37 6.94
CA LEU B 107 4.79 45.49 6.58
C LEU B 107 6.10 45.45 7.38
N SER B 108 7.12 46.13 6.84
CA SER B 108 8.45 46.16 7.42
C SER B 108 8.98 47.58 7.47
N GLU B 109 10.05 47.78 8.26
CA GLU B 109 10.68 49.10 8.32
C GLU B 109 11.29 49.49 6.99
N ASP B 110 11.83 48.52 6.24
CA ASP B 110 12.36 48.82 4.92
C ASP B 110 11.30 49.42 4.01
N ASP B 111 10.07 48.91 4.08
CA ASP B 111 8.98 49.47 3.28
C ASP B 111 8.67 50.91 3.70
N VAL B 112 8.70 51.19 5.00
CA VAL B 112 8.45 52.55 5.47
C VAL B 112 9.57 53.48 5.00
N VAL B 113 10.82 53.01 5.07
CA VAL B 113 11.95 53.81 4.63
C VAL B 113 11.87 54.10 3.15
N ASN B 114 11.48 53.11 2.36
CA ASN B 114 11.35 53.26 0.91
C ASN B 114 10.02 53.89 0.50
N LYS B 115 9.10 54.09 1.45
CA LYS B 115 7.81 54.69 1.16
C LYS B 115 7.10 53.93 0.04
N ARG B 116 7.11 52.61 0.15
CA ARG B 116 6.41 51.77 -0.80
C ARG B 116 4.91 51.89 -0.60
N ASN B 117 4.16 51.61 -1.66
CA ASN B 117 2.70 51.57 -1.52
C ASN B 117 2.32 50.41 -0.62
N ARG B 118 1.36 50.66 0.27
CA ARG B 118 0.99 49.63 1.24
C ARG B 118 0.53 48.35 0.54
N ALA B 119 -0.29 48.50 -0.51
CA ALA B 119 -0.77 47.35 -1.25
C ALA B 119 0.38 46.62 -1.95
N GLU B 120 1.28 47.37 -2.58
CA GLU B 120 2.36 46.74 -3.35
C GLU B 120 3.37 46.05 -2.44
N ALA B 121 3.65 46.63 -1.27
CA ALA B 121 4.66 46.06 -0.37
C ALA B 121 4.20 44.73 0.22
N VAL B 122 2.90 44.61 0.55
CA VAL B 122 2.37 43.43 1.23
C VAL B 122 1.88 42.38 0.26
N LEU B 123 1.86 42.67 -1.05
CA LEU B 123 1.23 41.78 -2.01
C LEU B 123 1.87 40.40 -2.00
N LYS B 124 3.20 40.34 -1.99
CA LYS B 124 3.88 39.05 -2.02
C LYS B 124 3.58 38.23 -0.78
N HIS B 125 3.55 38.88 0.39
CA HIS B 125 3.26 38.15 1.62
C HIS B 125 1.86 37.55 1.58
N ILE B 126 0.88 38.33 1.13
CA ILE B 126 -0.49 37.82 1.03
C ILE B 126 -0.56 36.70 0.01
N ALA B 127 0.16 36.83 -1.10
CA ALA B 127 0.19 35.76 -2.09
C ALA B 127 0.78 34.47 -1.53
N GLU B 128 1.77 34.58 -0.64
CA GLU B 128 2.39 33.39 -0.08
C GLU B 128 1.40 32.54 0.73
N LEU B 129 0.33 33.14 1.24
CA LEU B 129 -0.63 32.42 2.07
C LEU B 129 -1.30 31.29 1.30
N ASN B 130 -1.72 31.54 0.07
CA ASN B 130 -2.37 30.53 -0.76
C ASN B 130 -1.80 30.56 -2.16
N PRO B 131 -1.16 29.48 -2.62
CA PRO B 131 -0.63 29.48 -4.00
C PRO B 131 -1.71 29.51 -5.07
N TYR B 132 -2.85 28.86 -4.85
CA TYR B 132 -3.89 28.79 -5.87
C TYR B 132 -4.45 30.17 -6.22
N VAL B 133 -4.54 31.07 -5.24
CA VAL B 133 -5.15 32.38 -5.47
C VAL B 133 -4.19 33.29 -6.23
N HIS B 134 -4.77 34.19 -7.02
CA HIS B 134 -4.02 35.22 -7.74
C HIS B 134 -4.34 36.59 -7.15
N VAL B 135 -3.32 37.25 -6.58
CA VAL B 135 -3.46 38.54 -5.91
C VAL B 135 -2.80 39.60 -6.77
N THR B 136 -3.50 40.71 -7.00
CA THR B 136 -3.01 41.79 -7.84
C THR B 136 -3.10 43.10 -7.07
N SER B 137 -2.11 43.97 -7.28
CA SER B 137 -2.02 45.22 -6.55
C SER B 137 -2.49 46.37 -7.43
N SER B 138 -3.26 47.27 -6.84
CA SER B 138 -3.78 48.44 -7.54
C SER B 138 -3.31 49.70 -6.84
N SER B 139 -2.73 50.62 -7.62
CA SER B 139 -2.34 51.94 -7.14
C SER B 139 -3.19 53.03 -7.79
N VAL B 140 -4.33 52.67 -8.36
CA VAL B 140 -5.17 53.63 -9.08
C VAL B 140 -5.83 54.57 -8.08
N PRO B 141 -5.81 55.89 -8.31
CA PRO B 141 -6.49 56.80 -7.39
C PRO B 141 -8.01 56.74 -7.54
N PHE B 142 -8.68 56.83 -6.40
CA PHE B 142 -10.14 56.77 -6.32
C PHE B 142 -10.67 58.15 -5.96
N ASN B 143 -11.52 58.71 -6.82
CA ASN B 143 -12.09 60.04 -6.63
C ASN B 143 -13.56 60.00 -7.03
N GLU B 144 -14.29 61.06 -6.70
CA GLU B 144 -15.65 61.19 -7.22
C GLU B 144 -15.62 61.22 -8.74
N THR B 145 -14.57 61.79 -9.31
CA THR B 145 -14.41 61.86 -10.76
C THR B 145 -14.22 60.48 -11.38
N THR B 146 -13.55 59.58 -10.67
CA THR B 146 -13.21 58.28 -11.23
C THR B 146 -14.45 57.50 -11.65
N ASP B 147 -14.37 56.86 -12.82
CA ASP B 147 -15.45 56.04 -13.33
C ASP B 147 -15.49 54.69 -12.63
N LEU B 148 -16.69 54.24 -12.29
CA LEU B 148 -16.88 53.01 -11.54
C LEU B 148 -17.08 51.80 -12.44
N SER B 149 -16.88 51.95 -13.75
CA SER B 149 -17.14 50.86 -14.68
C SER B 149 -16.24 49.66 -14.42
N PHE B 150 -14.99 49.89 -14.02
CA PHE B 150 -14.07 48.77 -13.82
C PHE B 150 -14.61 47.80 -12.78
N LEU B 151 -15.38 48.30 -11.81
CA LEU B 151 -15.89 47.44 -10.75
C LEU B 151 -16.78 46.34 -11.30
N ASP B 152 -17.27 46.46 -12.53
CA ASP B 152 -18.14 45.43 -13.07
C ASP B 152 -17.43 44.08 -13.18
N LYS B 153 -16.09 44.08 -13.22
CA LYS B 153 -15.38 42.81 -13.32
C LYS B 153 -15.60 41.92 -12.10
N TYR B 154 -15.71 42.53 -10.93
CA TYR B 154 -15.73 41.79 -9.67
C TYR B 154 -17.16 41.44 -9.25
N GLN B 155 -17.29 40.31 -8.55
CA GLN B 155 -18.59 39.92 -7.99
C GLN B 155 -18.86 40.65 -6.68
N CYS B 156 -17.82 40.93 -5.89
CA CYS B 156 -17.99 41.61 -4.61
C CYS B 156 -16.94 42.71 -4.44
N VAL B 157 -17.38 43.80 -3.80
CA VAL B 157 -16.53 44.95 -3.54
C VAL B 157 -16.58 45.26 -2.05
N VAL B 158 -15.41 45.32 -1.42
CA VAL B 158 -15.25 45.63 0.00
C VAL B 158 -14.49 46.95 0.10
N LEU B 159 -15.07 47.89 0.83
CA LEU B 159 -14.50 49.23 0.98
C LEU B 159 -14.11 49.45 2.42
N THR B 160 -12.82 49.71 2.65
CA THR B 160 -12.30 50.07 3.96
C THR B 160 -11.47 51.34 3.83
N GLU B 161 -11.55 52.19 4.85
CA GLU B 161 -10.81 53.46 4.88
C GLU B 161 -11.16 54.34 3.68
N MET B 162 -12.45 54.44 3.37
CA MET B 162 -12.94 55.26 2.27
C MET B 162 -13.98 56.24 2.77
N LYS B 163 -14.01 57.43 2.15
CA LYS B 163 -14.92 58.47 2.57
C LYS B 163 -16.37 58.06 2.32
N LEU B 164 -17.26 58.50 3.21
CA LEU B 164 -18.66 58.12 3.10
C LEU B 164 -19.31 58.57 1.79
N PRO B 165 -19.08 59.78 1.28
CA PRO B 165 -19.71 60.14 0.00
C PRO B 165 -19.33 59.22 -1.15
N LEU B 166 -18.03 58.94 -1.30
CA LEU B 166 -17.58 58.04 -2.35
C LEU B 166 -18.12 56.63 -2.14
N GLN B 167 -18.24 56.20 -0.89
CA GLN B 167 -18.86 54.91 -0.60
C GLN B 167 -20.30 54.87 -1.07
N LYS B 168 -21.05 55.95 -0.84
CA LYS B 168 -22.44 55.98 -1.31
C LYS B 168 -22.50 55.88 -2.83
N LYS B 169 -21.60 56.61 -3.50
CA LYS B 169 -21.58 56.57 -4.96
C LYS B 169 -21.31 55.15 -5.47
N ILE B 170 -20.33 54.47 -4.86
CA ILE B 170 -20.02 53.10 -5.26
C ILE B 170 -21.19 52.17 -4.92
N ASN B 171 -21.86 52.39 -3.80
CA ASN B 171 -22.99 51.55 -3.43
C ASN B 171 -24.09 51.63 -4.49
N ASP B 172 -24.41 52.85 -4.94
CA ASP B 172 -25.42 52.98 -5.99
C ASP B 172 -24.99 52.30 -7.27
N PHE B 173 -23.72 52.48 -7.68
CA PHE B 173 -23.28 51.79 -8.89
C PHE B 173 -23.41 50.28 -8.73
N CYS B 174 -23.00 49.74 -7.58
CA CYS B 174 -22.96 48.29 -7.38
C CYS B 174 -24.33 47.67 -7.31
N ARG B 175 -25.26 48.29 -6.57
CA ARG B 175 -26.58 47.70 -6.40
C ARG B 175 -27.40 47.74 -7.69
N SER B 176 -27.14 48.72 -8.55
CA SER B 176 -27.91 48.91 -9.79
C SER B 176 -27.51 47.98 -10.92
N GLN B 177 -26.35 47.31 -10.85
CA GLN B 177 -25.96 46.36 -11.91
C GLN B 177 -26.87 45.14 -11.91
N PRO B 179 -26.23 40.85 -12.89
CA PRO B 179 -26.41 40.64 -11.45
C PRO B 179 -25.76 41.75 -10.63
N PRO B 180 -26.37 42.13 -9.51
CA PRO B 180 -25.85 43.26 -8.74
C PRO B 180 -24.53 42.91 -8.07
N ILE B 181 -23.60 43.86 -8.11
CA ILE B 181 -22.34 43.72 -7.37
C ILE B 181 -22.63 43.86 -5.89
N LYS B 182 -22.15 42.91 -5.11
CA LYS B 182 -22.38 42.93 -3.68
C LYS B 182 -21.43 43.92 -3.03
N PHE B 183 -21.95 44.73 -2.10
CA PHE B 183 -21.26 45.89 -1.54
C PHE B 183 -21.09 45.69 -0.04
N ILE B 184 -19.85 45.79 0.43
CA ILE B 184 -19.56 45.70 1.86
C ILE B 184 -18.70 46.90 2.23
N SER B 185 -19.05 47.54 3.35
CA SER B 185 -18.31 48.70 3.86
C SER B 185 -17.89 48.43 5.31
N ALA B 186 -16.58 48.44 5.57
CA ALA B 186 -16.08 48.14 6.91
C ALA B 186 -15.04 49.15 7.34
N ASP B 187 -15.15 49.63 8.58
CA ASP B 187 -14.18 50.56 9.15
C ASP B 187 -14.06 50.32 10.65
N VAL B 188 -12.87 50.59 11.18
CA VAL B 188 -12.63 50.57 12.63
C VAL B 188 -11.98 51.89 13.01
N HIS B 189 -12.64 52.65 13.89
CA HIS B 189 -12.14 53.92 14.42
C HIS B 189 -11.94 53.77 15.93
N GLY B 190 -10.69 53.64 16.35
CA GLY B 190 -10.38 53.49 17.76
C GLY B 190 -11.02 52.24 18.33
N ILE B 191 -11.86 52.42 19.36
CA ILE B 191 -12.54 51.30 19.99
C ILE B 191 -13.91 51.02 19.37
N TRP B 192 -14.31 51.76 18.34
CA TRP B 192 -15.61 51.61 17.72
C TRP B 192 -15.42 51.06 16.30
N SER B 193 -16.40 50.29 15.81
CA SER B 193 -16.33 49.72 14.46
C SER B 193 -17.69 49.75 13.78
N ARG B 194 -17.64 49.71 12.44
CA ARG B 194 -18.83 49.76 11.57
C ARG B 194 -18.71 48.75 10.45
N LEU B 195 -19.75 47.91 10.28
CA LEU B 195 -19.83 46.94 9.18
C LEU B 195 -21.19 47.04 8.50
N PHE B 196 -21.19 47.14 7.15
CA PHE B 196 -22.39 47.28 6.34
C PHE B 196 -22.38 46.29 5.19
N CYS B 197 -23.55 45.72 4.89
CA CYS B 197 -23.73 44.76 3.81
C CYS B 197 -24.96 45.15 3.00
N ASP B 198 -24.78 45.40 1.71
CA ASP B 198 -25.89 45.58 0.77
C ASP B 198 -25.60 44.70 -0.44
N PHE B 199 -26.34 43.61 -0.59
CA PHE B 199 -26.12 42.66 -1.67
C PHE B 199 -27.11 42.86 -2.81
N GLY B 200 -27.90 43.93 -2.78
CA GLY B 200 -28.88 44.21 -3.80
C GLY B 200 -30.29 44.24 -3.24
N ASP B 201 -31.20 44.75 -4.07
CA ASP B 201 -32.60 44.83 -3.67
C ASP B 201 -33.19 43.46 -3.39
N GLU B 202 -32.78 42.45 -4.17
CA GLU B 202 -33.18 41.07 -3.94
C GLU B 202 -31.97 40.16 -4.07
N PHE B 203 -31.78 39.28 -3.08
CA PHE B 203 -30.64 38.36 -3.00
C PHE B 203 -31.13 36.97 -2.61
N GLU B 204 -30.55 35.93 -3.19
CA GLU B 204 -31.03 34.56 -3.01
C GLU B 204 -30.14 33.81 -2.02
N VAL B 205 -30.74 33.34 -0.94
CA VAL B 205 -30.08 32.53 0.08
C VAL B 205 -30.47 31.08 -0.16
N LEU B 206 -29.53 30.30 -0.69
CA LEU B 206 -29.81 28.90 -1.03
C LEU B 206 -29.97 28.05 0.22
N ASP B 207 -29.12 28.27 1.22
CA ASP B 207 -29.15 27.55 2.49
C ASP B 207 -29.15 28.59 3.62
N THR B 208 -30.11 28.49 4.54
CA THR B 208 -30.26 29.52 5.56
C THR B 208 -29.45 29.25 6.82
N THR B 209 -29.53 28.02 7.34
CA THR B 209 -28.84 27.70 8.59
C THR B 209 -27.48 27.04 8.36
N GLY B 210 -27.31 26.32 7.26
CA GLY B 210 -26.11 25.56 7.05
C GLY B 210 -26.14 24.19 7.68
N GLU B 211 -27.26 23.81 8.30
CA GLU B 211 -27.40 22.49 8.89
C GLU B 211 -27.91 21.51 7.84
N GLU B 212 -27.47 20.26 7.96
CA GLU B 212 -27.91 19.22 7.04
C GLU B 212 -29.40 18.96 7.24
N PRO B 213 -30.15 18.66 6.17
CA PRO B 213 -31.60 18.49 6.34
C PRO B 213 -31.96 17.28 7.19
N LYS B 214 -33.06 17.42 7.92
CA LYS B 214 -33.55 16.38 8.81
C LYS B 214 -34.11 15.20 8.01
N GLU B 215 -33.93 13.99 8.52
CA GLU B 215 -34.43 12.77 7.86
C GLU B 215 -35.48 12.12 8.76
N ILE B 216 -36.66 11.86 8.20
CA ILE B 216 -37.80 11.34 8.94
C ILE B 216 -38.22 9.99 8.37
N PHE B 217 -38.80 9.14 9.22
CA PHE B 217 -39.25 7.81 8.82
C PHE B 217 -40.77 7.71 8.84
N ILE B 218 -41.33 7.06 7.82
CA ILE B 218 -42.77 7.03 7.55
C ILE B 218 -43.33 5.69 8.03
N SER B 219 -44.29 5.74 8.96
CA SER B 219 -45.00 4.55 9.41
C SER B 219 -46.15 4.16 8.49
N ASN B 220 -46.95 5.14 8.04
CA ASN B 220 -48.11 4.80 7.22
C ASN B 220 -48.54 6.02 6.43
N ILE B 221 -49.23 5.76 5.31
CA ILE B 221 -49.77 6.79 4.44
C ILE B 221 -51.20 6.43 4.03
N THR B 222 -52.08 7.43 4.00
CA THR B 222 -53.47 7.23 3.63
C THR B 222 -53.64 7.45 2.13
N GLN B 223 -54.48 6.62 1.50
CA GLN B 223 -54.73 6.72 0.06
C GLN B 223 -55.95 7.60 -0.18
N ALA B 224 -55.73 8.91 -0.15
CA ALA B 224 -56.80 9.89 -0.32
C ALA B 224 -56.18 11.25 -0.63
N ASN B 225 -57.06 12.21 -0.99
CA ASN B 225 -56.67 13.61 -1.18
C ASN B 225 -57.36 14.46 -0.12
N PRO B 226 -56.63 15.29 0.65
CA PRO B 226 -55.20 15.60 0.53
C PRO B 226 -54.24 14.55 1.04
N GLY B 227 -54.75 13.45 1.61
CA GLY B 227 -53.90 12.37 2.08
C GLY B 227 -53.19 12.70 3.39
N ILE B 228 -52.89 11.66 4.19
CA ILE B 228 -52.23 11.82 5.48
C ILE B 228 -51.03 10.88 5.57
N VAL B 229 -49.87 11.44 5.90
CA VAL B 229 -48.67 10.67 6.18
C VAL B 229 -48.42 10.67 7.68
N THR B 230 -48.02 9.52 8.23
CA THR B 230 -47.81 9.40 9.67
C THR B 230 -46.41 8.85 9.94
N CYS B 231 -45.82 9.28 11.06
CA CYS B 231 -44.48 8.86 11.44
C CYS B 231 -44.54 8.21 12.83
N LEU B 232 -43.46 7.48 13.17
CA LEU B 232 -43.42 6.78 14.46
C LEU B 232 -43.45 7.77 15.62
N GLU B 233 -44.31 7.50 16.61
CA GLU B 233 -44.47 8.38 17.76
C GLU B 233 -43.26 8.39 18.70
N ASN B 234 -42.40 7.38 18.67
CA ASN B 234 -41.24 7.39 19.55
C ASN B 234 -40.37 8.62 19.30
N HIS B 235 -40.19 8.98 18.03
CA HIS B 235 -39.32 10.09 17.62
C HIS B 235 -40.12 11.02 16.71
N PRO B 236 -40.27 12.30 17.07
CA PRO B 236 -41.00 13.22 16.18
C PRO B 236 -40.14 13.68 15.00
N LEU B 239 -41.97 20.36 11.65
CA LEU B 239 -42.45 20.49 10.29
C LEU B 239 -43.36 21.70 10.18
N GLU B 240 -43.31 22.38 9.03
CA GLU B 240 -44.13 23.56 8.75
C GLU B 240 -44.84 23.43 7.41
N THR B 241 -46.03 24.00 7.35
CA THR B 241 -46.82 23.97 6.12
C THR B 241 -46.12 24.80 5.04
N GLY B 242 -46.23 24.34 3.79
CA GLY B 242 -45.59 24.99 2.68
C GLY B 242 -44.21 24.48 2.35
N GLN B 243 -43.60 23.69 3.25
CA GLN B 243 -42.26 23.17 3.04
C GLN B 243 -42.31 22.04 2.02
N PHE B 244 -41.18 21.80 1.36
CA PHE B 244 -41.06 20.76 0.34
C PHE B 244 -40.21 19.60 0.85
N LEU B 245 -40.71 18.38 0.68
CA LEU B 245 -40.02 17.17 1.09
C LEU B 245 -39.94 16.17 -0.05
N THR B 246 -38.79 15.51 -0.17
CA THR B 246 -38.56 14.42 -1.10
C THR B 246 -38.70 13.09 -0.36
N PHE B 247 -39.07 12.04 -1.10
CA PHE B 247 -39.40 10.75 -0.53
C PHE B 247 -38.53 9.66 -1.09
N ARG B 248 -38.26 8.64 -0.27
CA ARG B 248 -37.43 7.52 -0.71
C ARG B 248 -37.74 6.31 0.15
N GLU B 249 -37.49 5.13 -0.41
CA GLU B 249 -37.55 3.86 0.29
C GLU B 249 -38.96 3.48 0.75
N ILE B 250 -40.00 4.04 0.14
CA ILE B 250 -41.37 3.63 0.46
C ILE B 250 -41.65 2.35 -0.32
N ASN B 251 -42.28 1.38 0.33
CA ASN B 251 -42.65 0.12 -0.30
C ASN B 251 -44.14 0.12 -0.58
N GLY B 252 -44.51 -0.43 -1.74
CA GLY B 252 -45.89 -0.39 -2.19
C GLY B 252 -46.21 0.85 -2.99
N MET B 253 -46.15 2.01 -2.35
CA MET B 253 -46.33 3.30 -3.02
C MET B 253 -45.00 3.78 -3.63
N THR B 254 -44.53 2.98 -4.61
CA THR B 254 -43.22 3.24 -5.19
C THR B 254 -43.20 4.50 -6.03
N GLY B 255 -44.35 4.93 -6.56
CA GLY B 255 -44.38 6.14 -7.36
C GLY B 255 -43.97 7.36 -6.56
N LEU B 256 -44.37 7.42 -5.29
CA LEU B 256 -44.10 8.60 -4.47
C LEU B 256 -42.60 8.80 -4.25
N ASN B 257 -41.81 7.73 -4.33
CA ASN B 257 -40.37 7.87 -4.13
C ASN B 257 -39.79 8.80 -5.19
N GLY B 258 -38.92 9.71 -4.76
CA GLY B 258 -38.31 10.67 -5.67
C GLY B 258 -39.17 11.85 -6.01
N SER B 259 -40.29 12.03 -5.30
CA SER B 259 -41.24 13.10 -5.59
C SER B 259 -41.23 14.13 -4.47
N ILE B 260 -41.38 15.40 -4.85
CA ILE B 260 -41.44 16.52 -3.91
C ILE B 260 -42.85 17.08 -3.86
N GLN B 261 -43.39 17.20 -2.65
CA GLN B 261 -44.73 17.73 -2.38
C GLN B 261 -44.70 18.83 -1.34
N GLN B 262 -45.56 19.83 -1.55
CA GLN B 262 -45.83 20.84 -0.53
C GLN B 262 -46.57 20.22 0.64
N ILE B 263 -46.16 20.57 1.85
CA ILE B 263 -46.61 19.87 3.05
C ILE B 263 -47.64 20.75 3.75
N THR B 264 -48.60 20.08 4.40
CA THR B 264 -49.59 20.73 5.25
C THR B 264 -49.61 19.96 6.57
N VAL B 265 -49.31 20.64 7.67
CA VAL B 265 -49.12 19.95 8.94
C VAL B 265 -50.49 19.64 9.55
N ILE B 266 -50.78 18.35 9.75
CA ILE B 266 -52.03 17.93 10.38
C ILE B 266 -51.87 17.76 11.89
N SER B 267 -50.74 17.22 12.33
CA SER B 267 -50.48 16.95 13.73
C SER B 267 -48.98 16.96 13.95
N PRO B 268 -48.50 16.85 15.20
CA PRO B 268 -47.04 16.79 15.40
C PRO B 268 -46.39 15.62 14.68
N PHE B 269 -47.10 14.52 14.54
CA PHE B 269 -46.58 13.29 13.93
C PHE B 269 -47.24 12.99 12.57
N SER B 270 -48.03 13.91 12.00
CA SER B 270 -48.70 13.63 10.73
C SER B 270 -48.82 14.88 9.85
N PHE B 271 -48.75 14.65 8.54
CA PHE B 271 -48.87 15.73 7.55
C PHE B 271 -49.49 15.23 6.25
N SER B 272 -50.03 16.17 5.49
CA SER B 272 -50.73 15.92 4.23
C SER B 272 -49.93 16.50 3.07
N ILE B 273 -49.72 15.69 2.03
CA ILE B 273 -48.90 16.07 0.89
C ILE B 273 -49.72 16.28 -0.38
N GLY B 274 -50.67 15.40 -0.66
CA GLY B 274 -51.42 15.50 -1.90
C GLY B 274 -52.13 14.20 -2.19
N ASP B 275 -52.81 14.19 -3.34
CA ASP B 275 -53.67 13.06 -3.68
C ASP B 275 -52.82 11.80 -3.86
N THR B 276 -53.24 10.73 -3.19
CA THR B 276 -52.58 9.43 -3.27
C THR B 276 -53.49 8.39 -3.90
N THR B 277 -54.65 8.81 -4.42
CA THR B 277 -55.58 7.92 -5.08
C THR B 277 -55.02 7.50 -6.44
N GLU B 278 -55.51 6.37 -6.94
CA GLU B 278 -55.03 5.80 -8.21
C GLU B 278 -53.52 5.60 -8.19
N LEU B 279 -53.00 5.23 -7.01
CA LEU B 279 -51.59 4.96 -6.79
C LEU B 279 -51.48 3.60 -6.12
N GLU B 280 -50.31 2.98 -6.20
CA GLU B 280 -50.17 1.63 -5.67
C GLU B 280 -50.32 1.65 -4.14
N PRO B 281 -50.88 0.59 -3.56
CA PRO B 281 -51.19 0.63 -2.12
C PRO B 281 -49.95 0.59 -1.24
N TYR B 282 -49.98 1.39 -0.15
CA TYR B 282 -48.84 1.46 0.76
C TYR B 282 -48.67 0.16 1.53
N LEU B 283 -47.42 -0.23 1.76
CA LEU B 283 -47.11 -1.46 2.49
C LEU B 283 -46.30 -1.15 3.74
N HIS B 284 -45.06 -0.69 3.62
CA HIS B 284 -44.22 -0.44 4.77
C HIS B 284 -43.04 0.45 4.37
N GLY B 285 -42.36 1.00 5.38
CA GLY B 285 -41.14 1.75 5.18
C GLY B 285 -41.36 3.19 4.74
N GLY B 286 -40.28 3.80 4.30
CA GLY B 286 -40.32 5.16 3.77
C GLY B 286 -39.58 6.19 4.61
N ILE B 287 -38.88 7.09 3.91
CA ILE B 287 -38.13 8.20 4.50
C ILE B 287 -38.48 9.49 3.77
N ALA B 288 -38.77 10.53 4.55
CA ALA B 288 -39.05 11.87 4.06
C ALA B 288 -37.91 12.81 4.45
N VAL B 289 -37.31 13.48 3.47
CA VAL B 289 -36.21 14.41 3.71
C VAL B 289 -36.67 15.81 3.27
N GLN B 290 -36.53 16.80 4.15
CA GLN B 290 -36.94 18.15 3.83
C GLN B 290 -36.05 18.76 2.76
N VAL B 291 -36.65 19.54 1.86
CA VAL B 291 -35.94 20.11 0.71
C VAL B 291 -35.56 21.56 1.01
N LYS B 292 -34.28 21.88 0.85
CA LYS B 292 -33.83 23.25 1.08
C LYS B 292 -34.29 24.13 -0.08
N THR B 293 -35.17 25.09 0.20
CA THR B 293 -35.72 26.01 -0.78
C THR B 293 -35.05 27.38 -0.70
N PRO B 294 -34.67 27.98 -1.82
CA PRO B 294 -34.03 29.30 -1.77
C PRO B 294 -34.96 30.37 -1.21
N LYS B 295 -34.41 31.22 -0.34
CA LYS B 295 -35.13 32.32 0.28
C LYS B 295 -34.61 33.66 -0.25
N THR B 296 -35.53 34.57 -0.58
CA THR B 296 -35.12 35.88 -1.09
C THR B 296 -35.10 36.88 0.07
N VAL B 297 -33.99 37.61 0.17
CA VAL B 297 -33.78 38.60 1.22
C VAL B 297 -33.50 39.93 0.55
N PHE B 298 -33.96 41.02 1.19
CA PHE B 298 -33.94 42.35 0.58
C PHE B 298 -33.01 43.28 1.34
N PHE B 299 -32.15 43.99 0.61
CA PHE B 299 -31.22 44.97 1.20
C PHE B 299 -31.51 46.35 0.64
N GLU B 300 -31.62 47.33 1.53
CA GLU B 300 -31.77 48.74 1.14
C GLU B 300 -30.41 49.38 0.90
N SER B 301 -30.43 50.53 0.25
CA SER B 301 -29.18 51.20 -0.10
C SER B 301 -28.51 51.78 1.15
N LEU B 302 -27.24 52.16 1.00
CA LEU B 302 -26.51 52.78 2.10
C LEU B 302 -27.15 54.10 2.48
N GLU B 303 -27.54 54.89 1.48
CA GLU B 303 -28.17 56.17 1.74
C GLU B 303 -29.50 55.99 2.47
N ARG B 304 -30.34 55.07 1.99
CA ARG B 304 -31.60 54.79 2.66
C ARG B 304 -31.39 54.25 4.06
N GLN B 305 -30.38 53.38 4.23
CA GLN B 305 -30.15 52.75 5.53
C GLN B 305 -29.64 53.75 6.56
N LEU B 306 -28.81 54.71 6.15
CA LEU B 306 -28.29 55.68 7.11
C LEU B 306 -29.43 56.46 7.78
N LYS B 307 -30.46 56.85 7.01
CA LYS B 307 -31.62 57.51 7.62
C LYS B 307 -32.45 56.54 8.46
N HIS B 308 -32.64 55.30 7.99
CA HIS B 308 -33.50 54.32 8.66
C HIS B 308 -32.71 53.02 8.82
N PRO B 309 -31.79 52.96 9.78
CA PRO B 309 -30.90 51.80 9.89
C PRO B 309 -31.59 50.57 10.43
N LYS B 310 -31.08 49.41 10.03
CA LYS B 310 -31.53 48.09 10.49
C LYS B 310 -30.33 47.31 11.06
N LEU B 312 -27.93 44.88 14.10
CA LEU B 312 -27.77 43.63 14.85
C LEU B 312 -27.28 43.87 16.27
N ILE B 313 -28.11 43.52 17.25
CA ILE B 313 -27.80 43.75 18.65
C ILE B 313 -26.83 42.66 19.12
N VAL B 314 -25.62 43.07 19.51
CA VAL B 314 -24.63 42.08 19.95
C VAL B 314 -24.70 41.84 21.46
N ASP B 315 -25.01 42.88 22.24
CA ASP B 315 -25.25 42.76 23.68
C ASP B 315 -26.66 43.23 23.96
N PHE B 316 -27.52 42.31 24.39
CA PHE B 316 -28.93 42.61 24.65
C PHE B 316 -29.15 43.26 26.00
N SER B 317 -28.09 43.52 26.75
CA SER B 317 -28.20 44.36 27.94
C SER B 317 -28.56 45.79 27.59
N ASN B 318 -28.02 46.29 26.48
CA ASN B 318 -28.32 47.63 25.98
C ASN B 318 -28.87 47.54 24.57
N PRO B 319 -30.20 47.51 24.41
CA PRO B 319 -30.76 47.39 23.04
C PRO B 319 -30.53 48.60 22.17
N GLU B 320 -30.48 49.81 22.75
CA GLU B 320 -30.33 51.03 21.95
C GLU B 320 -28.89 51.33 21.57
N ALA B 321 -27.92 50.52 22.03
CA ALA B 321 -26.52 50.84 21.79
C ALA B 321 -26.18 50.96 20.31
N PRO B 322 -26.65 50.08 19.43
CA PRO B 322 -26.20 50.17 18.02
C PRO B 322 -26.55 51.47 17.36
N LEU B 323 -27.77 51.98 17.58
CA LEU B 323 -28.17 53.24 16.95
C LEU B 323 -27.40 54.42 17.53
N GLU B 324 -27.10 54.41 18.83
CA GLU B 324 -26.30 55.49 19.40
C GLU B 324 -24.89 55.49 18.82
N ILE B 325 -24.29 54.30 18.68
CA ILE B 325 -22.97 54.21 18.06
C ILE B 325 -23.04 54.65 16.59
N HIS B 326 -24.11 54.26 15.90
CA HIS B 326 -24.31 54.64 14.51
C HIS B 326 -24.41 56.15 14.36
N THR B 327 -25.15 56.80 15.26
CA THR B 327 -25.26 58.25 15.28
C THR B 327 -23.90 58.89 15.50
N ALA B 328 -23.14 58.38 16.46
CA ALA B 328 -21.83 58.94 16.74
C ALA B 328 -20.87 58.76 15.57
N MET B 329 -20.86 57.58 14.96
CA MET B 329 -19.97 57.33 13.83
C MET B 329 -20.33 58.21 12.64
N LEU B 330 -21.64 58.41 12.41
CA LEU B 330 -22.07 59.34 11.37
C LEU B 330 -21.58 60.75 11.66
N ALA B 331 -21.65 61.17 12.93
CA ALA B 331 -21.13 62.49 13.28
C ALA B 331 -19.64 62.58 12.99
N LEU B 332 -18.90 61.49 13.25
CA LEU B 332 -17.47 61.48 12.93
C LEU B 332 -17.24 61.64 11.43
N ASP B 333 -18.07 61.00 10.60
CA ASP B 333 -17.95 61.19 9.15
C ASP B 333 -18.21 62.63 8.76
N GLN B 334 -19.24 63.24 9.35
CA GLN B 334 -19.54 64.65 9.06
C GLN B 334 -18.39 65.55 9.47
N PHE B 335 -17.81 65.30 10.65
CA PHE B 335 -16.67 66.07 11.14
C PHE B 335 -15.47 65.94 10.22
N GLN B 336 -15.21 64.72 9.74
CA GLN B 336 -14.09 64.50 8.84
C GLN B 336 -14.26 65.27 7.55
N GLU B 337 -15.48 65.31 7.01
CA GLU B 337 -15.69 66.09 5.79
C GLU B 337 -15.53 67.59 6.06
N LYS B 338 -16.11 68.10 7.16
CA LYS B 338 -16.07 69.54 7.37
C LYS B 338 -14.64 70.02 7.59
N TYR B 339 -13.92 69.41 8.53
CA TYR B 339 -12.62 69.93 8.94
C TYR B 339 -11.44 69.17 8.35
N SER B 340 -11.71 68.16 7.51
CA SER B 340 -10.65 67.44 6.81
C SER B 340 -9.71 66.73 7.79
N ARG B 341 -10.22 66.40 8.97
CA ARG B 341 -9.42 65.73 9.98
C ARG B 341 -10.33 65.12 11.03
N LYS B 342 -9.78 64.16 11.80
CA LYS B 342 -10.51 63.54 12.90
C LYS B 342 -10.34 64.36 14.18
N PRO B 343 -11.25 64.19 15.15
CA PRO B 343 -11.11 64.91 16.43
C PRO B 343 -9.81 64.56 17.15
N ASN B 344 -9.21 65.57 17.77
CA ASN B 344 -8.00 65.40 18.57
C ASN B 344 -8.32 64.99 20.01
N VAL B 345 -7.46 64.16 20.58
CA VAL B 345 -7.64 63.73 21.96
C VAL B 345 -7.58 64.95 22.86
N GLY B 346 -8.55 65.05 23.77
CA GLY B 346 -8.54 66.12 24.74
C GLY B 346 -9.23 67.38 24.30
N GLN B 348 -11.56 70.09 23.46
CA GLN B 348 -12.96 70.15 23.87
C GLN B 348 -13.79 70.75 22.75
N GLN B 349 -13.19 71.60 21.92
CA GLN B 349 -13.89 72.13 20.76
C GLN B 349 -14.31 70.99 19.84
N ASP B 350 -13.40 70.03 19.59
CA ASP B 350 -13.72 68.91 18.72
C ASP B 350 -14.80 68.03 19.30
N SER B 351 -14.72 67.71 20.60
CA SER B 351 -15.75 66.86 21.20
C SER B 351 -17.10 67.56 21.21
N GLU B 352 -17.13 68.86 21.50
CA GLU B 352 -18.39 69.59 21.45
C GLU B 352 -18.95 69.65 20.03
N GLU B 353 -18.09 69.86 19.03
CA GLU B 353 -18.57 69.87 17.65
C GLU B 353 -19.10 68.51 17.24
N LEU B 354 -18.42 67.43 17.67
CA LEU B 354 -18.92 66.09 17.39
C LEU B 354 -20.29 65.88 18.02
N LEU B 355 -20.49 66.41 19.24
CA LEU B 355 -21.80 66.29 19.88
C LEU B 355 -22.85 67.11 19.15
N LYS B 356 -22.49 68.30 18.66
CA LYS B 356 -23.43 69.09 17.87
C LYS B 356 -23.86 68.33 16.61
N LEU B 357 -22.88 67.80 15.88
CA LEU B 357 -23.20 67.05 14.66
C LEU B 357 -24.05 65.82 14.98
N ALA B 358 -23.76 65.16 16.11
CA ALA B 358 -24.51 63.98 16.50
C ALA B 358 -25.96 64.33 16.84
N THR B 359 -26.18 65.45 17.52
CA THR B 359 -27.54 65.86 17.84
C THR B 359 -28.33 66.18 16.58
N SER B 360 -27.70 66.86 15.61
CA SER B 360 -28.38 67.12 14.33
C SER B 360 -28.77 65.81 13.65
N ILE B 361 -27.83 64.87 13.58
CA ILE B 361 -28.13 63.57 12.98
C ILE B 361 -29.27 62.90 13.71
N SER B 362 -29.29 63.00 15.05
CA SER B 362 -30.34 62.36 15.82
C SER B 362 -31.70 62.91 15.42
N GLU B 363 -31.77 64.22 15.14
CA GLU B 363 -33.03 64.79 14.70
C GLU B 363 -33.44 64.26 13.33
N THR B 364 -32.49 64.02 12.43
CA THR B 364 -32.90 63.49 11.12
C THR B 364 -33.48 62.07 11.21
N LEU B 365 -33.01 61.25 12.13
CA LEU B 365 -33.42 59.85 12.21
C LEU B 365 -34.90 59.71 12.51
N GLU B 366 -35.50 58.61 12.01
CA GLU B 366 -36.95 58.44 12.14
C GLU B 366 -37.35 58.45 13.61
N GLU B 367 -36.71 57.62 14.42
CA GLU B 367 -36.89 57.60 15.86
C GLU B 367 -35.68 58.30 16.47
N LYS B 368 -35.92 59.43 17.15
CA LYS B 368 -34.82 60.28 17.60
C LYS B 368 -34.14 59.73 18.85
N PRO B 369 -32.96 59.10 18.73
CA PRO B 369 -32.27 58.61 19.93
C PRO B 369 -31.65 59.79 20.65
N ASP B 370 -31.81 59.86 21.97
CA ASP B 370 -31.06 60.88 22.69
C ASP B 370 -29.59 60.52 22.55
N VAL B 371 -28.77 61.51 22.26
CA VAL B 371 -27.38 61.20 21.97
C VAL B 371 -26.71 60.69 23.24
N ASN B 372 -25.83 59.73 23.08
CA ASN B 372 -25.06 59.19 24.21
C ASN B 372 -23.77 59.99 24.28
N ALA B 373 -23.66 60.84 25.30
CA ALA B 373 -22.50 61.72 25.40
C ALA B 373 -21.24 60.92 25.59
N ASP B 374 -21.31 59.80 26.31
CA ASP B 374 -20.12 58.98 26.54
C ASP B 374 -19.58 58.39 25.25
N ILE B 375 -20.46 57.91 24.37
CA ILE B 375 -19.99 57.33 23.11
C ILE B 375 -19.33 58.39 22.25
N VAL B 376 -19.93 59.59 22.20
CA VAL B 376 -19.34 60.69 21.42
C VAL B 376 -17.99 61.08 22.00
N HIS B 377 -17.90 61.15 23.33
CA HIS B 377 -16.65 61.52 23.98
C HIS B 377 -15.55 60.51 23.67
N TRP B 378 -15.84 59.23 23.86
CA TRP B 378 -14.83 58.21 23.63
C TRP B 378 -14.48 58.07 22.16
N LEU B 379 -15.44 58.32 21.25
CA LEU B 379 -15.13 58.31 19.83
C LEU B 379 -14.20 59.46 19.47
N SER B 380 -14.48 60.66 19.98
CA SER B 380 -13.61 61.79 19.73
C SER B 380 -12.22 61.52 20.29
N TRP B 381 -12.16 60.89 21.44
CA TRP B 381 -10.92 60.59 22.13
C TRP B 381 -10.08 59.54 21.40
N THR B 382 -10.72 58.47 20.89
CA THR B 382 -10.01 57.34 20.29
C THR B 382 -10.09 57.30 18.77
N ALA B 383 -10.76 58.26 18.13
CA ALA B 383 -11.00 58.16 16.69
C ALA B 383 -9.69 58.06 15.91
N GLN B 384 -8.65 58.77 16.34
CA GLN B 384 -7.36 58.72 15.67
C GLN B 384 -6.61 57.41 15.95
N GLY B 385 -7.05 56.65 16.95
CA GLY B 385 -6.46 55.36 17.22
C GLY B 385 -7.09 54.23 16.44
N PHE B 386 -6.37 53.10 16.38
CA PHE B 386 -6.81 51.90 15.71
C PHE B 386 -6.55 50.70 16.62
N LEU B 387 -7.60 49.96 16.95
CA LEU B 387 -7.50 48.79 17.82
C LEU B 387 -7.43 47.53 16.96
N SER B 388 -6.27 46.88 16.94
CA SER B 388 -6.07 45.74 16.07
C SER B 388 -6.92 44.52 16.44
N PRO B 389 -7.10 44.18 17.71
CA PRO B 389 -7.97 43.03 18.04
C PRO B 389 -9.40 43.19 17.55
N LEU B 390 -9.98 44.38 17.77
CA LEU B 390 -11.32 44.67 17.28
C LEU B 390 -11.39 44.54 15.77
N ALA B 391 -10.37 45.06 15.08
CA ALA B 391 -10.33 44.96 13.62
C ALA B 391 -10.21 43.51 13.17
N ALA B 392 -9.46 42.69 13.91
CA ALA B 392 -9.39 41.26 13.57
C ALA B 392 -10.76 40.62 13.64
N ALA B 393 -11.52 40.94 14.70
CA ALA B 393 -12.87 40.39 14.84
C ALA B 393 -13.76 40.86 13.70
N VAL B 394 -13.78 42.16 13.44
CA VAL B 394 -14.63 42.72 12.39
C VAL B 394 -14.21 42.16 11.03
N GLY B 395 -12.90 41.95 10.84
CA GLY B 395 -12.42 41.44 9.57
C GLY B 395 -12.83 40.00 9.33
N GLY B 396 -12.82 39.18 10.38
CA GLY B 396 -13.31 37.82 10.23
C GLY B 396 -14.79 37.80 9.86
N VAL B 397 -15.60 38.60 10.56
CA VAL B 397 -17.02 38.62 10.23
C VAL B 397 -17.26 39.13 8.81
N ALA B 398 -16.55 40.20 8.43
CA ALA B 398 -16.72 40.78 7.10
C ALA B 398 -16.28 39.82 6.00
N SER B 399 -15.21 39.07 6.23
CA SER B 399 -14.79 38.06 5.26
C SER B 399 -15.87 36.99 5.09
N GLN B 400 -16.47 36.55 6.20
CA GLN B 400 -17.55 35.60 6.05
C GLN B 400 -18.69 36.19 5.23
N GLU B 401 -18.97 37.48 5.39
CA GLU B 401 -20.00 38.10 4.56
C GLU B 401 -19.61 38.09 3.08
N VAL B 402 -18.34 38.31 2.78
CA VAL B 402 -17.89 38.25 1.39
C VAL B 402 -18.16 36.87 0.80
N LEU B 403 -17.83 35.82 1.56
CA LEU B 403 -18.06 34.46 1.07
C LEU B 403 -19.54 34.19 0.89
N LYS B 404 -20.37 34.66 1.82
CA LYS B 404 -21.82 34.50 1.69
C LYS B 404 -22.32 35.15 0.41
N ALA B 405 -21.79 36.33 0.09
CA ALA B 405 -22.22 37.06 -1.09
C ALA B 405 -21.87 36.30 -2.37
N VAL B 406 -20.65 35.79 -2.47
CA VAL B 406 -20.31 35.12 -3.73
C VAL B 406 -20.94 33.73 -3.84
N THR B 407 -21.28 33.09 -2.71
CA THR B 407 -21.85 31.74 -2.77
C THR B 407 -23.33 31.66 -2.41
N GLY B 408 -23.86 32.60 -1.62
CA GLY B 408 -25.22 32.43 -1.14
C GLY B 408 -25.38 31.33 -0.12
N LYS B 409 -24.27 30.93 0.54
CA LYS B 409 -24.29 29.75 1.40
C LYS B 409 -25.04 29.97 2.70
N PHE B 410 -24.94 31.16 3.31
CA PHE B 410 -25.58 31.40 4.59
C PHE B 410 -26.42 32.67 4.54
N SER B 411 -27.25 32.86 5.56
CA SER B 411 -28.05 34.07 5.67
C SER B 411 -27.13 35.23 6.03
N PRO B 412 -27.14 36.34 5.29
CA PRO B 412 -26.17 37.41 5.53
C PRO B 412 -26.61 38.38 6.61
N LEU B 413 -25.63 39.15 7.09
CA LEU B 413 -25.85 40.22 8.06
C LEU B 413 -26.93 41.17 7.56
N GLN B 415 -27.68 44.21 7.21
CA GLN B 415 -27.24 45.58 6.98
C GLN B 415 -26.16 46.04 7.99
N TRP B 416 -26.47 46.31 9.25
CA TRP B 416 -25.50 46.91 10.16
C TRP B 416 -25.08 45.96 11.27
N LEU B 417 -23.78 45.98 11.58
CA LEU B 417 -23.21 45.37 12.79
C LEU B 417 -22.23 46.36 13.43
N TYR B 418 -22.40 46.61 14.74
CA TYR B 418 -21.62 47.63 15.45
C TYR B 418 -20.97 47.03 16.71
N LEU B 419 -19.83 46.37 16.52
CA LEU B 419 -19.05 45.84 17.64
C LEU B 419 -18.34 46.99 18.35
N GLU B 420 -18.16 46.84 19.67
CA GLU B 420 -17.58 47.91 20.47
C GLU B 420 -16.58 47.31 21.46
N ALA B 421 -15.60 48.13 21.85
CA ALA B 421 -14.66 47.79 22.91
C ALA B 421 -14.74 48.83 24.01
N ALA B 422 -15.96 49.32 24.27
CA ALA B 422 -16.13 50.40 25.24
C ALA B 422 -15.75 49.96 26.64
N ASP B 423 -15.94 48.68 26.97
CA ASP B 423 -15.62 48.20 28.31
C ASP B 423 -14.15 48.43 28.65
N ILE B 424 -13.28 48.42 27.63
CA ILE B 424 -11.84 48.60 27.88
C ILE B 424 -11.57 50.01 28.40
N VAL B 425 -12.25 51.03 27.88
CA VAL B 425 -11.99 52.40 28.31
C VAL B 425 -12.85 52.81 29.50
N GLU B 426 -14.01 52.18 29.70
CA GLU B 426 -14.91 52.63 30.75
C GLU B 426 -14.35 52.34 32.14
N SER B 427 -13.65 51.21 32.31
CA SER B 427 -13.12 50.89 33.64
C SER B 427 -11.95 51.78 34.02
N LEU B 428 -11.23 52.32 33.04
CA LEU B 428 -10.12 53.23 33.34
C LEU B 428 -10.61 54.44 34.13
N GLY B 429 -11.83 54.90 33.84
CA GLY B 429 -12.34 56.12 34.43
C GLY B 429 -12.19 57.28 33.48
N LYS B 430 -12.01 58.49 34.03
CA LYS B 430 -11.63 59.65 33.23
C LYS B 430 -10.10 59.81 33.25
N PRO B 431 -9.40 59.33 32.21
CA PRO B 431 -7.95 59.32 32.23
C PRO B 431 -7.36 60.61 31.66
N GLU B 432 -6.05 60.75 31.84
CA GLU B 432 -5.34 61.91 31.36
C GLU B 432 -5.13 61.83 29.84
N GLU B 434 -2.96 62.90 28.06
CA GLU B 434 -1.56 62.69 27.69
C GLU B 434 -1.19 61.21 27.60
N GLU B 435 -1.95 60.35 28.31
CA GLU B 435 -1.72 58.91 28.20
C GLU B 435 -2.00 58.42 26.78
N PHE B 436 -2.93 59.05 26.08
CA PHE B 436 -3.34 58.64 24.75
C PHE B 436 -2.66 59.43 23.65
N LEU B 437 -1.67 60.27 23.99
CA LEU B 437 -0.93 61.09 23.06
C LEU B 437 0.25 60.29 22.49
N PRO B 438 0.57 60.46 21.20
CA PRO B 438 1.60 59.60 20.60
C PRO B 438 3.01 59.93 21.07
N ARG B 439 3.84 58.89 21.13
CA ARG B 439 5.26 58.98 21.45
C ARG B 439 6.14 58.53 20.29
N GLY B 440 5.61 58.49 19.08
CA GLY B 440 6.39 58.09 17.90
C GLY B 440 6.88 56.67 17.89
N ASP B 441 6.07 55.72 18.32
CA ASP B 441 6.43 54.31 18.31
C ASP B 441 5.30 53.52 17.65
N ARG B 442 5.54 52.23 17.44
CA ARG B 442 4.54 51.42 16.74
C ARG B 442 3.27 51.27 17.56
N TYR B 443 3.32 51.51 18.85
CA TYR B 443 2.16 51.33 19.71
C TYR B 443 1.29 52.59 19.80
N ASP B 444 1.59 53.61 19.00
CA ASP B 444 0.78 54.83 19.02
C ASP B 444 -0.68 54.51 18.81
N ALA B 445 -0.97 53.68 17.81
CA ALA B 445 -2.36 53.34 17.53
C ALA B 445 -3.02 52.76 18.77
N LEU B 446 -2.39 51.75 19.37
CA LEU B 446 -2.97 51.13 20.56
C LEU B 446 -3.07 52.14 21.70
N ARG B 447 -2.05 52.99 21.84
CA ARG B 447 -2.07 53.97 22.91
C ARG B 447 -3.23 54.94 22.77
N ALA B 448 -3.60 55.29 21.54
CA ALA B 448 -4.74 56.18 21.36
C ALA B 448 -6.05 55.53 21.77
N CYS B 449 -6.10 54.19 21.80
CA CYS B 449 -7.32 53.50 22.16
C CYS B 449 -7.38 53.12 23.64
N ILE B 450 -6.32 52.54 24.19
CA ILE B 450 -6.37 51.98 25.54
C ILE B 450 -5.54 52.74 26.57
N GLY B 451 -4.63 53.62 26.16
CA GLY B 451 -3.83 54.38 27.11
C GLY B 451 -2.46 53.79 27.33
N ASP B 452 -1.49 54.65 27.66
CA ASP B 452 -0.12 54.18 27.79
C ASP B 452 0.06 53.24 28.97
N THR B 453 -0.63 53.48 30.09
CA THR B 453 -0.45 52.64 31.26
C THR B 453 -0.79 51.18 30.94
N LEU B 454 -1.92 50.97 30.25
CA LEU B 454 -2.32 49.62 29.90
C LEU B 454 -1.41 49.03 28.82
N CYS B 455 -0.90 49.85 27.89
CA CYS B 455 0.07 49.36 26.92
C CYS B 455 1.31 48.82 27.62
N GLN B 456 1.80 49.56 28.63
CA GLN B 456 2.98 49.13 29.36
C GLN B 456 2.70 47.85 30.12
N LYS B 457 1.53 47.74 30.74
CA LYS B 457 1.16 46.48 31.39
C LYS B 457 1.18 45.33 30.38
N LEU B 458 0.71 45.60 29.15
CA LEU B 458 0.76 44.57 28.12
C LEU B 458 2.21 44.18 27.78
N GLN B 459 3.11 45.17 27.70
CA GLN B 459 4.50 44.84 27.35
C GLN B 459 5.17 43.98 28.40
N ASN B 460 4.96 44.27 29.69
CA ASN B 460 5.55 43.44 30.75
C ASN B 460 4.52 42.43 31.24
N LEU B 461 4.30 41.43 30.39
CA LEU B 461 3.32 40.37 30.61
C LEU B 461 4.01 39.01 30.45
N ASN B 462 3.61 38.06 31.29
CA ASN B 462 4.02 36.66 31.18
C ASN B 462 2.77 35.84 30.92
N ILE B 463 2.65 35.30 29.70
CA ILE B 463 1.44 34.60 29.26
C ILE B 463 1.79 33.18 28.86
N PHE B 464 0.89 32.24 29.18
CA PHE B 464 1.07 30.84 28.80
C PHE B 464 0.00 30.47 27.78
N LEU B 465 0.42 30.21 26.54
CA LEU B 465 -0.48 29.84 25.46
C LEU B 465 -0.47 28.31 25.30
N VAL B 466 -1.57 27.67 25.67
CA VAL B 466 -1.67 26.21 25.64
C VAL B 466 -2.24 25.81 24.28
N GLY B 467 -1.41 25.24 23.43
CA GLY B 467 -1.83 24.89 22.10
C GLY B 467 -1.51 25.98 21.09
N CYS B 468 -1.07 25.59 19.90
CA CYS B 468 -0.72 26.54 18.85
C CYS B 468 -1.42 26.11 17.55
N GLY B 469 -2.75 26.20 17.56
CA GLY B 469 -3.55 25.92 16.40
C GLY B 469 -3.92 27.19 15.65
N ALA B 470 -5.14 27.22 15.10
CA ALA B 470 -5.61 28.41 14.42
C ALA B 470 -5.75 29.57 15.40
N ILE B 471 -6.42 29.32 16.52
CA ILE B 471 -6.59 30.34 17.55
C ILE B 471 -5.23 30.73 18.11
N GLY B 472 -4.33 29.77 18.28
CA GLY B 472 -3.00 30.08 18.77
C GLY B 472 -2.22 31.01 17.85
N CYS B 473 -2.24 30.73 16.54
CA CYS B 473 -1.55 31.58 15.58
C CYS B 473 -2.18 32.97 15.55
N GLU B 474 -3.51 33.04 15.53
CA GLU B 474 -4.16 34.35 15.52
C GLU B 474 -3.82 35.13 16.77
N MET B 475 -3.78 34.44 17.91
CA MET B 475 -3.44 35.08 19.18
C MET B 475 -2.00 35.55 19.20
N LEU B 476 -1.08 34.80 18.59
CA LEU B 476 0.30 35.25 18.53
C LEU B 476 0.42 36.50 17.68
N LYS B 477 -0.33 36.57 16.57
CA LYS B 477 -0.37 37.81 15.79
C LYS B 477 -0.91 38.97 16.65
N ASN B 478 -1.97 38.69 17.40
CA ASN B 478 -2.57 39.75 18.22
C ASN B 478 -1.65 40.15 19.36
N PHE B 479 -0.82 39.23 19.86
CA PHE B 479 0.20 39.59 20.85
C PHE B 479 1.23 40.50 20.22
N ALA B 480 1.69 40.16 19.02
CA ALA B 480 2.74 40.95 18.37
C ALA B 480 2.25 42.35 18.06
N LEU B 481 0.99 42.50 17.63
CA LEU B 481 0.46 43.83 17.37
C LEU B 481 0.13 44.57 18.67
N LEU B 482 -0.31 43.86 19.70
CA LEU B 482 -0.56 44.45 21.00
C LEU B 482 0.73 44.71 21.78
N GLY B 483 1.86 44.15 21.35
CA GLY B 483 3.11 44.37 22.03
C GLY B 483 3.32 43.52 23.26
N VAL B 484 2.55 42.44 23.41
CA VAL B 484 2.66 41.62 24.60
C VAL B 484 4.06 41.00 24.66
N GLY B 485 4.67 41.06 25.84
CA GLY B 485 5.97 40.46 26.05
C GLY B 485 7.12 41.11 25.31
N THR B 486 7.05 42.41 25.05
CA THR B 486 8.11 43.12 24.34
C THR B 486 9.07 43.87 25.27
N SER B 487 8.76 44.00 26.55
CA SER B 487 9.68 44.66 27.47
C SER B 487 10.88 43.76 27.69
N LYS B 488 12.07 44.33 27.50
CA LYS B 488 13.29 43.52 27.59
C LYS B 488 13.47 42.95 28.99
N GLU B 489 13.13 43.74 30.02
CA GLU B 489 13.42 43.31 31.39
C GLU B 489 12.56 42.13 31.82
N LYS B 490 11.25 42.18 31.61
CA LYS B 490 10.33 41.24 32.26
C LYS B 490 9.16 40.81 31.39
N GLY B 491 9.41 40.30 30.19
CA GLY B 491 8.33 39.79 29.33
C GLY B 491 8.61 38.42 28.73
N MET B 492 7.59 37.54 28.77
CA MET B 492 7.76 36.22 28.14
C MET B 492 6.40 35.62 27.75
N ILE B 493 6.33 35.08 26.53
CA ILE B 493 5.17 34.34 26.03
C ILE B 493 5.60 32.88 25.87
N THR B 494 4.94 31.97 26.59
CA THR B 494 5.29 30.55 26.53
C THR B 494 4.25 29.81 25.70
N VAL B 495 4.66 29.30 24.54
CA VAL B 495 3.78 28.59 23.62
C VAL B 495 4.24 27.14 23.54
N THR B 496 3.32 26.21 23.76
CA THR B 496 3.65 24.79 23.81
C THR B 496 2.72 23.99 22.90
N ASP B 497 3.30 23.07 22.10
CA ASP B 497 2.50 22.21 21.20
C ASP B 497 3.22 20.91 20.90
N PRO B 498 2.54 19.76 20.94
CA PRO B 498 3.18 18.48 20.61
C PRO B 498 3.13 18.05 19.15
N ASP B 499 2.38 18.73 18.29
CA ASP B 499 2.09 18.27 16.93
C ASP B 499 2.94 19.00 15.90
N LEU B 500 3.02 18.41 14.69
CA LEU B 500 3.76 18.98 13.57
C LEU B 500 2.80 19.51 12.51
N ILE B 501 3.34 20.36 11.63
CA ILE B 501 2.54 21.06 10.62
C ILE B 501 2.11 20.12 9.50
N GLU B 502 0.92 20.37 8.95
CA GLU B 502 0.32 19.58 7.87
C GLU B 502 -0.29 20.53 6.84
N LYS B 503 -0.62 20.00 5.65
CA LYS B 503 -1.24 20.84 4.64
C LYS B 503 -2.63 21.31 5.07
N SER B 504 -3.43 20.41 5.64
CA SER B 504 -4.78 20.78 6.08
C SER B 504 -4.76 21.96 7.04
N ASN B 505 -3.76 22.00 7.93
CA ASN B 505 -3.64 23.09 8.88
C ASN B 505 -3.38 24.43 8.18
N LEU B 506 -2.69 24.42 7.05
CA LEU B 506 -2.30 25.68 6.40
C LEU B 506 -3.51 26.52 5.98
N ASN B 507 -4.69 25.92 5.88
CA ASN B 507 -5.88 26.68 5.49
C ASN B 507 -6.28 27.73 6.51
N ARG B 508 -6.07 27.45 7.81
CA ARG B 508 -6.50 28.34 8.88
C ARG B 508 -5.38 28.75 9.82
N GLN B 509 -4.18 28.21 9.68
CA GLN B 509 -3.02 28.62 10.48
C GLN B 509 -2.09 29.41 9.56
N PHE B 510 -2.26 30.74 9.55
CA PHE B 510 -1.65 31.58 8.53
C PHE B 510 -0.14 31.74 8.71
N LEU B 511 0.38 31.57 9.93
CA LEU B 511 1.82 31.70 10.14
C LEU B 511 2.60 30.62 9.39
N PHE B 512 2.05 29.41 9.33
CA PHE B 512 2.73 28.29 8.68
C PHE B 512 2.59 28.34 7.16
N ARG B 513 3.55 27.71 6.46
CA ARG B 513 3.62 27.72 4.99
C ARG B 513 4.03 26.33 4.49
N PRO B 514 4.01 26.07 3.17
CA PRO B 514 4.27 24.70 2.70
C PRO B 514 5.67 24.18 3.05
N HIS B 515 6.69 25.04 3.01
CA HIS B 515 8.03 24.59 3.35
C HIS B 515 8.20 24.31 4.85
N HIS B 516 7.22 24.66 5.67
CA HIS B 516 7.22 24.35 7.10
C HIS B 516 6.56 23.01 7.43
N ILE B 517 6.06 22.27 6.43
CA ILE B 517 5.31 21.06 6.71
C ILE B 517 6.22 20.02 7.37
N GLN B 518 5.65 19.24 8.29
CA GLN B 518 6.35 18.20 9.04
C GLN B 518 7.42 18.78 9.98
N LYS B 519 7.20 20.00 10.45
CA LYS B 519 8.06 20.70 11.39
C LYS B 519 7.22 21.16 12.58
N PRO B 520 7.83 21.30 13.77
CA PRO B 520 7.03 21.66 14.95
C PRO B 520 6.27 22.97 14.74
N LYS B 521 5.05 23.01 15.27
CA LYS B 521 4.20 24.19 15.11
C LYS B 521 4.72 25.37 15.94
N SER B 522 5.03 25.12 17.22
CA SER B 522 5.38 26.21 18.13
C SER B 522 6.63 26.97 17.66
N TYR B 523 7.69 26.24 17.29
CA TYR B 523 8.93 26.89 16.88
C TYR B 523 8.69 27.80 15.67
N THR B 524 7.99 27.25 14.65
CA THR B 524 7.73 28.00 13.44
C THR B 524 6.91 29.24 13.71
N ALA B 525 5.85 29.09 14.52
CA ALA B 525 5.01 30.23 14.86
C ALA B 525 5.81 31.30 15.57
N ALA B 526 6.72 30.89 16.47
CA ALA B 526 7.52 31.87 17.18
C ALA B 526 8.40 32.66 16.24
N ASP B 527 9.03 31.98 15.27
CA ASP B 527 9.91 32.70 14.33
C ASP B 527 9.11 33.70 13.48
N ALA B 528 7.95 33.27 12.97
CA ALA B 528 7.15 34.20 12.18
C ALA B 528 6.69 35.38 13.02
N THR B 529 6.23 35.11 14.25
CA THR B 529 5.78 36.17 15.13
C THR B 529 6.90 37.17 15.39
N LEU B 530 8.13 36.69 15.51
CA LEU B 530 9.26 37.60 15.64
C LEU B 530 9.38 38.50 14.42
N LYS B 531 9.13 37.95 13.23
CA LYS B 531 9.13 38.82 12.05
C LYS B 531 8.07 39.91 12.18
N ILE B 532 6.90 39.58 12.72
CA ILE B 532 5.87 40.60 12.93
C ILE B 532 6.35 41.67 13.91
N ASN B 533 6.91 41.24 15.04
CA ASN B 533 7.44 42.17 16.05
C ASN B 533 8.77 41.62 16.58
N SER B 534 9.86 42.31 16.27
CA SER B 534 11.19 41.84 16.68
C SER B 534 11.34 41.84 18.20
N GLN B 535 10.74 42.82 18.88
CA GLN B 535 10.92 42.94 20.33
C GLN B 535 10.22 41.83 21.10
N ILE B 536 9.24 41.15 20.50
CA ILE B 536 8.48 40.15 21.23
C ILE B 536 9.39 39.01 21.68
N LYS B 537 9.17 38.53 22.90
CA LYS B 537 9.91 37.40 23.46
C LYS B 537 9.00 36.19 23.59
N ILE B 538 9.43 35.08 22.99
CA ILE B 538 8.64 33.85 22.94
C ILE B 538 9.53 32.67 23.31
N ASP B 539 9.04 31.84 24.23
CA ASP B 539 9.66 30.58 24.62
C ASP B 539 8.78 29.45 24.06
N ALA B 540 9.33 28.70 23.09
CA ALA B 540 8.57 27.69 22.38
C ALA B 540 8.94 26.30 22.87
N HIS B 541 7.93 25.45 23.04
CA HIS B 541 8.12 24.11 23.56
C HIS B 541 7.37 23.10 22.71
N LEU B 542 7.88 21.87 22.69
CA LEU B 542 7.26 20.76 21.98
C LEU B 542 6.50 19.85 22.93
N ASN B 543 6.11 20.37 24.09
CA ASN B 543 5.51 19.59 25.16
C ASN B 543 3.98 19.69 25.17
N LYS B 544 3.35 18.68 25.75
CA LYS B 544 1.91 18.62 25.90
C LYS B 544 1.57 18.91 27.36
N VAL B 545 0.58 19.77 27.59
CA VAL B 545 0.24 20.21 28.95
C VAL B 545 -0.70 19.18 29.55
N CYS B 546 -0.12 18.15 30.14
CA CYS B 546 -0.84 17.07 30.81
C CYS B 546 -0.13 16.80 32.12
N PRO B 547 -0.66 15.93 32.99
CA PRO B 547 0.00 15.72 34.29
C PRO B 547 1.45 15.26 34.20
N THR B 548 1.85 14.55 33.13
CA THR B 548 3.23 14.09 33.04
C THR B 548 4.20 15.26 32.94
N THR B 549 3.77 16.37 32.36
CA THR B 549 4.63 17.54 32.24
C THR B 549 4.42 18.53 33.38
N GLU B 550 3.76 18.10 34.47
CA GLU B 550 3.54 19.01 35.59
C GLU B 550 4.86 19.43 36.25
N THR B 551 5.93 18.66 36.07
CA THR B 551 7.24 19.10 36.55
C THR B 551 7.69 20.36 35.81
N ILE B 552 7.56 20.36 34.49
CA ILE B 552 7.93 21.53 33.70
C ILE B 552 7.01 22.70 34.03
N TYR B 553 5.71 22.44 34.02
CA TYR B 553 4.71 23.45 34.33
C TYR B 553 4.24 23.27 35.77
N ASN B 554 5.13 23.68 36.66
CA ASN B 554 4.96 23.50 38.09
C ASN B 554 4.19 24.69 38.65
N ASP B 555 3.88 24.65 39.95
CA ASP B 555 3.15 25.76 40.56
C ASP B 555 3.92 27.07 40.42
N GLU B 556 5.25 27.00 40.53
CA GLU B 556 6.08 28.19 40.41
C GLU B 556 5.89 28.87 39.06
N PHE B 557 5.90 28.07 37.98
CA PHE B 557 5.70 28.63 36.65
C PHE B 557 4.34 29.31 36.52
N TYR B 558 3.27 28.66 36.99
CA TYR B 558 1.95 29.25 36.87
C TYR B 558 1.88 30.57 37.62
N THR B 559 2.40 30.61 38.84
CA THR B 559 2.35 31.86 39.58
C THR B 559 3.14 32.96 38.88
N LYS B 560 4.24 32.62 38.19
CA LYS B 560 4.95 33.64 37.41
C LYS B 560 4.07 34.19 36.29
N GLN B 561 3.27 33.34 35.65
CA GLN B 561 2.48 33.76 34.49
C GLN B 561 1.29 34.61 34.94
N ASP B 562 1.14 35.78 34.31
CA ASP B 562 0.01 36.65 34.63
C ASP B 562 -1.31 36.09 34.11
N VAL B 563 -1.31 35.46 32.93
CA VAL B 563 -2.52 34.95 32.30
C VAL B 563 -2.22 33.64 31.58
N ILE B 564 -3.23 32.76 31.53
CA ILE B 564 -3.15 31.54 30.75
C ILE B 564 -4.27 31.55 29.72
N ILE B 565 -3.94 31.24 28.48
CA ILE B 565 -4.88 31.24 27.36
C ILE B 565 -4.80 29.88 26.68
N THR B 566 -5.95 29.27 26.44
CA THR B 566 -6.02 27.91 25.90
C THR B 566 -6.53 27.91 24.46
N ALA B 567 -5.69 27.44 23.53
CA ALA B 567 -6.08 27.21 22.14
C ALA B 567 -6.15 25.72 21.87
N LEU B 568 -6.93 24.99 22.67
CA LEU B 568 -6.97 23.54 22.67
C LEU B 568 -8.07 23.01 21.76
N ASP B 569 -8.07 21.69 21.56
CA ASP B 569 -9.13 21.00 20.83
C ASP B 569 -9.91 19.99 21.67
N ASN B 570 -9.53 19.73 22.92
CA ASN B 570 -10.15 18.67 23.72
C ASN B 570 -10.50 19.17 25.12
N VAL B 571 -11.61 18.66 25.66
CA VAL B 571 -12.08 19.09 26.97
C VAL B 571 -11.14 18.62 28.08
N GLU B 572 -10.48 17.46 27.92
CA GLU B 572 -9.64 16.94 29.00
C GLU B 572 -8.51 17.91 29.32
N ALA B 573 -7.83 18.40 28.30
CA ALA B 573 -6.75 19.36 28.51
C ALA B 573 -7.28 20.68 29.11
N ARG B 574 -8.45 21.12 28.64
CA ARG B 574 -9.06 22.33 29.20
C ARG B 574 -9.32 22.16 30.70
N ARG B 575 -9.83 21.01 31.10
CA ARG B 575 -10.10 20.74 32.52
C ARG B 575 -8.81 20.68 33.32
N TYR B 576 -7.76 20.08 32.76
CA TYR B 576 -6.48 20.02 33.46
C TYR B 576 -5.92 21.43 33.68
N VAL B 577 -5.91 22.23 32.62
CA VAL B 577 -5.42 23.60 32.75
C VAL B 577 -6.28 24.40 33.70
N ASP B 578 -7.59 24.16 33.70
CA ASP B 578 -8.47 24.88 34.61
C ASP B 578 -8.16 24.54 36.06
N SER B 579 -7.89 23.27 36.34
CA SER B 579 -7.51 22.88 37.70
C SER B 579 -6.20 23.55 38.10
N ARG B 580 -5.22 23.57 37.19
CA ARG B 580 -3.93 24.21 37.51
C ARG B 580 -4.13 25.70 37.79
N CYS B 581 -4.97 26.39 37.00
CA CYS B 581 -5.20 27.81 37.22
C CYS B 581 -5.91 28.06 38.55
N LEU B 582 -6.90 27.23 38.89
CA LEU B 582 -7.57 27.38 40.17
C LEU B 582 -6.58 27.23 41.31
N ALA B 583 -5.65 26.28 41.20
CA ALA B 583 -4.69 26.04 42.28
C ALA B 583 -3.79 27.25 42.51
N ASN B 584 -3.28 27.84 41.43
CA ASN B 584 -2.33 28.93 41.52
C ASN B 584 -2.99 30.30 41.40
N LEU B 585 -4.32 30.37 41.46
CA LEU B 585 -5.04 31.63 41.50
C LEU B 585 -4.62 32.54 40.33
N ARG B 586 -4.74 32.00 39.11
CA ARG B 586 -4.41 32.71 37.88
C ARG B 586 -5.63 32.77 36.96
N PRO B 587 -5.76 33.82 36.14
CA PRO B 587 -6.86 33.86 35.17
C PRO B 587 -6.62 32.97 33.95
N LEU B 588 -7.73 32.43 33.44
CA LEU B 588 -7.76 31.57 32.27
C LEU B 588 -8.73 32.11 31.22
N LEU B 589 -8.29 32.15 29.97
CA LEU B 589 -9.11 32.53 28.83
C LEU B 589 -9.22 31.34 27.87
N ASP B 590 -10.44 30.85 27.64
CA ASP B 590 -10.67 29.65 26.81
C ASP B 590 -11.58 29.99 25.64
N SER B 591 -11.23 29.52 24.43
CA SER B 591 -12.04 29.78 23.25
C SER B 591 -12.05 28.56 22.32
N GLY B 592 -13.09 28.47 21.49
CA GLY B 592 -13.20 27.36 20.56
C GLY B 592 -14.07 27.65 19.37
N THR B 593 -13.81 26.93 18.26
CA THR B 593 -14.48 27.14 16.97
C THR B 593 -14.92 25.82 16.33
N MET B 594 -16.17 25.78 15.85
CA MET B 594 -16.70 24.68 15.04
C MET B 594 -17.35 25.28 13.80
N GLY B 595 -16.63 25.33 12.68
CA GLY B 595 -17.19 25.91 11.48
C GLY B 595 -17.52 27.38 11.64
N THR B 596 -18.80 27.74 11.48
CA THR B 596 -19.24 29.12 11.71
C THR B 596 -19.46 29.43 13.18
N LYS B 597 -19.58 28.42 14.04
CA LYS B 597 -19.87 28.65 15.45
C LYS B 597 -18.57 28.90 16.24
N GLY B 598 -18.67 29.76 17.25
CA GLY B 598 -17.51 30.11 18.07
C GLY B 598 -17.93 30.48 19.48
N HIS B 599 -16.99 30.36 20.42
CA HIS B 599 -17.28 30.69 21.82
C HIS B 599 -16.03 31.18 22.53
N THR B 600 -16.25 32.10 23.50
CA THR B 600 -15.20 32.61 24.40
C THR B 600 -15.68 32.61 25.85
N GLU B 601 -14.79 32.20 26.76
CA GLU B 601 -15.01 32.08 28.20
C GLU B 601 -13.86 32.74 28.97
N VAL B 602 -14.22 33.62 29.92
CA VAL B 602 -13.27 34.38 30.74
C VAL B 602 -13.37 33.92 32.20
N ILE B 603 -12.25 33.48 32.77
CA ILE B 603 -12.21 32.99 34.16
C ILE B 603 -11.19 33.84 34.92
N VAL B 604 -11.65 34.60 35.91
CA VAL B 604 -10.78 35.50 36.66
C VAL B 604 -10.82 35.12 38.13
N PRO B 605 -9.68 35.08 38.83
CA PRO B 605 -9.69 34.59 40.22
C PRO B 605 -10.57 35.43 41.13
N HIS B 606 -11.38 34.73 41.95
CA HIS B 606 -12.19 35.31 43.01
C HIS B 606 -13.39 36.08 42.49
N LEU B 607 -13.60 36.12 41.18
CA LEU B 607 -14.69 36.85 40.56
C LEU B 607 -15.68 35.95 39.82
N THR B 608 -15.19 34.89 39.17
CA THR B 608 -15.98 34.09 38.25
C THR B 608 -15.81 32.60 38.56
N GLU B 609 -16.79 31.81 38.11
CA GLU B 609 -16.70 30.36 38.15
C GLU B 609 -15.78 29.85 37.05
N SER B 610 -15.27 28.63 37.20
CA SER B 610 -14.28 28.08 36.29
C SER B 610 -14.92 27.06 35.33
N TYR B 611 -14.09 26.56 34.40
CA TYR B 611 -14.56 25.59 33.41
C TYR B 611 -15.02 24.31 34.10
N ASN B 612 -14.32 23.91 35.15
CA ASN B 612 -14.69 22.70 35.87
C ASN B 612 -15.99 22.85 36.64
N SER B 613 -16.46 24.08 36.85
CA SER B 613 -17.72 24.28 37.55
C SER B 613 -18.91 23.97 36.66
N HIS B 614 -18.73 24.01 35.35
CA HIS B 614 -19.82 23.69 34.43
C HIS B 614 -20.01 22.18 34.42
N ARG B 615 -21.26 21.74 34.39
CA ARG B 615 -21.58 20.32 34.32
C ARG B 615 -21.96 19.95 32.89
N ASP B 616 -21.30 18.94 32.33
CA ASP B 616 -21.58 18.50 30.98
C ASP B 616 -22.37 17.19 30.98
N PRO B 617 -23.33 17.02 30.05
CA PRO B 617 -24.07 15.76 30.00
C PRO B 617 -23.22 14.66 29.38
N PRO B 618 -23.39 13.41 29.84
CA PRO B 618 -22.60 12.31 29.29
C PRO B 618 -22.87 12.09 27.80
N GLU B 619 -21.85 11.56 27.12
CA GLU B 619 -21.94 11.33 25.68
C GLU B 619 -23.14 10.47 25.32
N GLU B 620 -23.85 10.88 24.27
CA GLU B 620 -24.99 10.12 23.75
C GLU B 620 -24.43 9.00 22.88
N GLU B 621 -23.90 7.98 23.55
CA GLU B 621 -23.30 6.85 22.85
C GLU B 621 -24.34 6.12 22.01
N ILE B 622 -23.93 5.71 20.81
CA ILE B 622 -24.82 4.93 19.96
C ILE B 622 -25.20 3.65 20.70
N PRO B 623 -26.48 3.25 20.74
CA PRO B 623 -26.81 2.02 21.45
C PRO B 623 -26.02 0.85 20.92
N PHE B 624 -25.60 -0.03 21.83
CA PHE B 624 -24.77 -1.17 21.44
C PHE B 624 -25.51 -2.04 20.44
N ALA B 625 -26.82 -2.20 20.65
CA ALA B 625 -27.63 -3.02 19.76
C ALA B 625 -27.71 -2.41 18.37
N THR B 626 -27.89 -1.10 18.27
CA THR B 626 -28.01 -0.46 16.98
C THR B 626 -26.66 -0.27 16.29
N LEU B 627 -25.54 -0.36 17.01
CA LEU B 627 -24.23 -0.26 16.37
C LEU B 627 -23.70 -1.62 15.90
N LYS B 628 -23.83 -2.67 16.72
CA LYS B 628 -23.21 -3.96 16.41
C LYS B 628 -24.19 -5.00 15.89
N SER B 629 -25.50 -4.80 16.06
CA SER B 629 -26.47 -5.77 15.60
C SER B 629 -27.28 -5.24 14.43
N PHE B 630 -27.77 -4.01 14.52
CA PHE B 630 -28.66 -3.46 13.50
C PHE B 630 -28.44 -1.99 13.26
N PRO B 631 -27.44 -1.64 12.45
CA PRO B 631 -27.26 -0.24 12.07
C PRO B 631 -28.40 0.22 11.17
N ALA B 632 -28.88 1.43 11.47
CA ALA B 632 -29.93 2.08 10.71
C ALA B 632 -29.44 3.29 9.93
N ALA B 633 -28.18 3.67 10.14
CA ALA B 633 -27.63 4.87 9.54
C ALA B 633 -26.20 4.59 9.10
N ILE B 634 -25.74 5.33 8.10
CA ILE B 634 -24.37 5.16 7.62
C ILE B 634 -23.38 5.54 8.71
N GLU B 635 -23.78 6.44 9.62
CA GLU B 635 -22.91 6.79 10.74
C GLU B 635 -22.64 5.59 11.63
N HIS B 636 -23.66 4.75 11.86
CA HIS B 636 -23.47 3.56 12.69
C HIS B 636 -22.45 2.60 12.06
N THR B 637 -22.54 2.37 10.75
CA THR B 637 -21.58 1.48 10.11
C THR B 637 -20.18 2.10 10.08
N ILE B 638 -20.08 3.43 9.91
CA ILE B 638 -18.77 4.07 9.98
C ILE B 638 -18.16 3.89 11.37
N GLN B 639 -18.97 4.05 12.43
CA GLN B 639 -18.46 3.85 13.78
C GLN B 639 -18.00 2.41 13.99
N TRP B 640 -18.79 1.45 13.49
CA TRP B 640 -18.40 0.05 13.58
C TRP B 640 -17.09 -0.21 12.85
N ALA B 641 -16.90 0.43 11.70
CA ALA B 641 -15.67 0.24 10.93
C ALA B 641 -14.46 0.81 11.67
N ARG B 642 -14.61 2.01 12.25
CA ARG B 642 -13.52 2.59 13.04
C ARG B 642 -13.20 1.70 14.25
N ASP B 643 -14.24 1.20 14.93
CA ASP B 643 -14.02 0.31 16.06
C ASP B 643 -13.30 -0.96 15.63
N LYS B 644 -13.66 -1.50 14.46
CA LYS B 644 -13.01 -2.71 13.97
C LYS B 644 -11.55 -2.44 13.61
N PHE B 645 -11.27 -1.27 13.02
CA PHE B 645 -9.87 -0.94 12.74
C PHE B 645 -9.07 -0.92 14.02
N GLU B 646 -9.61 -0.29 15.07
CA GLU B 646 -8.88 -0.23 16.35
C GLU B 646 -8.73 -1.60 16.97
N SER B 647 -9.79 -2.42 16.96
CA SER B 647 -9.71 -3.74 17.57
C SER B 647 -8.73 -4.64 16.84
N SER B 648 -8.81 -4.67 15.50
CA SER B 648 -7.99 -5.61 14.74
C SER B 648 -6.53 -5.18 14.71
N PHE B 649 -6.25 -3.89 14.49
CA PHE B 649 -4.88 -3.48 14.20
C PHE B 649 -4.23 -2.61 15.27
N SER B 650 -4.91 -2.35 16.39
CA SER B 650 -4.28 -1.58 17.47
C SER B 650 -4.41 -2.27 18.83
N HIS B 651 -5.64 -2.55 19.27
CA HIS B 651 -5.85 -3.12 20.59
C HIS B 651 -5.28 -4.54 20.68
N LYS B 652 -5.70 -5.42 19.77
CA LYS B 652 -5.30 -6.82 19.85
C LYS B 652 -3.80 -7.00 19.71
N PRO B 653 -3.10 -6.31 18.80
CA PRO B 653 -1.63 -6.44 18.77
C PRO B 653 -0.97 -6.04 20.08
N SER B 654 -1.43 -4.95 20.70
CA SER B 654 -0.86 -4.54 21.98
C SER B 654 -1.05 -5.62 23.03
N LEU B 655 -2.25 -6.21 23.08
CA LEU B 655 -2.54 -7.27 24.03
C LEU B 655 -1.64 -8.48 23.81
N PHE B 656 -1.42 -8.84 22.54
CA PHE B 656 -0.56 -9.96 22.17
C PHE B 656 0.87 -9.73 22.67
N ASN B 657 1.40 -8.53 22.38
CA ASN B 657 2.76 -8.20 22.79
C ASN B 657 2.90 -8.20 24.31
N LYS B 658 1.92 -7.61 25.01
CA LYS B 658 1.99 -7.53 26.47
C LYS B 658 1.96 -8.92 27.09
N PHE B 659 1.11 -9.81 26.58
CA PHE B 659 1.06 -11.17 27.13
C PHE B 659 2.41 -11.85 26.99
N TRP B 660 2.97 -11.87 25.78
CA TRP B 660 4.21 -12.64 25.61
C TRP B 660 5.38 -12.01 26.34
N GLN B 661 5.43 -10.68 26.46
CA GLN B 661 6.52 -10.08 27.20
C GLN B 661 6.40 -10.35 28.69
N THR B 662 5.18 -10.31 29.26
CA THR B 662 5.07 -10.58 30.70
C THR B 662 5.45 -12.01 31.03
N TYR B 663 5.03 -12.98 30.21
CA TYR B 663 5.28 -14.38 30.56
C TYR B 663 6.47 -14.97 29.81
N SER B 664 7.32 -14.14 29.21
CA SER B 664 8.59 -14.57 28.58
C SER B 664 8.27 -15.62 27.51
N SER B 665 8.94 -16.78 27.51
CA SER B 665 8.85 -17.73 26.42
C SER B 665 7.45 -18.32 26.30
N ALA B 666 7.15 -18.86 25.12
CA ALA B 666 5.90 -19.60 24.93
C ALA B 666 5.92 -20.89 25.73
N GLU B 667 7.09 -21.53 25.85
CA GLU B 667 7.22 -22.73 26.65
C GLU B 667 6.85 -22.48 28.11
N GLU B 668 7.28 -21.34 28.65
CA GLU B 668 6.91 -21.01 30.03
C GLU B 668 5.41 -20.88 30.18
N VAL B 669 4.75 -20.27 29.21
CA VAL B 669 3.29 -20.12 29.27
C VAL B 669 2.62 -21.49 29.23
N LEU B 670 3.14 -22.39 28.38
CA LEU B 670 2.58 -23.74 28.31
C LEU B 670 2.73 -24.46 29.64
N GLN B 671 3.91 -24.37 30.24
CA GLN B 671 4.15 -24.98 31.55
C GLN B 671 3.26 -24.38 32.63
N LYS B 672 3.05 -23.05 32.60
CA LYS B 672 2.19 -22.39 33.57
C LYS B 672 0.75 -22.86 33.43
N ILE B 673 0.24 -22.92 32.20
CA ILE B 673 -1.15 -23.33 32.00
C ILE B 673 -1.34 -24.77 32.44
N GLN B 674 -0.40 -25.65 32.11
CA GLN B 674 -0.50 -27.03 32.55
C GLN B 674 -0.41 -27.13 34.06
N SER B 675 0.39 -26.27 34.69
CA SER B 675 0.48 -26.23 36.15
C SER B 675 -0.80 -25.73 36.78
N GLY B 676 -1.53 -24.82 36.12
CA GLY B 676 -2.74 -24.24 36.65
C GLY B 676 -2.67 -22.77 37.00
N HIS B 677 -1.57 -22.09 36.69
CA HIS B 677 -1.46 -20.66 36.95
C HIS B 677 -2.38 -19.88 36.02
N SER B 678 -2.88 -18.75 36.52
CA SER B 678 -3.88 -17.95 35.81
C SER B 678 -3.22 -16.84 34.99
N LEU B 679 -3.52 -16.83 33.69
CA LEU B 679 -3.01 -15.83 32.74
C LEU B 679 -4.22 -15.07 32.18
N GLU B 680 -4.11 -13.74 32.14
CA GLU B 680 -5.27 -12.89 31.85
C GLU B 680 -5.83 -13.14 30.45
N GLY B 681 -4.99 -13.08 29.42
CA GLY B 681 -5.49 -13.20 28.07
C GLY B 681 -5.01 -14.41 27.27
N PHE B 683 -6.43 -17.28 26.07
CA PHE B 683 -7.20 -17.83 24.95
C PHE B 683 -6.99 -17.01 23.68
N GLN B 684 -7.24 -15.70 23.73
CA GLN B 684 -7.13 -14.89 22.51
C GLN B 684 -5.69 -14.86 21.98
N VAL B 685 -4.70 -14.72 22.86
CA VAL B 685 -3.31 -14.61 22.42
C VAL B 685 -2.86 -15.91 21.78
N ILE B 686 -3.21 -17.04 22.39
CA ILE B 686 -2.85 -18.33 21.82
C ILE B 686 -3.54 -18.54 20.49
N LYS B 687 -4.81 -18.13 20.36
CA LYS B 687 -5.49 -18.25 19.09
C LYS B 687 -4.79 -17.44 18.02
N LEU B 688 -4.40 -16.19 18.35
CA LEU B 688 -3.71 -15.35 17.39
C LEU B 688 -2.40 -15.97 16.95
N LEU B 689 -1.67 -16.59 17.89
CA LEU B 689 -0.43 -17.28 17.52
C LEU B 689 -0.72 -18.47 16.62
N SER B 690 -1.83 -19.17 16.85
CA SER B 690 -2.18 -20.32 16.04
C SER B 690 -2.51 -19.94 14.61
N ARG B 691 -3.26 -18.85 14.42
CA ARG B 691 -3.75 -18.43 13.12
C ARG B 691 -2.88 -17.35 12.48
N ARG B 692 -1.64 -17.20 12.95
CA ARG B 692 -0.76 -16.14 12.45
C ARG B 692 -0.44 -16.32 10.97
N PRO B 693 -0.56 -15.28 10.15
CA PRO B 693 -0.09 -15.39 8.76
C PRO B 693 1.41 -15.56 8.71
N ARG B 694 1.87 -16.36 7.75
CA ARG B 694 3.28 -16.61 7.54
C ARG B 694 3.80 -16.03 6.24
N ASN B 695 2.91 -15.56 5.36
CA ASN B 695 3.26 -15.02 4.06
C ASN B 695 2.10 -14.14 3.58
N TRP B 696 2.33 -13.42 2.48
CA TRP B 696 1.33 -12.48 1.98
C TRP B 696 0.03 -13.18 1.60
N SER B 697 0.14 -14.36 0.99
CA SER B 697 -1.07 -15.08 0.59
C SER B 697 -1.94 -15.38 1.79
N GLN B 698 -1.32 -15.66 2.94
CA GLN B 698 -2.06 -15.87 4.18
C GLN B 698 -2.82 -14.61 4.58
N CYS B 699 -2.20 -13.45 4.43
CA CYS B 699 -2.88 -12.19 4.74
C CYS B 699 -4.07 -11.96 3.82
N VAL B 700 -3.91 -12.28 2.52
CA VAL B 700 -5.04 -12.15 1.60
C VAL B 700 -6.16 -13.11 1.98
N GLU B 701 -5.80 -14.34 2.36
CA GLU B 701 -6.81 -15.30 2.81
C GLU B 701 -7.52 -14.79 4.05
N LEU B 702 -6.78 -14.20 4.99
CA LEU B 702 -7.35 -13.65 6.20
C LEU B 702 -8.34 -12.54 5.87
N ALA B 703 -7.97 -11.66 4.94
CA ALA B 703 -8.90 -10.61 4.53
C ALA B 703 -10.18 -11.20 3.93
N ARG B 704 -10.04 -12.24 3.10
CA ARG B 704 -11.23 -12.84 2.48
C ARG B 704 -12.12 -13.50 3.53
N LEU B 705 -11.54 -14.25 4.46
CA LEU B 705 -12.32 -14.90 5.51
C LEU B 705 -13.00 -13.87 6.40
N LYS B 706 -12.30 -12.78 6.73
CA LYS B 706 -12.90 -11.72 7.54
C LYS B 706 -14.04 -11.02 6.78
N PHE B 707 -13.87 -10.82 5.47
CA PHE B 707 -14.95 -10.28 4.64
C PHE B 707 -16.18 -11.17 4.72
N GLU B 708 -16.00 -12.48 4.55
CA GLU B 708 -17.14 -13.38 4.59
C GLU B 708 -17.82 -13.35 5.96
N LYS B 709 -17.04 -13.34 7.04
CA LYS B 709 -17.62 -13.33 8.37
C LYS B 709 -18.40 -12.03 8.62
N TYR B 710 -17.82 -10.89 8.27
CA TYR B 710 -18.45 -9.61 8.59
C TYR B 710 -19.69 -9.37 7.75
N PHE B 711 -19.62 -9.65 6.45
CA PHE B 711 -20.65 -9.22 5.50
C PHE B 711 -21.46 -10.35 4.90
N ASN B 712 -21.21 -11.60 5.29
CA ASN B 712 -22.03 -12.72 4.84
C ASN B 712 -22.60 -13.49 6.03
N HIS B 713 -21.74 -13.99 6.92
CA HIS B 713 -22.22 -14.82 8.02
C HIS B 713 -23.03 -14.02 9.04
N LYS B 714 -22.65 -12.77 9.29
CA LYS B 714 -23.37 -11.97 10.28
C LYS B 714 -24.84 -11.81 9.90
N ALA B 715 -25.11 -11.51 8.62
CA ALA B 715 -26.49 -11.37 8.16
C ALA B 715 -27.27 -12.67 8.37
N LEU B 716 -26.65 -13.80 7.99
CA LEU B 716 -27.31 -15.09 8.11
C LEU B 716 -27.61 -15.43 9.56
N GLN B 717 -26.68 -15.11 10.47
CA GLN B 717 -26.89 -15.37 11.89
C GLN B 717 -28.01 -14.50 12.45
N LEU B 718 -28.07 -13.24 12.03
CA LEU B 718 -29.17 -12.38 12.46
C LEU B 718 -30.51 -12.90 11.94
N LEU B 719 -30.53 -13.36 10.68
CA LEU B 719 -31.76 -13.90 10.11
C LEU B 719 -32.18 -15.18 10.80
N HIS B 720 -31.22 -15.99 11.26
CA HIS B 720 -31.54 -17.21 11.99
C HIS B 720 -32.17 -16.89 13.35
N PHE B 722 -33.54 -14.20 14.42
CA PHE B 722 -34.75 -13.41 14.23
C PHE B 722 -35.26 -13.44 12.80
N PRO B 723 -36.02 -14.49 12.45
CA PRO B 723 -36.62 -14.53 11.12
C PRO B 723 -37.74 -13.51 10.99
N LEU B 724 -38.06 -13.19 9.74
CA LEU B 724 -39.06 -12.16 9.49
C LEU B 724 -40.41 -12.55 10.07
N ASP B 725 -41.16 -11.53 10.51
CA ASP B 725 -42.49 -11.70 11.09
C ASP B 725 -42.46 -12.43 12.43
N ILE B 726 -41.39 -12.25 13.20
CA ILE B 726 -41.29 -12.87 14.52
C ILE B 726 -41.84 -11.85 15.52
N ARG B 727 -43.03 -12.14 16.05
CA ARG B 727 -43.71 -11.29 17.04
C ARG B 727 -43.60 -9.81 16.67
N LEU B 728 -44.02 -9.47 15.46
CA LEU B 728 -43.97 -8.09 14.95
C LEU B 728 -43.96 -7.00 16.01
N PHE B 734 -41.10 -7.50 13.36
CA PHE B 734 -39.79 -7.32 13.99
C PHE B 734 -38.92 -6.25 13.30
N TRP B 735 -38.59 -6.50 12.03
CA TRP B 735 -37.70 -5.65 11.25
C TRP B 735 -38.46 -4.41 10.78
N GLN B 736 -38.81 -3.55 11.75
CA GLN B 736 -39.69 -2.44 11.44
C GLN B 736 -38.91 -1.33 10.74
N SER B 737 -39.60 -0.26 10.35
CA SER B 737 -38.95 0.81 9.60
C SER B 737 -37.73 1.39 10.32
N PRO B 738 -37.77 1.62 11.64
CA PRO B 738 -36.52 2.04 12.30
C PRO B 738 -35.41 1.01 12.13
N LYS B 739 -35.75 -0.27 12.24
CA LYS B 739 -34.82 -1.38 12.04
C LYS B 739 -34.57 -1.60 10.54
N ARG B 740 -33.44 -2.22 10.22
CA ARG B 740 -33.10 -2.57 8.84
C ARG B 740 -32.70 -4.05 8.76
N PRO B 741 -33.32 -4.84 7.88
CA PRO B 741 -32.97 -6.28 7.78
C PRO B 741 -31.68 -6.52 7.01
N PRO B 742 -30.81 -7.40 7.49
CA PRO B 742 -29.57 -7.69 6.76
C PRO B 742 -29.77 -8.70 5.63
N SER B 743 -28.91 -8.60 4.62
CA SER B 743 -28.91 -9.52 3.48
C SER B 743 -27.48 -9.97 3.18
N PRO B 744 -27.22 -11.27 3.05
CA PRO B 744 -25.84 -11.72 2.81
C PRO B 744 -25.29 -11.27 1.46
N ILE B 745 -23.96 -11.08 1.43
CA ILE B 745 -23.23 -10.57 0.27
C ILE B 745 -22.22 -11.62 -0.20
N LYS B 746 -22.11 -11.78 -1.52
CA LYS B 746 -21.16 -12.71 -2.14
C LYS B 746 -19.99 -11.96 -2.77
N PHE B 747 -18.76 -12.37 -2.39
CA PHE B 747 -17.56 -11.66 -2.80
C PHE B 747 -17.37 -11.70 -4.32
N ASP B 748 -17.10 -10.52 -4.92
CA ASP B 748 -16.78 -10.40 -6.33
C ASP B 748 -15.59 -9.46 -6.48
N LEU B 749 -14.45 -9.99 -6.93
CA LEU B 749 -13.27 -9.14 -7.08
C LEU B 749 -13.44 -8.09 -8.16
N ASN B 750 -14.36 -8.30 -9.12
CA ASN B 750 -14.63 -7.29 -10.14
C ASN B 750 -15.19 -6.02 -9.51
N GLU B 751 -16.07 -6.16 -8.51
CA GLU B 751 -16.63 -5.00 -7.85
C GLU B 751 -15.51 -4.19 -7.19
N PRO B 752 -15.57 -2.86 -7.27
CA PRO B 752 -14.45 -2.07 -6.71
C PRO B 752 -14.41 -2.09 -5.20
N LEU B 753 -15.55 -1.92 -4.52
CA LEU B 753 -15.55 -1.88 -3.06
C LEU B 753 -15.08 -3.19 -2.45
N HIS B 754 -15.45 -4.33 -3.05
CA HIS B 754 -15.00 -5.62 -2.54
C HIS B 754 -13.49 -5.72 -2.59
N LEU B 755 -12.91 -5.36 -3.74
CA LEU B 755 -11.45 -5.36 -3.89
C LEU B 755 -10.81 -4.37 -2.94
N SER B 756 -11.47 -3.23 -2.68
CA SER B 756 -10.92 -2.26 -1.75
C SER B 756 -10.80 -2.85 -0.35
N PHE B 757 -11.87 -3.50 0.12
CA PHE B 757 -11.79 -4.14 1.43
C PHE B 757 -10.67 -5.17 1.45
N LEU B 758 -10.61 -6.03 0.43
CA LEU B 758 -9.60 -7.08 0.42
C LEU B 758 -8.19 -6.49 0.44
N GLN B 759 -7.92 -5.51 -0.42
CA GLN B 759 -6.58 -4.94 -0.53
C GLN B 759 -6.16 -4.26 0.77
N ASN B 760 -7.00 -3.34 1.28
CA ASN B 760 -6.59 -2.57 2.44
C ASN B 760 -6.54 -3.44 3.70
N ALA B 761 -7.49 -4.36 3.88
CA ALA B 761 -7.42 -5.26 5.02
C ALA B 761 -6.16 -6.12 4.96
N ALA B 762 -5.81 -6.63 3.78
CA ALA B 762 -4.61 -7.44 3.66
C ALA B 762 -3.36 -6.62 3.96
N LYS B 763 -3.28 -5.39 3.46
CA LYS B 763 -2.12 -4.55 3.76
C LYS B 763 -1.98 -4.32 5.25
N LEU B 764 -3.10 -4.01 5.92
CA LEU B 764 -3.04 -3.73 7.35
C LEU B 764 -2.64 -4.99 8.15
N TYR B 765 -3.24 -6.14 7.82
CA TYR B 765 -2.84 -7.38 8.50
C TYR B 765 -1.37 -7.68 8.26
N ALA B 766 -0.89 -7.45 7.04
CA ALA B 766 0.51 -7.72 6.74
C ALA B 766 1.44 -6.83 7.55
N THR B 767 1.11 -5.54 7.67
CA THR B 767 1.95 -4.67 8.48
C THR B 767 1.92 -5.09 9.95
N VAL B 768 0.77 -5.54 10.44
CA VAL B 768 0.69 -5.99 11.83
C VAL B 768 1.55 -7.23 12.06
N TYR B 769 1.58 -8.15 11.10
CA TYR B 769 2.37 -9.38 11.26
C TYR B 769 3.71 -9.29 10.54
N ILE B 771 4.69 -9.05 7.58
CA ILE B 771 4.85 -9.75 6.31
C ILE B 771 5.27 -8.73 5.24
N PRO B 772 6.36 -8.98 4.50
CA PRO B 772 6.74 -8.07 3.42
C PRO B 772 5.89 -8.25 2.17
N PHE B 773 5.48 -7.12 1.58
CA PHE B 773 4.63 -7.14 0.40
C PHE B 773 4.92 -5.92 -0.46
N ALA B 774 4.44 -5.97 -1.70
CA ALA B 774 4.67 -4.92 -2.69
C ALA B 774 3.35 -4.62 -3.42
N GLU B 775 3.35 -3.53 -4.18
CA GLU B 775 2.16 -3.20 -4.97
C GLU B 775 1.86 -4.29 -5.99
N GLU B 776 2.88 -5.02 -6.45
CA GLU B 776 2.66 -6.14 -7.35
C GLU B 776 1.75 -7.19 -6.70
N ASP B 777 1.96 -7.47 -5.42
CA ASP B 777 1.11 -8.43 -4.72
C ASP B 777 -0.33 -7.93 -4.63
N LEU B 778 -0.51 -6.62 -4.50
CA LEU B 778 -1.83 -6.02 -4.35
C LEU B 778 -2.61 -5.96 -5.67
N SER B 779 -1.99 -6.29 -6.80
CA SER B 779 -2.69 -6.28 -8.08
C SER B 779 -3.88 -7.23 -8.05
N ALA B 780 -4.97 -6.84 -8.70
CA ALA B 780 -6.18 -7.65 -8.70
C ALA B 780 -5.94 -9.02 -9.32
N ASP B 781 -5.11 -9.09 -10.37
CA ASP B 781 -4.80 -10.38 -10.96
C ASP B 781 -4.08 -11.30 -9.97
N ALA B 782 -3.06 -10.77 -9.29
CA ALA B 782 -2.34 -11.57 -8.30
C ALA B 782 -3.25 -12.00 -7.16
N LEU B 783 -4.10 -11.09 -6.69
CA LEU B 783 -5.04 -11.42 -5.62
C LEU B 783 -6.01 -12.51 -6.06
N LEU B 784 -6.48 -12.45 -7.31
CA LEU B 784 -7.37 -13.48 -7.83
C LEU B 784 -6.66 -14.83 -7.86
N ASN B 785 -5.38 -14.82 -8.22
CA ASN B 785 -4.61 -16.07 -8.21
C ASN B 785 -4.52 -16.66 -6.81
N ILE B 786 -4.27 -15.80 -5.80
CA ILE B 786 -4.17 -16.29 -4.43
C ILE B 786 -5.50 -16.88 -4.00
N LEU B 787 -6.61 -16.23 -4.38
CA LEU B 787 -7.92 -16.66 -3.92
C LEU B 787 -8.28 -18.00 -4.56
N SER B 788 -8.09 -18.11 -5.88
CA SER B 788 -8.43 -19.35 -6.58
C SER B 788 -7.57 -20.52 -6.10
N GLU B 789 -6.26 -20.30 -5.90
CA GLU B 789 -5.38 -21.40 -5.52
C GLU B 789 -5.77 -22.00 -4.17
N VAL B 790 -6.16 -21.17 -3.22
CA VAL B 790 -6.56 -21.64 -1.90
C VAL B 790 -7.94 -21.06 -1.60
N LYS B 791 -8.97 -21.70 -2.14
CA LYS B 791 -10.34 -21.30 -1.89
C LYS B 791 -10.78 -22.03 -0.63
N ILE B 792 -10.93 -21.28 0.45
CA ILE B 792 -11.38 -21.84 1.72
C ILE B 792 -12.86 -21.46 1.81
N GLN B 793 -13.71 -22.32 1.27
CA GLN B 793 -15.15 -22.08 1.24
C GLN B 793 -15.76 -22.76 2.45
N GLU B 794 -16.37 -21.97 3.33
CA GLU B 794 -16.98 -22.46 4.54
C GLU B 794 -18.46 -22.13 4.52
N PHE B 795 -19.30 -23.11 4.82
CA PHE B 795 -20.74 -22.92 4.86
C PHE B 795 -21.18 -22.48 6.25
N LYS B 796 -22.23 -21.64 6.29
CA LYS B 796 -22.62 -21.03 7.55
C LYS B 796 -23.12 -22.11 8.51
N PRO B 797 -22.74 -22.05 9.80
CA PRO B 797 -23.27 -23.04 10.75
C PRO B 797 -24.68 -22.72 11.24
N SER B 798 -24.95 -21.48 11.63
CA SER B 798 -26.27 -21.08 12.12
C SER B 798 -26.76 -22.00 13.22
N ASN B 799 -25.84 -22.51 14.04
CA ASN B 799 -26.19 -23.41 15.13
C ASN B 799 -26.01 -22.74 16.49
N LYS B 800 -25.93 -21.40 16.50
CA LYS B 800 -25.75 -20.66 17.75
C LYS B 800 -26.92 -20.88 18.69
N VAL B 801 -28.13 -20.98 18.13
CA VAL B 801 -29.34 -21.21 18.91
C VAL B 801 -29.33 -20.47 20.24
N SER B 817 -16.08 -25.44 28.26
CA SER B 817 -15.03 -24.74 29.00
C SER B 817 -13.73 -25.53 28.97
N SER B 818 -13.77 -26.77 29.46
CA SER B 818 -12.58 -27.62 29.42
C SER B 818 -12.08 -27.80 27.99
N GLU B 819 -12.99 -27.85 27.02
CA GLU B 819 -12.59 -27.99 25.63
C GLU B 819 -11.82 -26.76 25.16
N ASP B 820 -12.24 -25.56 25.56
CA ASP B 820 -11.53 -24.36 25.15
C ASP B 820 -10.10 -24.33 25.69
N GLU B 821 -9.94 -24.66 26.98
CA GLU B 821 -8.61 -24.69 27.58
C GLU B 821 -7.74 -25.75 26.93
N ARG B 822 -8.30 -26.94 26.69
CA ARG B 822 -7.54 -28.01 26.06
C ARG B 822 -7.15 -27.64 24.63
N ASN B 823 -8.04 -26.99 23.89
CA ASN B 823 -7.72 -26.57 22.53
C ASN B 823 -6.59 -25.56 22.54
N ALA B 824 -6.61 -24.60 23.47
CA ALA B 824 -5.51 -23.65 23.57
C ALA B 824 -4.20 -24.37 23.89
N ILE B 825 -4.24 -25.36 24.78
CA ILE B 825 -3.02 -26.11 25.10
C ILE B 825 -2.51 -26.83 23.86
N PHE B 826 -3.41 -27.42 23.09
CA PHE B 826 -3.00 -28.15 21.88
C PHE B 826 -2.43 -27.18 20.84
N GLN B 827 -3.05 -26.01 20.70
CA GLN B 827 -2.56 -25.01 19.75
C GLN B 827 -1.16 -24.54 20.13
N LEU B 828 -0.95 -24.23 21.42
CA LEU B 828 0.37 -23.79 21.85
C LEU B 828 1.40 -24.90 21.68
N GLU B 829 1.02 -26.14 21.96
CA GLU B 829 1.92 -27.26 21.74
C GLU B 829 2.28 -27.41 20.25
N LYS B 830 1.28 -27.29 19.36
CA LYS B 830 1.54 -27.39 17.93
C LYS B 830 2.48 -26.28 17.46
N ALA B 831 2.30 -25.08 17.98
CA ALA B 831 3.20 -23.99 17.62
C ALA B 831 4.61 -24.26 18.14
N ILE B 832 4.72 -24.73 19.38
CA ILE B 832 6.02 -25.01 19.98
C ILE B 832 6.75 -26.08 19.17
N LEU B 833 6.04 -27.11 18.73
CA LEU B 833 6.67 -28.18 17.97
C LEU B 833 7.02 -27.74 16.55
N SER B 834 6.18 -26.90 15.94
CA SER B 834 6.34 -26.52 14.54
C SER B 834 7.28 -25.34 14.33
N ASN B 835 7.86 -24.79 15.38
CA ASN B 835 8.69 -23.60 15.29
C ASN B 835 7.86 -22.37 14.92
N GLU B 836 6.54 -22.46 15.10
CA GLU B 836 5.62 -21.36 14.88
C GLU B 836 5.62 -20.38 16.04
N ALA B 837 6.26 -20.74 17.16
CA ALA B 837 6.37 -19.89 18.34
C ALA B 837 7.78 -19.32 18.53
N THR B 838 8.44 -18.91 17.44
CA THR B 838 9.77 -18.32 17.55
C THR B 838 9.67 -16.89 18.12
N LYS B 839 10.82 -16.30 18.45
CA LYS B 839 10.80 -14.97 19.03
C LYS B 839 10.05 -14.00 18.12
N SER B 840 10.34 -14.06 16.82
CA SER B 840 9.66 -13.18 15.86
C SER B 840 8.16 -13.46 15.81
N ASP B 841 7.75 -14.70 16.06
CA ASP B 841 6.32 -15.01 16.02
C ASP B 841 5.60 -14.54 17.27
N LEU B 842 6.31 -14.24 18.35
CA LEU B 842 5.67 -13.74 19.57
C LEU B 842 5.59 -12.22 19.61
N GLN B 843 5.86 -11.56 18.49
CA GLN B 843 5.90 -10.09 18.42
C GLN B 843 4.97 -9.63 17.30
N MET B 844 4.23 -8.54 17.55
CA MET B 844 3.36 -7.93 16.55
C MET B 844 3.56 -6.41 16.53
N ALA B 845 3.12 -5.78 15.42
CA ALA B 845 3.26 -4.34 15.23
C ALA B 845 1.92 -3.62 15.43
N VAL B 846 1.97 -2.48 16.10
CA VAL B 846 0.77 -1.72 16.49
C VAL B 846 0.63 -0.51 15.59
N LEU B 847 -0.57 -0.32 15.04
CA LEU B 847 -0.88 0.79 14.14
C LEU B 847 -1.66 1.88 14.87
N SER B 848 -1.40 3.13 14.47
CA SER B 848 -2.10 4.30 14.98
C SER B 848 -2.89 4.96 13.86
N PHE B 849 -4.19 5.17 14.10
CA PHE B 849 -5.08 5.72 13.08
C PHE B 849 -4.63 7.11 12.67
N GLU B 850 -4.50 7.32 11.36
CA GLU B 850 -4.11 8.62 10.78
C GLU B 850 -5.01 8.90 9.59
N LYS B 851 -5.88 9.90 9.72
CA LYS B 851 -6.84 10.21 8.66
C LYS B 851 -6.20 10.90 7.45
N ASP B 852 -5.16 11.71 7.67
CA ASP B 852 -4.65 12.58 6.61
C ASP B 852 -3.55 11.96 5.76
N ASP B 853 -3.18 10.70 6.00
CA ASP B 853 -2.23 10.00 5.14
C ASP B 853 -3.04 9.00 4.32
N ASP B 854 -3.20 9.29 3.03
CA ASP B 854 -3.99 8.45 2.16
C ASP B 854 -3.31 7.12 1.88
N HIS B 855 -1.98 7.10 1.87
CA HIS B 855 -1.23 5.89 1.50
C HIS B 855 -1.40 4.78 2.53
N ASN B 856 -1.51 5.12 3.81
CA ASN B 856 -1.49 4.09 4.84
C ASN B 856 -2.69 3.15 4.73
N GLY B 857 -3.78 3.60 4.13
CA GLY B 857 -4.92 2.74 3.90
C GLY B 857 -5.87 2.62 5.06
N HIS B 858 -5.70 3.42 6.11
CA HIS B 858 -6.60 3.38 7.25
C HIS B 858 -8.00 3.86 6.86
N ILE B 859 -8.07 5.03 6.22
CA ILE B 859 -9.36 5.58 5.84
C ILE B 859 -10.00 4.73 4.75
N ASP B 860 -9.19 4.19 3.83
CA ASP B 860 -9.75 3.37 2.77
C ASP B 860 -10.35 2.09 3.34
N PHE B 861 -9.68 1.48 4.32
CA PHE B 861 -10.24 0.31 4.99
C PHE B 861 -11.54 0.65 5.69
N ILE B 862 -11.57 1.77 6.42
CA ILE B 862 -12.78 2.14 7.16
C ILE B 862 -13.93 2.42 6.20
N THR B 863 -13.63 3.12 5.09
CA THR B 863 -14.66 3.45 4.11
C THR B 863 -15.19 2.21 3.42
N ALA B 864 -14.30 1.32 2.97
CA ALA B 864 -14.73 0.09 2.32
C ALA B 864 -15.55 -0.77 3.26
N ALA B 865 -15.08 -0.95 4.50
CA ALA B 865 -15.82 -1.77 5.44
C ALA B 865 -17.17 -1.15 5.79
N SER B 866 -17.21 0.16 5.99
CA SER B 866 -18.45 0.84 6.33
C SER B 866 -19.46 0.70 5.19
N ASN B 867 -19.01 0.88 3.95
CA ASN B 867 -19.91 0.77 2.80
C ASN B 867 -20.33 -0.67 2.53
N LEU B 868 -19.46 -1.65 2.79
CA LEU B 868 -19.88 -3.05 2.70
C LEU B 868 -20.94 -3.39 3.76
N ARG B 869 -20.75 -2.93 4.99
CA ARG B 869 -21.75 -3.11 6.04
C ARG B 869 -23.07 -2.43 5.66
N ALA B 870 -22.98 -1.21 5.11
CA ALA B 870 -24.17 -0.51 4.63
C ALA B 870 -24.87 -1.30 3.53
N LYS B 871 -24.10 -1.86 2.60
CA LYS B 871 -24.68 -2.73 1.58
C LYS B 871 -25.43 -3.88 2.23
N MET B 872 -24.87 -4.43 3.31
CA MET B 872 -25.53 -5.53 3.99
C MET B 872 -26.90 -5.11 4.53
N TYR B 873 -26.98 -3.92 5.12
CA TYR B 873 -28.25 -3.42 5.64
C TYR B 873 -29.02 -2.54 4.66
N SER B 874 -28.50 -2.34 3.44
CA SER B 874 -29.14 -1.57 2.38
C SER B 874 -29.10 -0.08 2.67
N ILE B 875 -28.28 0.35 3.63
CA ILE B 875 -28.12 1.75 3.97
C ILE B 875 -27.41 2.49 2.84
N GLU B 876 -27.74 3.77 2.69
CA GLU B 876 -27.17 4.57 1.61
C GLU B 876 -25.67 4.72 1.84
N PRO B 877 -24.85 4.61 0.79
CA PRO B 877 -23.40 4.68 1.00
C PRO B 877 -22.94 6.09 1.35
N ALA B 878 -21.73 6.17 1.88
CA ALA B 878 -21.10 7.44 2.20
C ALA B 878 -19.79 7.57 1.46
N ASP B 879 -19.45 8.81 1.12
CA ASP B 879 -18.24 9.10 0.37
C ASP B 879 -17.02 8.86 1.25
N ARG B 880 -15.84 8.90 0.64
CA ARG B 880 -14.60 8.75 1.39
C ARG B 880 -14.40 9.92 2.35
N PHE B 881 -14.69 11.15 1.88
CA PHE B 881 -14.45 12.32 2.72
C PHE B 881 -15.49 12.44 3.84
N LYS B 882 -16.75 12.12 3.57
CA LYS B 882 -17.76 12.12 4.64
C LYS B 882 -17.41 11.11 5.72
N THR B 883 -17.02 9.90 5.29
CA THR B 883 -16.60 8.88 6.24
C THR B 883 -15.37 9.34 7.00
N LYS B 884 -14.47 10.08 6.35
CA LYS B 884 -13.30 10.61 7.04
C LYS B 884 -13.70 11.57 8.15
N ARG B 885 -14.66 12.45 7.87
CA ARG B 885 -15.11 13.38 8.91
C ARG B 885 -15.72 12.63 10.09
N ILE B 886 -16.59 11.66 9.81
CA ILE B 886 -17.27 10.96 10.91
C ILE B 886 -16.29 10.10 11.70
N ALA B 887 -15.42 9.35 11.00
CA ALA B 887 -14.51 8.42 11.64
C ALA B 887 -13.44 9.14 12.44
N GLY B 888 -12.88 10.22 11.90
CA GLY B 888 -11.88 10.99 12.60
C GLY B 888 -12.44 12.07 13.50
N LYS B 889 -13.76 12.19 13.54
CA LYS B 889 -14.42 13.26 14.30
C LYS B 889 -13.79 14.60 13.95
N ILE B 890 -13.50 14.79 12.66
CA ILE B 890 -12.92 16.05 12.21
C ILE B 890 -13.94 17.16 12.46
N ILE B 891 -13.45 18.29 12.94
CA ILE B 891 -14.28 19.45 13.23
C ILE B 891 -14.16 20.41 12.04
N PRO B 892 -15.26 20.80 11.40
CA PRO B 892 -15.16 21.79 10.34
C PRO B 892 -14.56 23.09 10.86
N ALA B 893 -13.63 23.66 10.08
CA ALA B 893 -12.89 24.83 10.52
C ALA B 893 -12.62 25.75 9.34
N ILE B 894 -12.81 27.04 9.55
CA ILE B 894 -12.57 28.05 8.53
C ILE B 894 -11.84 29.23 9.18
N ALA B 895 -11.02 29.91 8.38
CA ALA B 895 -10.15 30.95 8.92
C ALA B 895 -10.93 32.12 9.51
N THR B 896 -12.06 32.48 8.89
CA THR B 896 -12.83 33.65 9.31
C THR B 896 -13.25 33.54 10.78
N THR B 897 -13.82 32.40 11.14
CA THR B 897 -14.34 32.22 12.50
C THR B 897 -13.23 32.20 13.54
N THR B 898 -12.11 31.54 13.25
CA THR B 898 -11.02 31.52 14.21
C THR B 898 -10.49 32.93 14.45
N ALA B 899 -10.38 33.72 13.37
CA ALA B 899 -9.92 35.09 13.53
C ALA B 899 -10.87 35.89 14.42
N THR B 900 -12.17 35.75 14.19
CA THR B 900 -13.15 36.50 14.97
C THR B 900 -13.03 36.15 16.46
N VAL B 901 -13.03 34.86 16.77
CA VAL B 901 -12.96 34.40 18.16
C VAL B 901 -11.68 34.89 18.83
N SER B 902 -10.55 34.82 18.11
CA SER B 902 -9.28 35.22 18.70
C SER B 902 -9.24 36.70 19.01
N GLY B 903 -9.75 37.54 18.10
CA GLY B 903 -9.80 38.96 18.39
C GLY B 903 -10.59 39.27 19.64
N LEU B 904 -11.74 38.61 19.81
CA LEU B 904 -12.53 38.85 21.01
C LEU B 904 -11.75 38.44 22.26
N VAL B 905 -11.05 37.30 22.18
CA VAL B 905 -10.27 36.86 23.32
C VAL B 905 -9.21 37.88 23.71
N ALA B 906 -8.54 38.46 22.70
CA ALA B 906 -7.52 39.46 23.01
C ALA B 906 -8.10 40.66 23.75
N LEU B 907 -9.30 41.09 23.35
CA LEU B 907 -9.93 42.18 24.10
C LEU B 907 -10.12 41.80 25.56
N GLU B 908 -10.60 40.58 25.81
CA GLU B 908 -10.78 40.18 27.20
C GLU B 908 -9.45 40.13 27.94
N MET B 909 -8.38 39.73 27.24
CA MET B 909 -7.06 39.71 27.87
C MET B 909 -6.61 41.10 28.27
N ILE B 910 -6.90 42.09 27.43
CA ILE B 910 -6.56 43.47 27.81
C ILE B 910 -7.25 43.81 29.12
N LYS B 911 -8.53 43.46 29.25
CA LYS B 911 -9.20 43.73 30.52
C LYS B 911 -8.54 43.01 31.69
N VAL B 912 -8.12 41.75 31.46
CA VAL B 912 -7.52 40.97 32.54
C VAL B 912 -6.20 41.59 33.00
N THR B 913 -5.38 42.08 32.07
CA THR B 913 -4.11 42.67 32.47
C THR B 913 -4.31 43.97 33.25
N GLY B 914 -5.42 44.67 33.01
CA GLY B 914 -5.71 45.90 33.72
C GLY B 914 -6.40 45.70 35.05
N GLY B 915 -6.65 44.46 35.44
CA GLY B 915 -7.32 44.18 36.69
C GLY B 915 -8.70 44.79 36.77
N TYR B 916 -9.47 44.63 35.70
CA TYR B 916 -10.76 45.28 35.57
C TYR B 916 -11.80 44.59 36.45
N PRO B 917 -12.89 45.29 36.77
CA PRO B 917 -13.95 44.70 37.60
C PRO B 917 -14.69 43.58 36.89
N PHE B 918 -15.50 42.87 37.68
CA PHE B 918 -16.28 41.75 37.15
C PHE B 918 -17.23 42.20 36.04
N GLU B 919 -17.81 43.39 36.18
CA GLU B 919 -18.78 43.86 35.20
C GLU B 919 -18.17 43.99 33.81
N ALA B 920 -16.89 44.34 33.72
CA ALA B 920 -16.27 44.65 32.44
C ALA B 920 -16.16 43.43 31.53
N TYR B 921 -15.84 42.26 32.07
CA TYR B 921 -15.57 41.08 31.25
C TYR B 921 -16.85 40.55 30.58
N LYS B 922 -16.69 40.03 29.36
CA LYS B 922 -17.79 39.48 28.57
C LYS B 922 -17.41 38.12 27.98
N ASN B 923 -18.32 37.16 28.10
CA ASN B 923 -18.24 35.88 27.39
C ASN B 923 -19.08 35.96 26.12
N CYS B 924 -18.66 35.24 25.08
CA CYS B 924 -19.26 35.41 23.76
C CYS B 924 -19.69 34.09 23.13
N PHE B 925 -20.82 34.15 22.42
CA PHE B 925 -21.29 33.09 21.53
C PHE B 925 -21.47 33.67 20.14
N LEU B 926 -20.88 33.01 19.14
CA LEU B 926 -20.88 33.47 17.76
C LEU B 926 -21.49 32.39 16.88
N ASN B 927 -22.38 32.79 15.98
CA ASN B 927 -22.78 31.92 14.87
C ASN B 927 -22.80 32.82 13.64
N LEU B 928 -21.77 32.70 12.80
CA LEU B 928 -21.68 33.55 11.62
C LEU B 928 -22.67 33.14 10.54
N ALA B 929 -23.32 31.99 10.67
CA ALA B 929 -24.30 31.58 9.67
C ALA B 929 -25.61 32.36 9.80
N ILE B 930 -26.00 32.74 11.01
CA ILE B 930 -27.32 33.32 11.25
C ILE B 930 -27.43 34.71 10.64
N PRO B 931 -26.47 35.63 10.86
CA PRO B 931 -25.45 35.71 11.90
C PRO B 931 -25.99 36.22 13.24
N ILE B 932 -25.43 35.76 14.36
CA ILE B 932 -25.79 36.24 15.69
C ILE B 932 -24.56 36.25 16.57
N VAL B 933 -24.39 37.34 17.32
CA VAL B 933 -23.29 37.50 18.27
C VAL B 933 -23.89 37.88 19.62
N VAL B 934 -23.67 37.04 20.63
CA VAL B 934 -24.27 37.21 21.95
C VAL B 934 -23.15 37.41 22.98
N PHE B 935 -23.13 38.58 23.62
CA PHE B 935 -22.19 38.90 24.69
C PHE B 935 -22.93 38.95 26.02
N THR B 936 -22.47 38.16 26.99
CA THR B 936 -23.11 38.13 28.31
C THR B 936 -22.05 38.20 29.40
N GLU B 937 -22.44 38.68 30.58
CA GLU B 937 -21.51 38.78 31.69
C GLU B 937 -21.05 37.40 32.13
N THR B 938 -19.77 37.27 32.48
CA THR B 938 -19.21 35.97 32.83
C THR B 938 -19.89 35.41 34.08
N THR B 939 -19.86 34.08 34.19
CA THR B 939 -20.55 33.40 35.29
C THR B 939 -19.98 33.84 36.63
N GLU B 940 -20.88 34.30 37.51
CA GLU B 940 -20.46 34.85 38.79
C GLU B 940 -19.93 33.75 39.70
N VAL B 941 -18.87 34.05 40.46
CA VAL B 941 -18.35 33.08 41.41
C VAL B 941 -19.41 32.76 42.44
N ARG B 942 -19.60 31.47 42.72
CA ARG B 942 -20.60 31.02 43.68
C ARG B 942 -19.94 30.77 45.02
N LYS B 943 -20.54 31.32 46.08
CA LYS B 943 -20.03 31.22 47.44
C LYS B 943 -20.96 30.34 48.27
N THR B 944 -20.40 29.28 48.83
CA THR B 944 -21.14 28.28 49.59
C THR B 944 -20.90 28.48 51.08
N LYS B 945 -21.97 28.41 51.87
CA LYS B 945 -21.91 28.65 53.31
C LYS B 945 -22.22 27.36 54.06
N ILE B 946 -21.38 27.04 55.04
CA ILE B 946 -21.54 25.86 55.89
C ILE B 946 -22.21 26.23 57.22
N ARG B 947 -21.50 27.04 58.02
CA ARG B 947 -21.90 27.36 59.38
C ARG B 947 -21.36 28.73 59.76
N ASN B 948 -22.05 29.36 60.71
CA ASN B 948 -21.66 30.66 61.26
C ASN B 948 -21.56 31.66 60.13
N GLY B 949 -20.41 32.28 59.88
CA GLY B 949 -20.22 33.17 58.75
C GLY B 949 -19.13 32.67 57.82
N ILE B 950 -18.77 31.39 57.91
CA ILE B 950 -17.78 30.82 57.00
C ILE B 950 -18.38 30.71 55.61
N SER B 951 -17.59 31.09 54.60
CA SER B 951 -17.98 30.99 53.20
C SER B 951 -16.75 30.59 52.40
N PHE B 952 -16.96 29.81 51.35
CA PHE B 952 -15.84 29.35 50.54
C PHE B 952 -16.25 29.35 49.07
N THR B 953 -15.26 29.53 48.20
CA THR B 953 -15.46 29.50 46.75
C THR B 953 -14.51 28.46 46.17
N ILE B 954 -14.65 28.21 44.86
CA ILE B 954 -13.77 27.24 44.22
C ILE B 954 -12.32 27.65 44.42
N TRP B 955 -12.04 28.95 44.46
CA TRP B 955 -10.67 29.44 44.52
C TRP B 955 -10.05 29.23 45.90
N ASP B 956 -10.84 29.32 46.98
CA ASP B 956 -10.29 29.19 48.34
C ASP B 956 -9.73 27.79 48.58
N ARG B 957 -8.58 27.73 49.24
CA ARG B 957 -8.01 26.48 49.73
C ARG B 957 -7.49 26.68 51.14
N TRP B 958 -8.02 25.91 52.10
CA TRP B 958 -7.59 26.01 53.50
C TRP B 958 -6.28 25.25 53.72
N THR B 959 -5.44 25.79 54.62
CA THR B 959 -4.12 25.22 54.92
C THR B 959 -4.01 24.92 56.41
N VAL B 960 -3.51 23.73 56.75
CA VAL B 960 -3.26 23.31 58.13
C VAL B 960 -1.84 22.77 58.26
N HIS B 961 -1.25 23.00 59.42
CA HIS B 961 0.16 22.69 59.67
C HIS B 961 0.28 21.37 60.42
N GLY B 962 1.36 20.62 60.11
CA GLY B 962 1.55 19.30 60.68
C GLY B 962 2.95 19.13 61.28
N LYS B 963 3.12 18.00 61.99
CA LYS B 963 4.39 17.66 62.60
C LYS B 963 4.65 16.17 62.46
N GLU B 964 5.87 15.73 62.82
CA GLU B 964 6.23 14.33 62.70
C GLU B 964 5.37 13.45 63.61
N ASP B 965 5.11 13.91 64.84
CA ASP B 965 4.16 13.25 65.74
C ASP B 965 2.89 14.09 65.77
N PHE B 966 1.97 13.76 64.86
CA PHE B 966 0.72 14.47 64.65
C PHE B 966 -0.34 13.44 64.28
N THR B 967 -1.57 13.66 64.75
CA THR B 967 -2.60 12.64 64.59
C THR B 967 -3.87 13.22 63.99
N LEU B 968 -4.72 12.33 63.48
CA LEU B 968 -5.95 12.73 62.81
C LEU B 968 -6.83 13.58 63.71
N LEU B 969 -6.92 13.23 65.00
CA LEU B 969 -7.66 14.06 65.93
C LEU B 969 -7.05 15.45 66.02
N ASP B 970 -5.72 15.52 65.97
CA ASP B 970 -5.03 16.81 65.99
C ASP B 970 -5.38 17.64 64.76
N PHE B 971 -5.44 17.00 63.60
CA PHE B 971 -5.84 17.68 62.36
C PHE B 971 -7.27 18.18 62.45
N ILE B 972 -8.19 17.35 62.97
CA ILE B 972 -9.59 17.75 63.11
C ILE B 972 -9.68 18.98 64.02
N ASN B 973 -8.99 18.94 65.16
CA ASN B 973 -9.02 20.06 66.09
C ASN B 973 -8.39 21.30 65.48
N ALA B 974 -7.30 21.15 64.73
CA ALA B 974 -6.64 22.30 64.12
C ALA B 974 -7.55 22.98 63.10
N VAL B 975 -8.23 22.18 62.26
CA VAL B 975 -9.17 22.77 61.32
C VAL B 975 -10.26 23.52 62.07
N LYS B 976 -10.78 22.92 63.16
CA LYS B 976 -11.84 23.58 63.92
C LYS B 976 -11.35 24.87 64.57
N GLU B 977 -10.09 24.90 65.02
CA GLU B 977 -9.55 26.10 65.66
C GLU B 977 -9.38 27.21 64.64
N LYS B 978 -8.81 26.90 63.47
CA LYS B 978 -8.50 27.94 62.51
C LYS B 978 -9.74 28.45 61.78
N TYR B 979 -10.66 27.55 61.39
CA TYR B 979 -11.78 27.94 60.54
C TYR B 979 -13.15 27.80 61.20
N GLY B 980 -13.22 27.29 62.44
CA GLY B 980 -14.47 27.32 63.19
C GLY B 980 -15.43 26.19 62.93
N ILE B 981 -15.12 25.22 62.08
CA ILE B 981 -16.00 24.10 61.80
C ILE B 981 -15.21 22.80 61.96
N GLU B 982 -15.85 21.78 62.55
CA GLU B 982 -15.15 20.54 62.86
C GLU B 982 -15.25 19.57 61.69
N PRO B 983 -14.14 19.08 61.16
CA PRO B 983 -14.22 18.05 60.11
C PRO B 983 -14.98 16.81 60.58
N THR B 984 -15.91 16.37 59.73
CA THR B 984 -16.63 15.12 59.93
C THR B 984 -16.34 14.11 58.83
N MET B 985 -15.39 14.39 57.95
CA MET B 985 -14.95 13.41 56.96
C MET B 985 -13.62 13.88 56.39
N VAL B 986 -12.68 12.93 56.25
CA VAL B 986 -11.37 13.21 55.66
C VAL B 986 -11.10 12.19 54.57
N VAL B 987 -10.75 12.68 53.37
CA VAL B 987 -10.52 11.82 52.22
C VAL B 987 -9.27 12.29 51.49
N GLN B 988 -8.49 11.32 50.97
CA GLN B 988 -7.35 11.59 50.12
C GLN B 988 -7.67 10.94 48.77
N GLY B 989 -7.88 11.77 47.76
CA GLY B 989 -8.39 11.24 46.50
C GLY B 989 -9.74 10.59 46.73
N VAL B 990 -9.87 9.33 46.28
CA VAL B 990 -11.08 8.56 46.53
C VAL B 990 -10.94 7.64 47.74
N LYS B 991 -9.73 7.44 48.26
CA LYS B 991 -9.50 6.59 49.42
C LYS B 991 -9.90 7.31 50.70
N MET B 992 -10.63 6.61 51.58
CA MET B 992 -11.14 7.22 52.80
C MET B 992 -10.17 7.09 53.94
N LEU B 993 -9.84 8.22 54.55
CA LEU B 993 -9.01 8.24 55.75
C LEU B 993 -9.86 8.27 57.02
N TYR B 994 -10.98 8.99 57.03
CA TYR B 994 -11.79 9.07 58.25
C TYR B 994 -13.26 9.28 57.94
N VAL B 995 -14.09 8.50 58.62
CA VAL B 995 -15.56 8.60 58.62
C VAL B 995 -16.01 8.37 60.07
N PRO B 996 -16.81 9.26 60.67
CA PRO B 996 -17.13 9.10 62.11
C PRO B 996 -17.87 7.81 62.42
N VAL B 997 -18.88 7.44 61.62
CA VAL B 997 -19.63 6.21 61.82
C VAL B 997 -19.03 5.11 60.95
N MET B 998 -17.87 4.61 61.36
CA MET B 998 -17.16 3.57 60.64
C MET B 998 -16.59 2.60 61.66
N PRO B 999 -16.25 1.38 61.25
CA PRO B 999 -15.57 0.47 62.18
C PRO B 999 -14.18 0.98 62.49
N GLY B 1000 -13.84 0.99 63.78
CA GLY B 1000 -12.53 1.44 64.21
C GLY B 1000 -12.25 2.90 63.91
N HIS B 1001 -13.25 3.77 64.10
CA HIS B 1001 -13.04 5.20 63.90
C HIS B 1001 -12.07 5.74 64.97
N ALA B 1002 -12.23 5.28 66.21
CA ALA B 1002 -11.34 5.74 67.28
C ALA B 1002 -9.90 5.32 67.01
N LYS B 1003 -9.70 4.12 66.44
CA LYS B 1003 -8.35 3.68 66.10
C LYS B 1003 -7.70 4.67 65.15
N ARG B 1004 -8.44 5.08 64.11
CA ARG B 1004 -7.90 6.01 63.13
C ARG B 1004 -7.66 7.38 63.75
N LEU B 1005 -8.52 7.79 64.68
CA LEU B 1005 -8.28 9.06 65.38
C LEU B 1005 -6.98 8.99 66.17
N LYS B 1006 -6.61 7.80 66.65
CA LYS B 1006 -5.35 7.65 67.36
C LYS B 1006 -4.16 7.49 66.41
N LEU B 1007 -4.40 7.09 65.16
CA LEU B 1007 -3.34 6.89 64.18
C LEU B 1007 -2.77 8.23 63.72
N THR B 1008 -1.47 8.25 63.46
CA THR B 1008 -0.79 9.43 62.95
C THR B 1008 -1.08 9.66 61.47
N MET B 1009 -0.92 10.91 61.04
CA MET B 1009 -1.22 11.25 59.66
C MET B 1009 -0.36 10.43 58.71
N HIS B 1010 0.91 10.20 59.08
CA HIS B 1010 1.76 9.34 58.27
C HIS B 1010 1.20 7.94 58.17
N LYS B 1011 0.61 7.43 59.26
CA LYS B 1011 0.02 6.10 59.23
C LYS B 1011 -1.18 6.03 58.29
N LEU B 1012 -2.06 7.02 58.35
CA LEU B 1012 -3.27 7.02 57.52
C LEU B 1012 -2.96 7.31 56.06
N VAL B 1013 -2.12 8.31 55.79
CA VAL B 1013 -1.78 8.69 54.43
C VAL B 1013 -0.82 7.69 53.82
N LYS B 1014 0.08 7.13 54.61
CA LYS B 1014 1.09 6.19 54.14
C LYS B 1014 1.86 6.84 52.97
N PRO B 1015 2.42 8.03 53.19
CA PRO B 1015 3.00 8.78 52.05
C PRO B 1015 4.16 8.06 51.40
N THR B 1016 4.15 8.06 50.05
CA THR B 1016 5.16 7.40 49.25
C THR B 1016 6.01 8.38 48.46
N THR B 1017 5.98 9.66 48.85
CA THR B 1017 6.71 10.70 48.13
C THR B 1017 7.44 11.60 49.13
N GLU B 1018 8.52 12.23 48.66
CA GLU B 1018 9.24 13.15 49.52
C GLU B 1018 8.56 14.51 49.61
N LYS B 1019 7.29 14.61 49.21
CA LYS B 1019 6.59 15.87 49.27
C LYS B 1019 6.31 16.26 50.71
N LYS B 1020 6.35 17.56 50.98
CA LYS B 1020 6.08 18.11 52.30
C LYS B 1020 4.58 18.24 52.59
N TYR B 1021 3.73 18.14 51.58
CA TYR B 1021 2.29 18.36 51.76
C TYR B 1021 1.47 17.31 51.02
N VAL B 1022 0.25 17.10 51.51
CA VAL B 1022 -0.75 16.25 50.88
C VAL B 1022 -2.09 16.98 50.87
N ASP B 1023 -2.82 16.86 49.77
CA ASP B 1023 -4.09 17.58 49.59
C ASP B 1023 -5.25 16.67 49.96
N LEU B 1024 -6.13 17.16 50.85
CA LEU B 1024 -7.22 16.36 51.38
C LEU B 1024 -8.55 17.08 51.20
N THR B 1025 -9.60 16.33 50.88
CA THR B 1025 -10.95 16.89 50.86
C THR B 1025 -11.67 16.56 52.16
N VAL B 1026 -12.34 17.57 52.72
CA VAL B 1026 -12.93 17.49 54.05
C VAL B 1026 -14.40 17.88 53.99
N SER B 1027 -15.23 17.16 54.74
CA SER B 1027 -16.63 17.53 54.91
C SER B 1027 -16.86 17.98 56.34
N PHE B 1028 -17.90 18.77 56.54
CA PHE B 1028 -18.10 19.51 57.78
C PHE B 1028 -19.46 19.26 58.40
N ALA B 1029 -19.52 19.51 59.72
CA ALA B 1029 -20.66 19.16 60.57
C ALA B 1029 -21.91 19.97 60.27
N PRO B 1030 -23.03 19.32 59.92
CA PRO B 1030 -24.28 20.04 59.67
C PRO B 1030 -24.92 20.52 60.97
N ASP B 1031 -25.82 21.50 60.83
CA ASP B 1031 -26.49 22.07 62.00
C ASP B 1031 -27.24 21.00 62.79
N ILE B 1032 -27.87 20.04 62.11
CA ILE B 1032 -28.57 18.93 62.74
C ILE B 1032 -27.85 17.64 62.36
N ASP B 1033 -27.75 16.71 63.32
CA ASP B 1033 -26.93 15.52 63.10
C ASP B 1033 -27.47 14.66 61.97
N GLY B 1034 -28.80 14.58 61.84
CA GLY B 1034 -29.39 13.79 60.78
C GLY B 1034 -29.05 14.31 59.40
N ASP B 1035 -29.22 15.62 59.20
CA ASP B 1035 -28.89 16.25 57.92
C ASP B 1035 -27.52 15.81 57.45
N GLU B 1036 -27.34 15.79 56.13
CA GLU B 1036 -26.10 15.28 55.54
C GLU B 1036 -24.96 16.28 55.75
N ASP B 1037 -23.73 15.75 55.75
CA ASP B 1037 -22.57 16.60 55.96
C ASP B 1037 -22.43 17.61 54.82
N LEU B 1038 -21.85 18.75 55.14
CA LEU B 1038 -21.80 19.86 54.21
C LEU B 1038 -20.41 19.93 53.58
N PRO B 1039 -20.29 20.05 52.25
CA PRO B 1039 -18.96 20.04 51.64
C PRO B 1039 -18.18 21.32 51.93
N GLY B 1040 -16.86 21.18 51.94
CA GLY B 1040 -15.97 22.27 52.28
C GLY B 1040 -14.78 22.41 51.34
N PRO B 1041 -14.02 23.50 51.49
CA PRO B 1041 -12.88 23.73 50.61
C PRO B 1041 -11.79 22.71 50.88
N PRO B 1042 -10.94 22.44 49.88
CA PRO B 1042 -9.86 21.47 50.12
C PRO B 1042 -8.89 21.97 51.18
N VAL B 1043 -8.51 21.07 52.08
CA VAL B 1043 -7.58 21.36 53.17
C VAL B 1043 -6.23 20.74 52.82
N ARG B 1044 -5.19 21.57 52.85
CA ARG B 1044 -3.85 21.16 52.44
C ARG B 1044 -3.02 20.90 53.70
N TYR B 1045 -2.65 19.64 53.92
CA TYR B 1045 -1.90 19.25 55.12
C TYR B 1045 -0.41 19.30 54.84
N TYR B 1046 0.35 19.80 55.81
CA TYR B 1046 1.80 19.90 55.69
C TYR B 1046 2.50 18.96 56.68
N PHE B 1047 3.19 17.94 56.14
CA PHE B 1047 4.03 17.09 56.96
C PHE B 1047 5.28 17.86 57.35
N SER B 1048 5.60 17.88 58.64
CA SER B 1048 6.85 18.53 59.07
C SER B 1048 7.72 17.53 59.83
#